data_6H4V
#
_entry.id   6H4V
#
_cell.length_a   58.830
_cell.length_b   103.780
_cell.length_c   144.030
_cell.angle_alpha   90.00
_cell.angle_beta   99.45
_cell.angle_gamma   90.00
#
_symmetry.space_group_name_H-M   'P 1 21 1'
#
loop_
_entity.id
_entity.type
_entity.pdbx_description
1 polymer 'Lysine-specific demethylase 4A'
2 non-polymer 'ZINC ION'
3 non-polymer 8-[4-(1-cyclopentylpiperidin-4-yl)pyrazol-1-yl]-3~{H}-pyrido[3,4-d]pyrimidin-4-one
4 non-polymer 'CHLORIDE ION'
5 non-polymer 'DIMETHYL SULFOXIDE'
6 water water
#
_entity_poly.entity_id   1
_entity_poly.type   'polypeptide(L)'
_entity_poly.pdbx_seq_one_letter_code
;SMASESETLNPSARIMTFYPTMEEFRNFSRYIAYIESQGAHRAGLAKVVPPKEWKPRASYDDIDDLVIPAPIQQLVTGQS
GLFTQYNIQKKAMTVREFRKIANSDKYCTPRYSEFEELERKYWKNLTFNPPIYGADVNGTLYEKHVDEWNIGRLRTILDL
VEKESGITIEGVNTPYLYFGMWKTSFAWHTEDMDLYSINYLHFGEPKSWYSVPPEHGKRLERLAKGFFPGSAQSCEAFLR
HKMTLISPLMLKKYGIPFDKVTQEAGEFMITFPYGYHAGFNHGFNCAESTNFATRRWIEYGKQAVLCSCRKDMVKISMDV
FVRKFQPERYKLWKAGKDNTVIDHTLPTPEAAEFLKESEL
;
_entity_poly.pdbx_strand_id   A,B,C,D
#
loop_
_chem_comp.id
_chem_comp.type
_chem_comp.name
_chem_comp.formula
CL non-polymer 'CHLORIDE ION' 'Cl -1'
DMS non-polymer 'DIMETHYL SULFOXIDE' 'C2 H6 O S'
FQN non-polymer 8-[4-(1-cyclopentylpiperidin-4-yl)pyrazol-1-yl]-3~{H}-pyrido[3,4-d]pyrimidin-4-one 'C20 H24 N6 O'
ZN non-polymer 'ZINC ION' 'Zn 2'
#
# COMPACT_ATOMS: atom_id res chain seq x y z
N GLU A 7 14.15 -5.04 -45.15
CA GLU A 7 13.00 -4.95 -46.06
C GLU A 7 12.68 -6.28 -46.74
N THR A 8 13.73 -7.05 -47.13
CA THR A 8 13.59 -8.35 -47.79
C THR A 8 13.13 -9.45 -46.81
N LEU A 9 13.43 -9.28 -45.50
CA LEU A 9 13.07 -10.22 -44.43
C LEU A 9 11.71 -9.83 -43.83
N ASN A 10 10.77 -10.80 -43.81
CA ASN A 10 9.37 -10.67 -43.38
C ASN A 10 8.70 -9.44 -44.07
N PRO A 11 8.69 -9.39 -45.44
CA PRO A 11 8.11 -8.22 -46.14
C PRO A 11 6.62 -8.00 -45.86
N SER A 12 5.88 -9.09 -45.63
CA SER A 12 4.46 -9.10 -45.31
C SER A 12 4.16 -8.61 -43.88
N ALA A 13 5.22 -8.55 -43.04
CA ALA A 13 5.19 -8.13 -41.63
C ALA A 13 4.13 -8.89 -40.78
N ARG A 14 4.06 -10.23 -40.97
CA ARG A 14 3.15 -11.12 -40.24
C ARG A 14 3.76 -11.68 -38.96
N ILE A 15 2.93 -12.03 -37.93
CA ILE A 15 3.39 -12.60 -36.64
C ILE A 15 4.10 -13.94 -36.87
N MET A 16 5.37 -14.03 -36.43
CA MET A 16 6.22 -15.22 -36.56
C MET A 16 6.30 -16.00 -35.23
N THR A 17 6.39 -17.33 -35.32
CA THR A 17 6.49 -18.27 -34.19
C THR A 17 7.87 -18.97 -34.23
N PHE A 18 8.52 -19.10 -33.05
CA PHE A 18 9.85 -19.72 -32.92
C PHE A 18 9.85 -20.87 -31.91
N TYR A 19 10.65 -21.92 -32.20
CA TYR A 19 10.81 -23.14 -31.39
C TYR A 19 12.31 -23.34 -31.07
N PRO A 20 12.93 -22.54 -30.16
CA PRO A 20 14.37 -22.71 -29.90
C PRO A 20 14.72 -24.01 -29.17
N THR A 21 15.96 -24.49 -29.35
CA THR A 21 16.48 -25.66 -28.66
C THR A 21 16.98 -25.15 -27.31
N MET A 22 17.22 -26.06 -26.35
CA MET A 22 17.71 -25.69 -25.02
C MET A 22 19.01 -24.86 -25.09
N GLU A 23 19.89 -25.18 -26.06
CA GLU A 23 21.17 -24.49 -26.31
C GLU A 23 20.93 -23.03 -26.73
N GLU A 24 20.01 -22.81 -27.69
CA GLU A 24 19.61 -21.49 -28.22
C GLU A 24 18.90 -20.66 -27.15
N PHE A 25 18.03 -21.31 -26.35
CA PHE A 25 17.20 -20.72 -25.31
C PHE A 25 17.99 -20.16 -24.11
N ARG A 26 19.16 -20.77 -23.79
CA ARG A 26 20.03 -20.38 -22.66
C ARG A 26 20.45 -18.89 -22.59
N ASN A 27 20.65 -18.22 -23.76
CA ASN A 27 21.03 -16.79 -23.83
C ASN A 27 19.87 -15.96 -24.40
N PHE A 28 19.13 -15.27 -23.51
CA PHE A 28 17.95 -14.45 -23.84
C PHE A 28 18.26 -13.32 -24.82
N SER A 29 19.21 -12.43 -24.45
CA SER A 29 19.65 -11.28 -25.25
C SER A 29 20.10 -11.65 -26.68
N ARG A 30 20.81 -12.78 -26.82
CA ARG A 30 21.28 -13.32 -28.11
C ARG A 30 20.10 -13.83 -28.96
N TYR A 31 19.10 -14.46 -28.32
CA TYR A 31 17.94 -15.01 -29.05
C TYR A 31 17.00 -13.93 -29.59
N ILE A 32 16.90 -12.78 -28.89
CA ILE A 32 16.09 -11.63 -29.32
C ILE A 32 16.76 -10.99 -30.55
N ALA A 33 18.10 -10.98 -30.59
CA ALA A 33 18.89 -10.48 -31.69
C ALA A 33 18.71 -11.40 -32.90
N TYR A 34 18.61 -12.73 -32.66
CA TYR A 34 18.38 -13.68 -33.73
C TYR A 34 17.00 -13.52 -34.38
N ILE A 35 15.91 -13.39 -33.57
CA ILE A 35 14.55 -13.27 -34.13
C ILE A 35 14.40 -11.95 -34.94
N GLU A 36 15.15 -10.90 -34.57
CA GLU A 36 15.18 -9.64 -35.29
C GLU A 36 15.89 -9.78 -36.65
N SER A 37 16.93 -10.65 -36.73
CA SER A 37 17.67 -10.93 -37.96
C SER A 37 16.77 -11.68 -38.98
N GLN A 38 15.70 -12.33 -38.49
CA GLN A 38 14.69 -13.05 -39.27
C GLN A 38 13.49 -12.13 -39.64
N GLY A 39 13.47 -10.92 -39.08
CA GLY A 39 12.44 -9.92 -39.35
C GLY A 39 11.22 -9.97 -38.45
N ALA A 40 11.32 -10.65 -37.29
CA ALA A 40 10.22 -10.80 -36.33
C ALA A 40 9.63 -9.48 -35.84
N HIS A 41 10.50 -8.46 -35.65
CA HIS A 41 10.14 -7.11 -35.17
C HIS A 41 9.15 -6.36 -36.08
N ARG A 42 9.15 -6.65 -37.39
CA ARG A 42 8.29 -5.96 -38.36
C ARG A 42 6.80 -6.10 -38.08
N ALA A 43 6.36 -7.24 -37.51
CA ALA A 43 4.97 -7.47 -37.11
C ALA A 43 4.65 -6.70 -35.82
N GLY A 44 5.66 -6.51 -34.97
CA GLY A 44 5.53 -5.83 -33.68
C GLY A 44 5.14 -6.75 -32.53
N LEU A 45 4.98 -8.05 -32.83
CA LEU A 45 4.60 -9.10 -31.90
C LEU A 45 5.14 -10.45 -32.41
N ALA A 46 5.75 -11.27 -31.53
CA ALA A 46 6.27 -12.60 -31.84
C ALA A 46 5.98 -13.58 -30.69
N LYS A 47 5.79 -14.86 -31.05
CA LYS A 47 5.54 -15.98 -30.13
C LYS A 47 6.81 -16.86 -30.08
N VAL A 48 7.23 -17.24 -28.85
CA VAL A 48 8.38 -18.13 -28.61
C VAL A 48 7.90 -19.30 -27.75
N VAL A 49 7.97 -20.52 -28.32
CA VAL A 49 7.56 -21.76 -27.63
C VAL A 49 8.85 -22.34 -27.00
N PRO A 50 8.96 -22.40 -25.65
CA PRO A 50 10.20 -22.91 -25.04
C PRO A 50 10.37 -24.43 -25.20
N PRO A 51 11.62 -24.99 -25.07
CA PRO A 51 11.78 -26.46 -25.16
C PRO A 51 11.00 -27.18 -24.07
N LYS A 52 10.43 -28.36 -24.41
CA LYS A 52 9.61 -29.24 -23.55
C LYS A 52 10.16 -29.46 -22.13
N GLU A 53 11.49 -29.63 -21.99
CA GLU A 53 12.18 -29.90 -20.72
C GLU A 53 12.27 -28.68 -19.76
N TRP A 54 11.94 -27.47 -20.26
CA TRP A 54 12.02 -26.25 -19.44
C TRP A 54 10.71 -26.00 -18.70
N LYS A 55 10.79 -25.68 -17.38
CA LYS A 55 9.64 -25.35 -16.56
C LYS A 55 10.03 -24.29 -15.49
N PRO A 56 9.31 -23.13 -15.39
CA PRO A 56 9.73 -22.11 -14.40
C PRO A 56 9.38 -22.40 -12.93
N ARG A 57 8.43 -23.32 -12.67
CA ARG A 57 7.94 -23.68 -11.34
C ARG A 57 7.43 -25.13 -11.38
N ALA A 58 7.70 -25.90 -10.32
CA ALA A 58 7.30 -27.31 -10.20
C ALA A 58 5.78 -27.52 -10.24
N SER A 59 5.01 -26.68 -9.52
CA SER A 59 3.54 -26.71 -9.45
C SER A 59 2.95 -25.39 -8.93
N TYR A 60 1.67 -25.14 -9.24
CA TYR A 60 0.96 -23.93 -8.86
C TYR A 60 -0.20 -24.22 -7.86
N ASP A 61 -0.01 -25.21 -6.97
N ASP A 61 -0.02 -25.23 -6.98
CA ASP A 61 -1.03 -25.64 -6.00
CA ASP A 61 -1.05 -25.64 -6.00
C ASP A 61 -0.87 -25.01 -4.61
C ASP A 61 -0.87 -24.99 -4.60
N ASP A 62 0.11 -24.09 -4.45
CA ASP A 62 0.38 -23.41 -3.18
C ASP A 62 0.18 -21.89 -3.24
N ILE A 63 -0.71 -21.39 -4.14
CA ILE A 63 -0.92 -19.94 -4.32
C ILE A 63 -2.35 -19.46 -3.99
N ASP A 64 -3.18 -20.33 -3.37
CA ASP A 64 -4.56 -19.98 -3.00
C ASP A 64 -4.68 -18.75 -2.09
N ASP A 65 -3.71 -18.56 -1.17
CA ASP A 65 -3.69 -17.46 -0.21
C ASP A 65 -2.86 -16.26 -0.67
N LEU A 66 -2.45 -16.22 -1.96
CA LEU A 66 -1.74 -15.08 -2.55
C LEU A 66 -2.78 -13.96 -2.69
N VAL A 67 -2.43 -12.74 -2.20
CA VAL A 67 -3.32 -11.59 -2.23
C VAL A 67 -3.19 -10.77 -3.53
N ILE A 68 -4.34 -10.42 -4.14
CA ILE A 68 -4.49 -9.52 -5.30
C ILE A 68 -4.91 -8.17 -4.64
N PRO A 69 -3.98 -7.20 -4.46
CA PRO A 69 -4.33 -5.97 -3.71
C PRO A 69 -5.41 -5.07 -4.32
N ALA A 70 -5.49 -4.99 -5.65
CA ALA A 70 -6.45 -4.08 -6.28
C ALA A 70 -7.18 -4.69 -7.51
N PRO A 71 -8.12 -5.65 -7.31
CA PRO A 71 -8.86 -6.18 -8.48
C PRO A 71 -9.69 -5.08 -9.15
N ILE A 72 -9.84 -5.13 -10.48
CA ILE A 72 -10.57 -4.06 -11.18
C ILE A 72 -11.77 -4.58 -11.97
N GLN A 73 -12.96 -4.00 -11.71
CA GLN A 73 -14.17 -4.33 -12.47
C GLN A 73 -14.13 -3.43 -13.74
N GLN A 74 -14.22 -4.05 -14.92
CA GLN A 74 -14.11 -3.37 -16.22
C GLN A 74 -15.46 -3.05 -16.86
N LEU A 75 -15.88 -1.78 -16.78
CA LEU A 75 -17.15 -1.28 -17.34
C LEU A 75 -16.86 -0.71 -18.71
N VAL A 76 -17.52 -1.23 -19.76
CA VAL A 76 -17.31 -0.81 -21.14
C VAL A 76 -18.57 -0.16 -21.72
N THR A 77 -18.37 0.96 -22.45
CA THR A 77 -19.40 1.73 -23.14
C THR A 77 -19.01 1.89 -24.62
N GLY A 78 -19.99 1.82 -25.53
CA GLY A 78 -19.77 1.99 -26.96
C GLY A 78 -20.70 1.25 -27.89
N GLN A 79 -20.46 1.43 -29.20
CA GLN A 79 -21.25 0.84 -30.29
C GLN A 79 -20.45 0.87 -31.60
N SER A 80 -20.82 0.00 -32.57
CA SER A 80 -20.23 -0.11 -33.91
C SER A 80 -18.68 -0.16 -33.94
N GLY A 81 -18.12 -1.09 -33.17
CA GLY A 81 -16.67 -1.32 -33.09
C GLY A 81 -15.81 -0.36 -32.31
N LEU A 82 -16.39 0.72 -31.70
CA LEU A 82 -15.63 1.72 -30.93
C LEU A 82 -16.07 1.77 -29.46
N PHE A 83 -15.15 1.52 -28.54
CA PHE A 83 -15.51 1.44 -27.11
C PHE A 83 -14.54 2.14 -26.17
N THR A 84 -15.04 2.54 -24.99
CA THR A 84 -14.25 3.12 -23.90
C THR A 84 -14.41 2.21 -22.66
N GLN A 85 -13.29 1.81 -22.05
CA GLN A 85 -13.27 0.97 -20.84
C GLN A 85 -12.92 1.81 -19.59
N TYR A 86 -13.76 1.72 -18.55
CA TYR A 86 -13.60 2.43 -17.28
C TYR A 86 -13.32 1.43 -16.16
N ASN A 87 -12.48 1.80 -15.20
CA ASN A 87 -12.08 0.94 -14.07
C ASN A 87 -12.76 1.30 -12.77
N ILE A 88 -13.16 0.29 -12.02
CA ILE A 88 -13.69 0.42 -10.67
C ILE A 88 -12.81 -0.50 -9.81
N GLN A 89 -11.97 0.12 -8.96
CA GLN A 89 -11.08 -0.62 -8.04
C GLN A 89 -11.90 -1.23 -6.92
N LYS A 90 -11.73 -2.53 -6.70
CA LYS A 90 -12.42 -3.28 -5.66
C LYS A 90 -11.45 -3.60 -4.53
N LYS A 91 -11.97 -4.02 -3.36
CA LYS A 91 -11.10 -4.36 -2.23
C LYS A 91 -10.29 -5.65 -2.50
N ALA A 92 -9.16 -5.82 -1.79
CA ALA A 92 -8.25 -6.96 -1.91
C ALA A 92 -8.95 -8.33 -1.83
N MET A 93 -8.62 -9.24 -2.76
CA MET A 93 -9.15 -10.61 -2.72
C MET A 93 -8.02 -11.64 -2.95
N THR A 94 -8.24 -12.90 -2.53
CA THR A 94 -7.24 -13.96 -2.72
C THR A 94 -7.47 -14.64 -4.08
N VAL A 95 -6.48 -15.45 -4.54
CA VAL A 95 -6.56 -16.26 -5.77
C VAL A 95 -7.75 -17.26 -5.65
N ARG A 96 -7.93 -17.86 -4.46
CA ARG A 96 -9.01 -18.81 -4.15
C ARG A 96 -10.38 -18.17 -4.43
N GLU A 97 -10.61 -16.94 -3.91
CA GLU A 97 -11.83 -16.14 -4.08
C GLU A 97 -12.05 -15.72 -5.55
N PHE A 98 -10.99 -15.30 -6.24
CA PHE A 98 -11.01 -14.89 -7.65
C PHE A 98 -11.35 -16.08 -8.56
N ARG A 99 -10.73 -17.26 -8.33
CA ARG A 99 -10.98 -18.49 -9.10
C ARG A 99 -12.46 -18.94 -9.00
N LYS A 100 -13.06 -18.88 -7.79
CA LYS A 100 -14.45 -19.24 -7.53
C LYS A 100 -15.43 -18.33 -8.33
N ILE A 101 -15.12 -17.03 -8.41
CA ILE A 101 -15.90 -16.05 -9.16
C ILE A 101 -15.76 -16.30 -10.69
N ALA A 102 -14.52 -16.51 -11.17
CA ALA A 102 -14.18 -16.75 -12.59
C ALA A 102 -14.85 -18.00 -13.17
N ASN A 103 -14.96 -19.08 -12.38
CA ASN A 103 -15.53 -20.35 -12.82
C ASN A 103 -17.04 -20.51 -12.52
N SER A 104 -17.67 -19.53 -11.82
CA SER A 104 -19.11 -19.60 -11.51
C SER A 104 -19.93 -19.44 -12.81
N ASP A 105 -21.20 -19.89 -12.81
CA ASP A 105 -22.12 -19.81 -13.95
C ASP A 105 -22.30 -18.39 -14.51
N LYS A 106 -22.27 -17.38 -13.65
CA LYS A 106 -22.41 -15.96 -14.02
C LYS A 106 -21.26 -15.47 -14.88
N TYR A 107 -20.00 -15.84 -14.52
CA TYR A 107 -18.82 -15.34 -15.21
C TYR A 107 -18.05 -16.33 -16.11
N CYS A 108 -18.36 -17.65 -16.10
CA CYS A 108 -17.60 -18.61 -16.90
C CYS A 108 -17.68 -18.37 -18.44
N THR A 109 -16.72 -18.95 -19.19
CA THR A 109 -16.62 -18.91 -20.65
C THR A 109 -17.85 -19.57 -21.27
N PRO A 110 -18.43 -18.97 -22.34
CA PRO A 110 -19.58 -19.63 -23.01
C PRO A 110 -19.14 -20.82 -23.87
N ARG A 111 -20.11 -21.66 -24.26
CA ARG A 111 -19.88 -22.81 -25.14
C ARG A 111 -19.60 -22.32 -26.56
N TYR A 112 -18.63 -22.96 -27.25
CA TYR A 112 -18.25 -22.61 -28.61
C TYR A 112 -17.46 -23.75 -29.27
N SER A 113 -17.46 -23.79 -30.62
CA SER A 113 -16.75 -24.81 -31.38
C SER A 113 -15.34 -24.35 -31.79
N GLU A 114 -15.23 -23.27 -32.59
CA GLU A 114 -13.95 -22.71 -33.03
C GLU A 114 -13.71 -21.29 -32.48
N PHE A 115 -12.44 -20.82 -32.48
CA PHE A 115 -12.03 -19.49 -32.00
C PHE A 115 -12.87 -18.34 -32.56
N GLU A 116 -13.16 -18.36 -33.88
CA GLU A 116 -13.93 -17.33 -34.59
C GLU A 116 -15.31 -17.07 -33.95
N GLU A 117 -15.91 -18.14 -33.37
CA GLU A 117 -17.19 -18.10 -32.65
C GLU A 117 -17.03 -17.35 -31.32
N LEU A 118 -15.98 -17.68 -30.53
CA LEU A 118 -15.67 -17.03 -29.24
C LEU A 118 -15.30 -15.55 -29.47
N GLU A 119 -14.57 -15.25 -30.56
CA GLU A 119 -14.18 -13.88 -30.93
C GLU A 119 -15.45 -13.04 -31.28
N ARG A 120 -16.44 -13.67 -31.95
CA ARG A 120 -17.73 -13.01 -32.24
C ARG A 120 -18.51 -12.74 -30.94
N LYS A 121 -18.52 -13.72 -30.01
CA LYS A 121 -19.19 -13.59 -28.71
C LYS A 121 -18.55 -12.48 -27.85
N TYR A 122 -17.20 -12.36 -27.89
CA TYR A 122 -16.50 -11.30 -27.15
C TYR A 122 -16.93 -9.89 -27.63
N TRP A 123 -16.85 -9.61 -28.95
CA TRP A 123 -17.22 -8.30 -29.50
C TRP A 123 -18.73 -8.00 -29.40
N LYS A 124 -19.57 -9.05 -29.32
CA LYS A 124 -21.02 -8.87 -29.19
C LYS A 124 -21.42 -8.58 -27.73
N ASN A 125 -20.70 -9.17 -26.75
CA ASN A 125 -21.09 -9.04 -25.33
C ASN A 125 -20.15 -8.25 -24.43
N LEU A 126 -19.15 -7.52 -24.97
CA LEU A 126 -18.18 -6.83 -24.12
C LEU A 126 -18.76 -5.69 -23.26
N THR A 127 -19.94 -5.10 -23.60
CA THR A 127 -20.56 -4.06 -22.77
C THR A 127 -21.50 -4.62 -21.69
N PHE A 128 -21.78 -5.94 -21.72
CA PHE A 128 -22.66 -6.60 -20.75
C PHE A 128 -21.89 -7.36 -19.65
N ASN A 129 -22.55 -7.60 -18.49
CA ASN A 129 -22.05 -8.32 -17.30
C ASN A 129 -20.54 -8.03 -17.02
N PRO A 130 -20.17 -6.80 -16.54
CA PRO A 130 -18.74 -6.46 -16.37
C PRO A 130 -17.88 -7.45 -15.57
N PRO A 131 -16.76 -7.94 -16.14
CA PRO A 131 -15.92 -8.90 -15.40
C PRO A 131 -14.90 -8.21 -14.47
N ILE A 132 -14.21 -9.00 -13.62
CA ILE A 132 -13.18 -8.52 -12.69
C ILE A 132 -11.80 -9.02 -13.19
N TYR A 133 -10.81 -8.11 -13.29
CA TYR A 133 -9.44 -8.42 -13.72
C TYR A 133 -8.50 -8.27 -12.51
N GLY A 134 -7.76 -9.34 -12.20
CA GLY A 134 -6.78 -9.34 -11.11
C GLY A 134 -5.46 -8.85 -11.65
N ALA A 135 -5.41 -7.57 -12.02
CA ALA A 135 -4.29 -6.93 -12.73
C ALA A 135 -3.25 -6.22 -11.86
N ASP A 136 -2.02 -6.08 -12.42
CA ASP A 136 -0.85 -5.36 -11.87
C ASP A 136 -0.41 -5.83 -10.47
N VAL A 137 -0.36 -7.15 -10.26
CA VAL A 137 0.06 -7.67 -8.95
C VAL A 137 1.60 -7.70 -8.93
N ASN A 138 2.24 -7.01 -7.97
CA ASN A 138 3.70 -7.02 -7.84
C ASN A 138 4.13 -8.41 -7.39
N GLY A 139 4.92 -9.10 -8.21
CA GLY A 139 5.41 -10.43 -7.87
C GLY A 139 5.84 -11.30 -9.03
N THR A 140 6.35 -12.50 -8.69
CA THR A 140 6.82 -13.52 -9.62
C THR A 140 6.35 -14.91 -9.20
N LEU A 141 6.23 -15.84 -10.18
CA LEU A 141 5.90 -17.25 -9.91
C LEU A 141 7.09 -18.17 -10.30
N TYR A 142 8.24 -17.57 -10.66
CA TYR A 142 9.49 -18.27 -11.00
C TYR A 142 10.23 -18.68 -9.72
N GLU A 143 10.76 -19.91 -9.68
CA GLU A 143 11.56 -20.41 -8.56
C GLU A 143 12.95 -19.75 -8.66
N LYS A 144 13.66 -19.63 -7.53
CA LYS A 144 14.97 -18.98 -7.40
C LYS A 144 16.09 -19.51 -8.32
N HIS A 145 16.20 -20.84 -8.46
CA HIS A 145 17.23 -21.54 -9.25
C HIS A 145 17.09 -21.46 -10.81
N VAL A 146 15.93 -20.96 -11.32
CA VAL A 146 15.67 -20.85 -12.78
C VAL A 146 16.45 -19.68 -13.38
N ASP A 147 17.45 -19.98 -14.23
CA ASP A 147 18.31 -18.95 -14.82
C ASP A 147 17.93 -18.52 -16.25
N GLU A 148 17.18 -19.39 -16.97
CA GLU A 148 16.77 -19.15 -18.35
C GLU A 148 15.44 -18.38 -18.43
N TRP A 149 15.45 -17.23 -19.16
CA TRP A 149 14.30 -16.37 -19.42
C TRP A 149 13.53 -15.99 -18.14
N ASN A 150 14.27 -15.69 -17.05
CA ASN A 150 13.68 -15.32 -15.76
C ASN A 150 13.21 -13.87 -15.83
N ILE A 151 11.88 -13.67 -15.93
CA ILE A 151 11.22 -12.35 -16.06
C ILE A 151 11.61 -11.41 -14.88
N GLY A 152 11.95 -11.99 -13.73
CA GLY A 152 12.38 -11.24 -12.55
C GLY A 152 13.81 -10.73 -12.60
N ARG A 153 14.64 -11.26 -13.54
CA ARG A 153 16.06 -10.90 -13.71
C ARG A 153 16.61 -11.23 -15.12
N LEU A 154 16.11 -10.53 -16.16
CA LEU A 154 16.49 -10.74 -17.56
C LEU A 154 17.90 -10.27 -17.89
N ARG A 155 18.39 -9.27 -17.15
CA ARG A 155 19.73 -8.65 -17.21
C ARG A 155 20.06 -8.05 -18.60
N THR A 156 19.16 -7.17 -19.10
CA THR A 156 19.33 -6.41 -20.34
C THR A 156 19.95 -5.04 -19.97
N ILE A 157 20.19 -4.16 -20.96
CA ILE A 157 20.75 -2.82 -20.71
C ILE A 157 19.76 -1.89 -19.97
N LEU A 158 18.49 -2.30 -19.77
CA LEU A 158 17.50 -1.51 -19.03
C LEU A 158 17.85 -1.42 -17.52
N ASP A 159 18.71 -2.34 -17.02
CA ASP A 159 19.17 -2.37 -15.62
C ASP A 159 20.00 -1.13 -15.23
N LEU A 160 20.52 -0.40 -16.24
CA LEU A 160 21.28 0.84 -16.09
C LEU A 160 20.40 1.98 -15.54
N VAL A 161 19.06 1.83 -15.64
CA VAL A 161 18.10 2.80 -15.12
C VAL A 161 18.20 2.82 -13.58
N GLU A 162 17.97 1.65 -12.93
CA GLU A 162 18.05 1.48 -11.48
C GLU A 162 19.51 1.30 -11.03
N GLY A 171 9.85 1.22 -11.32
CA GLY A 171 9.10 -0.02 -11.23
C GLY A 171 8.75 -0.64 -12.57
N VAL A 172 9.51 -0.29 -13.63
CA VAL A 172 9.31 -0.80 -15.00
C VAL A 172 10.16 -2.08 -15.22
N ASN A 173 11.28 -2.19 -14.47
CA ASN A 173 12.21 -3.33 -14.51
C ASN A 173 11.91 -4.38 -13.40
N THR A 174 10.62 -4.46 -12.96
CA THR A 174 10.16 -5.43 -11.95
C THR A 174 9.02 -6.29 -12.53
N PRO A 175 8.79 -7.55 -12.04
CA PRO A 175 7.72 -8.37 -12.62
C PRO A 175 6.31 -8.09 -12.09
N TYR A 176 5.29 -8.34 -12.93
CA TYR A 176 3.87 -8.16 -12.62
C TYR A 176 3.06 -9.38 -12.98
N LEU A 177 2.06 -9.71 -12.15
CA LEU A 177 1.15 -10.85 -12.36
C LEU A 177 -0.26 -10.40 -12.76
N TYR A 178 -0.91 -11.15 -13.67
CA TYR A 178 -2.25 -10.86 -14.18
C TYR A 178 -3.14 -12.08 -14.07
N PHE A 179 -4.17 -12.00 -13.21
CA PHE A 179 -5.13 -13.09 -13.03
C PHE A 179 -6.39 -12.74 -13.84
N GLY A 180 -6.60 -13.46 -14.95
CA GLY A 180 -7.72 -13.18 -15.85
C GLY A 180 -8.94 -14.06 -15.69
N MET A 181 -10.07 -13.60 -16.27
CA MET A 181 -11.32 -14.36 -16.39
C MET A 181 -11.91 -14.07 -17.79
N TRP A 182 -12.91 -14.85 -18.24
CA TRP A 182 -13.54 -14.64 -19.54
C TRP A 182 -13.94 -13.16 -19.74
N LYS A 183 -13.60 -12.57 -20.94
CA LYS A 183 -14.00 -11.24 -21.38
C LYS A 183 -13.21 -10.08 -20.73
N THR A 184 -12.18 -10.36 -19.88
CA THR A 184 -11.31 -9.30 -19.35
C THR A 184 -10.44 -8.85 -20.51
N SER A 185 -10.16 -7.56 -20.61
CA SER A 185 -9.41 -7.02 -21.74
C SER A 185 -8.30 -6.03 -21.48
N PHE A 186 -7.41 -5.93 -22.46
CA PHE A 186 -6.36 -4.92 -22.45
C PHE A 186 -6.51 -4.09 -23.73
N ALA A 187 -6.61 -2.79 -23.55
CA ALA A 187 -6.82 -1.83 -24.62
C ALA A 187 -5.59 -1.52 -25.49
N TRP A 188 -5.83 -0.92 -26.64
CA TRP A 188 -4.74 -0.55 -27.59
C TRP A 188 -3.71 0.39 -26.94
N HIS A 189 -2.41 -0.02 -26.96
CA HIS A 189 -1.32 0.77 -26.38
C HIS A 189 0.05 0.26 -26.86
N THR A 190 1.11 1.08 -26.68
CA THR A 190 2.50 0.69 -26.84
C THR A 190 3.04 0.70 -25.40
N GLU A 191 4.25 0.17 -25.15
CA GLU A 191 4.83 0.15 -23.80
C GLU A 191 5.28 1.55 -23.34
N ASP A 192 5.50 1.72 -22.02
CA ASP A 192 6.00 2.98 -21.46
C ASP A 192 7.37 3.22 -22.08
N MET A 193 7.62 4.47 -22.56
CA MET A 193 8.87 4.87 -23.23
C MET A 193 9.12 4.09 -24.54
N ASP A 194 8.06 3.44 -25.07
CA ASP A 194 8.08 2.58 -26.27
C ASP A 194 9.14 1.46 -26.15
N LEU A 195 9.24 0.86 -24.94
CA LEU A 195 10.14 -0.25 -24.62
C LEU A 195 9.61 -1.56 -25.20
N TYR A 196 10.40 -2.66 -25.07
CA TYR A 196 9.98 -4.01 -25.43
C TYR A 196 9.22 -4.56 -24.20
N SER A 197 8.51 -5.71 -24.35
CA SER A 197 7.90 -6.43 -23.25
C SER A 197 7.91 -7.93 -23.51
N ILE A 198 7.93 -8.71 -22.41
CA ILE A 198 7.89 -10.17 -22.39
C ILE A 198 6.67 -10.59 -21.56
N ASN A 199 5.92 -11.62 -22.04
CA ASN A 199 4.71 -12.11 -21.37
C ASN A 199 4.70 -13.64 -21.38
N TYR A 200 4.67 -14.26 -20.19
CA TYR A 200 4.62 -15.71 -20.05
C TYR A 200 3.27 -16.13 -19.48
N LEU A 201 2.60 -17.10 -20.12
CA LEU A 201 1.31 -17.60 -19.65
C LEU A 201 1.55 -18.84 -18.79
N HIS A 202 1.52 -18.63 -17.44
CA HIS A 202 1.81 -19.67 -16.44
C HIS A 202 0.88 -20.88 -16.50
N PHE A 203 -0.45 -20.65 -16.48
CA PHE A 203 -1.46 -21.73 -16.53
C PHE A 203 -2.82 -21.19 -16.94
N GLY A 204 -3.74 -22.10 -17.26
CA GLY A 204 -5.13 -21.78 -17.56
C GLY A 204 -5.51 -21.65 -19.02
N GLU A 205 -6.69 -21.03 -19.25
CA GLU A 205 -7.28 -20.77 -20.57
C GLU A 205 -6.46 -19.78 -21.42
N PRO A 206 -6.59 -19.83 -22.78
CA PRO A 206 -5.80 -18.91 -23.63
C PRO A 206 -6.04 -17.39 -23.48
N LYS A 207 -5.18 -16.61 -24.16
CA LYS A 207 -5.17 -15.15 -24.24
C LYS A 207 -4.97 -14.79 -25.73
N SER A 208 -5.97 -14.10 -26.34
CA SER A 208 -5.93 -13.68 -27.73
C SER A 208 -5.40 -12.26 -27.86
N TRP A 209 -4.53 -12.05 -28.88
CA TRP A 209 -3.80 -10.82 -29.16
C TRP A 209 -4.10 -10.31 -30.58
N TYR A 210 -4.07 -8.97 -30.74
CA TYR A 210 -4.17 -8.22 -32.02
C TYR A 210 -2.95 -7.30 -32.02
N SER A 211 -2.31 -7.09 -33.20
N SER A 211 -2.30 -7.10 -33.19
CA SER A 211 -1.13 -6.21 -33.31
CA SER A 211 -1.13 -6.21 -33.31
C SER A 211 -1.09 -5.42 -34.62
C SER A 211 -1.08 -5.42 -34.61
N VAL A 212 -0.52 -4.20 -34.56
CA VAL A 212 -0.36 -3.33 -35.72
C VAL A 212 1.16 -3.17 -35.95
N PRO A 213 1.69 -3.44 -37.18
CA PRO A 213 3.13 -3.26 -37.40
C PRO A 213 3.64 -1.86 -37.01
N PRO A 214 4.80 -1.75 -36.31
CA PRO A 214 5.33 -0.42 -35.95
C PRO A 214 5.40 0.59 -37.09
N GLU A 215 5.63 0.14 -38.34
CA GLU A 215 5.71 1.00 -39.52
C GLU A 215 4.32 1.57 -39.94
N HIS A 216 3.23 1.06 -39.35
CA HIS A 216 1.85 1.52 -39.62
C HIS A 216 1.18 2.15 -38.36
N GLY A 217 1.94 2.26 -37.27
CA GLY A 217 1.48 2.80 -35.98
C GLY A 217 0.91 4.20 -36.00
N LYS A 218 1.50 5.11 -36.82
CA LYS A 218 1.02 6.49 -36.97
C LYS A 218 -0.36 6.56 -37.64
N ARG A 219 -0.69 5.55 -38.47
CA ARG A 219 -1.98 5.39 -39.15
C ARG A 219 -3.08 5.10 -38.12
N LEU A 220 -2.81 4.24 -37.13
CA LEU A 220 -3.74 3.91 -36.05
C LEU A 220 -4.00 5.14 -35.16
N GLU A 221 -2.93 5.88 -34.81
CA GLU A 221 -3.02 7.09 -33.99
C GLU A 221 -3.93 8.15 -34.66
N ARG A 222 -3.74 8.38 -36.00
CA ARG A 222 -4.55 9.32 -36.78
C ARG A 222 -6.03 8.93 -36.80
N LEU A 223 -6.33 7.63 -36.94
CA LEU A 223 -7.69 7.09 -36.91
C LEU A 223 -8.36 7.29 -35.54
N ALA A 224 -7.61 6.98 -34.45
CA ALA A 224 -8.07 7.12 -33.07
C ALA A 224 -8.34 8.58 -32.69
N LYS A 225 -7.49 9.51 -33.16
CA LYS A 225 -7.63 10.96 -32.93
C LYS A 225 -8.89 11.49 -33.61
N GLY A 226 -9.22 10.96 -34.77
CA GLY A 226 -10.41 11.30 -35.52
C GLY A 226 -11.69 10.85 -34.83
N PHE A 227 -11.67 9.66 -34.19
CA PHE A 227 -12.84 9.14 -33.48
C PHE A 227 -13.04 9.69 -32.06
N PHE A 228 -11.97 10.22 -31.43
CA PHE A 228 -12.04 10.79 -30.07
C PHE A 228 -11.38 12.19 -30.04
N PRO A 229 -12.03 13.22 -30.65
CA PRO A 229 -11.41 14.56 -30.71
C PRO A 229 -11.13 15.24 -29.35
N GLY A 230 -12.04 15.09 -28.39
CA GLY A 230 -11.92 15.66 -27.06
C GLY A 230 -10.75 15.10 -26.26
N SER A 231 -10.52 13.77 -26.37
CA SER A 231 -9.41 13.06 -25.72
C SER A 231 -8.05 13.50 -26.28
N ALA A 232 -8.00 13.82 -27.60
CA ALA A 232 -6.80 14.27 -28.31
C ALA A 232 -6.33 15.67 -27.88
N GLN A 233 -7.28 16.60 -27.62
CA GLN A 233 -6.97 17.96 -27.18
C GLN A 233 -6.40 17.96 -25.75
N SER A 234 -7.02 17.17 -24.84
CA SER A 234 -6.63 17.05 -23.43
C SER A 234 -5.25 16.41 -23.24
N CYS A 235 -4.92 15.41 -24.07
CA CYS A 235 -3.68 14.65 -24.01
C CYS A 235 -3.31 14.16 -25.43
N GLU A 236 -2.05 14.39 -25.86
CA GLU A 236 -1.55 13.97 -27.17
C GLU A 236 -1.38 12.44 -27.19
N ALA A 237 -0.85 11.88 -26.09
CA ALA A 237 -0.63 10.46 -25.94
C ALA A 237 -1.78 9.79 -25.13
N PHE A 238 -3.04 10.09 -25.52
CA PHE A 238 -4.24 9.61 -24.84
C PHE A 238 -4.42 8.05 -24.89
N LEU A 239 -3.79 7.34 -25.85
CA LEU A 239 -3.87 5.88 -25.93
C LEU A 239 -3.13 5.20 -24.76
N ARG A 240 -2.13 5.91 -24.15
CA ARG A 240 -1.34 5.46 -22.98
C ARG A 240 -2.21 5.34 -21.70
N HIS A 241 -3.44 5.92 -21.70
CA HIS A 241 -4.41 5.85 -20.61
C HIS A 241 -5.00 4.44 -20.53
N LYS A 242 -4.89 3.66 -21.65
CA LYS A 242 -5.33 2.26 -21.85
C LYS A 242 -6.86 2.08 -21.65
N MET A 243 -7.65 2.93 -22.31
CA MET A 243 -9.12 2.92 -22.22
C MET A 243 -9.80 2.67 -23.58
N THR A 244 -9.05 2.70 -24.71
CA THR A 244 -9.62 2.63 -26.06
C THR A 244 -9.61 1.21 -26.67
N LEU A 245 -10.82 0.71 -26.97
CA LEU A 245 -11.05 -0.58 -27.60
C LEU A 245 -11.61 -0.36 -29.02
N ILE A 246 -10.96 -1.01 -30.02
CA ILE A 246 -11.31 -0.92 -31.46
C ILE A 246 -11.31 -2.35 -32.03
N SER A 247 -12.44 -2.77 -32.64
CA SER A 247 -12.58 -4.12 -33.20
C SER A 247 -11.81 -4.37 -34.53
N PRO A 248 -11.41 -5.63 -34.84
CA PRO A 248 -10.74 -5.89 -36.13
C PRO A 248 -11.53 -5.42 -37.37
N LEU A 249 -12.89 -5.50 -37.35
CA LEU A 249 -13.74 -5.06 -38.45
C LEU A 249 -13.65 -3.55 -38.72
N MET A 250 -13.50 -2.73 -37.65
CA MET A 250 -13.34 -1.28 -37.74
C MET A 250 -11.96 -0.94 -38.36
N LEU A 251 -10.88 -1.67 -37.97
CA LEU A 251 -9.53 -1.54 -38.53
C LEU A 251 -9.53 -1.85 -40.04
N LYS A 252 -10.26 -2.91 -40.46
CA LYS A 252 -10.39 -3.36 -41.86
C LYS A 252 -11.12 -2.29 -42.71
N LYS A 253 -12.23 -1.74 -42.17
CA LYS A 253 -13.06 -0.70 -42.80
C LYS A 253 -12.26 0.58 -43.08
N TYR A 254 -11.22 0.89 -42.28
CA TYR A 254 -10.43 2.09 -42.49
C TYR A 254 -9.00 1.78 -42.96
N GLY A 255 -8.81 0.59 -43.50
CA GLY A 255 -7.55 0.14 -44.08
C GLY A 255 -6.32 0.12 -43.19
N ILE A 256 -6.48 -0.15 -41.88
CA ILE A 256 -5.34 -0.25 -40.96
C ILE A 256 -4.80 -1.70 -41.01
N PRO A 257 -3.53 -1.94 -41.43
CA PRO A 257 -3.02 -3.32 -41.45
C PRO A 257 -2.79 -3.88 -40.04
N PHE A 258 -3.17 -5.16 -39.81
CA PHE A 258 -3.07 -5.84 -38.51
C PHE A 258 -2.97 -7.35 -38.66
N ASP A 259 -2.67 -8.04 -37.55
CA ASP A 259 -2.62 -9.49 -37.49
C ASP A 259 -3.10 -9.95 -36.12
N LYS A 260 -3.55 -11.21 -36.03
CA LYS A 260 -4.02 -11.81 -34.78
C LYS A 260 -3.30 -13.13 -34.45
N VAL A 261 -3.21 -13.46 -33.15
CA VAL A 261 -2.56 -14.68 -32.63
C VAL A 261 -3.18 -15.04 -31.26
N THR A 262 -3.27 -16.35 -30.97
CA THR A 262 -3.76 -16.89 -29.69
C THR A 262 -2.57 -17.50 -28.92
N GLN A 263 -2.37 -17.06 -27.67
CA GLN A 263 -1.32 -17.54 -26.76
C GLN A 263 -1.90 -18.64 -25.83
N GLU A 264 -1.20 -19.78 -25.73
CA GLU A 264 -1.64 -20.88 -24.85
C GLU A 264 -0.70 -21.06 -23.68
N ALA A 265 -1.16 -21.81 -22.63
CA ALA A 265 -0.36 -22.03 -21.42
C ALA A 265 1.00 -22.59 -21.79
N GLY A 266 2.05 -22.01 -21.20
CA GLY A 266 3.43 -22.43 -21.46
C GLY A 266 4.14 -21.70 -22.58
N GLU A 267 3.51 -20.67 -23.18
CA GLU A 267 4.10 -19.91 -24.30
C GLU A 267 4.46 -18.47 -23.92
N PHE A 268 5.48 -17.91 -24.61
CA PHE A 268 5.94 -16.54 -24.42
C PHE A 268 5.47 -15.64 -25.56
N MET A 269 5.11 -14.39 -25.25
CA MET A 269 4.81 -13.39 -26.27
C MET A 269 5.80 -12.25 -26.08
N ILE A 270 6.42 -11.77 -27.18
CA ILE A 270 7.36 -10.63 -27.16
C ILE A 270 6.73 -9.47 -27.93
N THR A 271 6.65 -8.27 -27.32
CA THR A 271 6.21 -7.05 -28.00
C THR A 271 7.47 -6.20 -28.28
N PHE A 272 7.47 -5.49 -29.40
CA PHE A 272 8.59 -4.70 -29.90
C PHE A 272 8.35 -3.20 -29.80
N PRO A 273 9.41 -2.34 -29.82
CA PRO A 273 9.20 -0.89 -29.73
C PRO A 273 8.25 -0.30 -30.76
N TYR A 274 7.28 0.51 -30.27
CA TYR A 274 6.23 1.21 -31.04
C TYR A 274 5.28 0.19 -31.76
N GLY A 275 5.13 -0.99 -31.16
CA GLY A 275 4.20 -2.02 -31.64
C GLY A 275 2.90 -1.93 -30.85
N TYR A 276 1.83 -1.39 -31.45
CA TYR A 276 0.53 -1.26 -30.79
C TYR A 276 -0.12 -2.63 -30.69
N HIS A 277 -0.64 -3.00 -29.49
CA HIS A 277 -1.31 -4.28 -29.23
C HIS A 277 -2.52 -4.14 -28.29
N ALA A 278 -3.51 -5.07 -28.43
CA ALA A 278 -4.76 -5.19 -27.66
C ALA A 278 -5.16 -6.67 -27.57
N GLY A 279 -6.14 -7.00 -26.75
CA GLY A 279 -6.59 -8.39 -26.63
C GLY A 279 -7.53 -8.70 -25.48
N PHE A 280 -7.84 -9.99 -25.30
CA PHE A 280 -8.77 -10.50 -24.28
C PHE A 280 -8.41 -11.93 -23.76
N ASN A 281 -8.88 -12.27 -22.54
CA ASN A 281 -8.70 -13.59 -21.91
C ASN A 281 -9.88 -14.52 -22.17
N HIS A 282 -9.61 -15.80 -22.50
CA HIS A 282 -10.66 -16.79 -22.78
C HIS A 282 -11.38 -17.27 -21.52
N GLY A 283 -10.66 -17.27 -20.41
CA GLY A 283 -11.19 -17.72 -19.12
C GLY A 283 -10.17 -17.57 -18.02
N PHE A 284 -10.32 -18.32 -16.91
CA PHE A 284 -9.39 -18.28 -15.78
C PHE A 284 -7.97 -18.65 -16.20
N ASN A 285 -7.02 -17.74 -15.92
CA ASN A 285 -5.62 -17.91 -16.28
C ASN A 285 -4.70 -17.00 -15.44
N CYS A 286 -3.36 -17.11 -15.64
CA CYS A 286 -2.35 -16.31 -14.96
C CYS A 286 -1.14 -16.10 -15.87
N ALA A 287 -0.77 -14.82 -16.09
CA ALA A 287 0.38 -14.40 -16.90
C ALA A 287 1.33 -13.54 -16.09
N GLU A 288 2.63 -13.55 -16.46
CA GLU A 288 3.67 -12.75 -15.80
C GLU A 288 4.35 -11.91 -16.87
N SER A 289 4.66 -10.63 -16.57
CA SER A 289 5.29 -9.74 -17.53
C SER A 289 6.26 -8.70 -16.93
N THR A 290 7.14 -8.14 -17.81
CA THR A 290 8.07 -7.06 -17.50
C THR A 290 8.46 -6.37 -18.80
N ASN A 291 9.21 -5.24 -18.70
CA ASN A 291 9.75 -4.51 -19.83
C ASN A 291 11.24 -4.80 -19.90
N PHE A 292 11.82 -4.72 -21.11
CA PHE A 292 13.25 -4.89 -21.34
C PHE A 292 13.69 -4.00 -22.50
N ALA A 293 15.01 -3.93 -22.76
CA ALA A 293 15.55 -3.12 -23.86
C ALA A 293 16.74 -3.80 -24.56
N THR A 294 17.07 -3.30 -25.79
CA THR A 294 18.23 -3.65 -26.61
C THR A 294 18.85 -2.30 -27.03
N ARG A 295 20.00 -2.30 -27.72
CA ARG A 295 20.67 -1.09 -28.23
C ARG A 295 19.78 -0.30 -29.23
N ARG A 296 18.90 -1.01 -29.95
CA ARG A 296 17.94 -0.45 -30.92
C ARG A 296 16.87 0.44 -30.25
N TRP A 297 16.44 0.09 -29.01
CA TRP A 297 15.40 0.84 -28.28
C TRP A 297 15.78 2.29 -27.98
N ILE A 298 17.08 2.55 -27.68
CA ILE A 298 17.64 3.86 -27.30
C ILE A 298 17.03 5.00 -28.14
N GLU A 299 17.05 4.90 -29.49
CA GLU A 299 16.49 5.90 -30.39
C GLU A 299 14.97 6.09 -30.22
N TYR A 300 14.22 4.99 -29.99
CA TYR A 300 12.77 5.00 -29.75
C TYR A 300 12.44 5.73 -28.44
N GLY A 301 13.25 5.51 -27.42
CA GLY A 301 13.09 6.13 -26.11
C GLY A 301 13.33 7.63 -26.10
N LYS A 302 14.24 8.13 -26.97
CA LYS A 302 14.57 9.57 -27.10
C LYS A 302 13.43 10.32 -27.81
N GLN A 303 12.70 9.62 -28.70
CA GLN A 303 11.62 10.16 -29.54
C GLN A 303 10.18 9.80 -29.09
N ALA A 304 10.02 9.10 -27.95
CA ALA A 304 8.70 8.69 -27.44
C ALA A 304 7.81 9.87 -27.01
N VAL A 305 6.53 9.87 -27.47
CA VAL A 305 5.53 10.89 -27.12
C VAL A 305 4.82 10.40 -25.86
N LEU A 306 5.04 11.11 -24.74
CA LEU A 306 4.53 10.75 -23.41
C LEU A 306 3.24 11.48 -23.01
N CYS A 307 2.47 10.87 -22.05
CA CYS A 307 1.24 11.44 -21.49
C CYS A 307 1.64 12.65 -20.65
N SER A 308 0.98 13.80 -20.90
CA SER A 308 1.27 15.07 -20.22
C SER A 308 0.18 15.50 -19.23
N CYS A 309 -0.97 14.78 -19.17
CA CYS A 309 -2.07 15.16 -18.27
C CYS A 309 -2.04 14.45 -16.90
N ARG A 310 -1.16 13.44 -16.73
CA ARG A 310 -1.02 12.69 -15.48
C ARG A 310 0.39 12.81 -14.90
N LYS A 311 0.47 13.17 -13.61
CA LYS A 311 1.72 13.36 -12.86
C LYS A 311 2.47 12.05 -12.62
N ASP A 312 1.73 10.98 -12.23
CA ASP A 312 2.26 9.66 -11.89
C ASP A 312 2.69 8.78 -13.10
N MET A 313 2.86 9.38 -14.31
CA MET A 313 3.26 8.65 -15.53
C MET A 313 4.75 8.27 -15.55
N VAL A 314 5.07 7.16 -16.25
CA VAL A 314 6.44 6.63 -16.38
C VAL A 314 7.29 7.48 -17.33
N LYS A 315 8.42 8.01 -16.81
CA LYS A 315 9.39 8.86 -17.51
C LYS A 315 10.81 8.47 -17.09
N ILE A 316 11.65 8.07 -18.08
CA ILE A 316 13.05 7.66 -17.89
C ILE A 316 13.94 8.72 -18.56
N SER A 317 15.03 9.14 -17.88
CA SER A 317 15.97 10.10 -18.49
C SER A 317 16.91 9.31 -19.40
N MET A 318 17.04 9.75 -20.66
CA MET A 318 17.83 9.06 -21.69
C MET A 318 19.33 9.37 -21.66
N ASP A 319 19.76 10.45 -20.96
CA ASP A 319 21.15 10.92 -20.82
C ASP A 319 22.20 9.81 -20.65
N VAL A 320 21.96 8.88 -19.72
CA VAL A 320 22.84 7.75 -19.40
C VAL A 320 23.01 6.80 -20.61
N PHE A 321 21.90 6.45 -21.31
CA PHE A 321 21.94 5.56 -22.48
C PHE A 321 22.66 6.20 -23.66
N VAL A 322 22.45 7.54 -23.86
CA VAL A 322 23.07 8.33 -24.93
C VAL A 322 24.58 8.51 -24.66
N ARG A 323 24.98 8.81 -23.40
CA ARG A 323 26.40 8.98 -23.09
C ARG A 323 27.21 7.67 -23.21
N LYS A 324 26.60 6.53 -22.81
CA LYS A 324 27.23 5.22 -22.84
C LYS A 324 27.27 4.56 -24.22
N PHE A 325 26.14 4.59 -24.96
CA PHE A 325 26.02 3.89 -26.26
C PHE A 325 26.11 4.79 -27.51
N GLN A 326 25.89 6.11 -27.36
CA GLN A 326 26.00 7.07 -28.47
C GLN A 326 26.95 8.23 -28.02
N PRO A 327 28.25 7.97 -27.69
CA PRO A 327 29.10 9.07 -27.19
C PRO A 327 29.28 10.25 -28.14
N GLU A 328 29.42 9.96 -29.45
CA GLU A 328 29.60 10.94 -30.52
C GLU A 328 28.43 11.93 -30.69
N ARG A 329 27.20 11.43 -30.51
CA ARG A 329 25.96 12.18 -30.68
C ARG A 329 25.45 12.91 -29.43
N TYR A 330 26.00 12.60 -28.24
CA TYR A 330 25.57 13.20 -26.95
C TYR A 330 25.60 14.73 -26.96
N LYS A 331 26.74 15.34 -27.33
CA LYS A 331 26.90 16.80 -27.41
C LYS A 331 25.82 17.41 -28.31
N LEU A 332 25.58 16.80 -29.50
CA LEU A 332 24.57 17.24 -30.47
C LEU A 332 23.14 17.07 -29.93
N TRP A 333 22.80 15.89 -29.36
CA TRP A 333 21.48 15.57 -28.79
C TRP A 333 21.13 16.48 -27.61
N LYS A 334 22.09 16.70 -26.70
CA LYS A 334 21.92 17.56 -25.53
C LYS A 334 21.74 19.06 -25.91
N ALA A 335 22.22 19.43 -27.12
CA ALA A 335 22.07 20.78 -27.70
C ALA A 335 20.77 20.88 -28.51
N GLY A 336 20.29 19.74 -29.02
CA GLY A 336 19.06 19.64 -29.80
C GLY A 336 19.26 19.53 -31.31
N LYS A 337 20.44 19.03 -31.74
CA LYS A 337 20.81 18.87 -33.15
C LYS A 337 20.61 17.47 -33.74
N ASP A 338 20.05 16.52 -32.95
CA ASP A 338 19.82 15.15 -33.42
C ASP A 338 18.58 15.03 -34.31
N ASN A 339 18.80 14.97 -35.64
CA ASN A 339 17.74 14.88 -36.65
C ASN A 339 17.51 13.45 -37.18
N THR A 340 17.99 12.42 -36.42
CA THR A 340 17.86 10.99 -36.75
C THR A 340 16.42 10.58 -37.05
N VAL A 341 16.21 9.90 -38.19
CA VAL A 341 14.92 9.35 -38.62
C VAL A 341 14.98 7.84 -38.38
N ILE A 342 14.00 7.29 -37.64
CA ILE A 342 13.96 5.85 -37.34
C ILE A 342 13.46 5.02 -38.53
N ASP A 343 14.22 3.95 -38.88
CA ASP A 343 13.83 2.95 -39.88
C ASP A 343 13.34 1.75 -39.06
N HIS A 344 12.02 1.48 -39.10
CA HIS A 344 11.38 0.41 -38.35
C HIS A 344 11.72 -1.01 -38.85
N THR A 345 12.20 -1.14 -40.10
CA THR A 345 12.56 -2.43 -40.72
C THR A 345 13.96 -2.93 -40.34
N LEU A 346 14.82 -2.05 -39.84
CA LEU A 346 16.19 -2.39 -39.48
C LEU A 346 16.30 -3.20 -38.17
N PRO A 347 17.05 -4.34 -38.16
CA PRO A 347 17.22 -5.09 -36.90
C PRO A 347 18.22 -4.42 -35.96
N THR A 348 18.28 -4.90 -34.69
CA THR A 348 19.18 -4.40 -33.64
C THR A 348 20.69 -4.61 -34.04
N PRO A 349 21.64 -3.72 -33.65
CA PRO A 349 23.06 -3.93 -34.03
C PRO A 349 23.66 -5.28 -33.60
N GLU A 350 23.17 -5.85 -32.49
CA GLU A 350 23.60 -7.15 -31.90
C GLU A 350 23.30 -8.37 -32.81
N ALA A 351 22.51 -8.17 -33.88
CA ALA A 351 22.11 -9.22 -34.83
C ALA A 351 23.15 -9.43 -35.96
N ALA A 352 24.25 -8.64 -35.98
CA ALA A 352 25.33 -8.69 -36.97
C ALA A 352 25.91 -10.08 -37.21
N GLU A 353 26.11 -10.87 -36.12
CA GLU A 353 26.65 -12.24 -36.14
C GLU A 353 25.74 -13.22 -36.92
N PHE A 354 24.44 -12.92 -37.03
CA PHE A 354 23.43 -13.72 -37.75
C PHE A 354 23.19 -13.20 -39.19
N LEU A 355 23.82 -12.06 -39.55
CA LEU A 355 23.72 -11.43 -40.87
C LEU A 355 25.12 -11.11 -41.40
N THR B 8 14.44 6.24 23.89
CA THR B 8 15.19 7.49 23.92
C THR B 8 14.29 8.71 24.20
N LEU B 9 13.07 8.71 23.61
CA LEU B 9 12.06 9.77 23.78
C LEU B 9 11.06 9.32 24.83
N ASN B 10 10.84 10.17 25.87
CA ASN B 10 10.01 9.93 27.06
C ASN B 10 10.49 8.63 27.75
N PRO B 11 11.77 8.56 28.22
CA PRO B 11 12.26 7.31 28.84
C PRO B 11 11.64 6.98 30.20
N SER B 12 11.04 7.98 30.88
CA SER B 12 10.38 7.83 32.18
C SER B 12 8.93 7.34 32.05
N ALA B 13 8.40 7.25 30.81
CA ALA B 13 7.02 6.85 30.48
C ALA B 13 5.92 7.65 31.27
N ARG B 14 6.16 8.96 31.45
CA ARG B 14 5.24 9.87 32.16
C ARG B 14 4.17 10.46 31.23
N ILE B 15 3.00 10.84 31.78
CA ILE B 15 1.88 11.46 31.03
C ILE B 15 2.31 12.86 30.52
N MET B 16 2.25 13.08 29.18
CA MET B 16 2.60 14.35 28.51
C MET B 16 1.33 15.13 28.15
N THR B 17 1.40 16.49 28.16
CA THR B 17 0.31 17.43 27.83
C THR B 17 0.75 18.25 26.60
N PHE B 18 -0.16 18.43 25.62
CA PHE B 18 0.15 19.16 24.39
C PHE B 18 -0.83 20.32 24.16
N TYR B 19 -0.30 21.46 23.67
CA TYR B 19 -1.06 22.67 23.36
C TYR B 19 -0.93 23.02 21.85
N PRO B 20 -1.60 22.28 20.92
CA PRO B 20 -1.48 22.61 19.49
C PRO B 20 -2.13 23.93 19.08
N THR B 21 -1.55 24.57 18.02
CA THR B 21 -2.09 25.80 17.40
C THR B 21 -3.29 25.38 16.53
N MET B 22 -4.04 26.34 15.95
CA MET B 22 -5.17 26.01 15.08
C MET B 22 -4.73 25.24 13.81
N GLU B 23 -3.58 25.60 13.22
CA GLU B 23 -3.03 24.94 12.03
C GLU B 23 -2.66 23.47 12.32
N GLU B 24 -2.01 23.22 13.48
CA GLU B 24 -1.63 21.87 13.94
C GLU B 24 -2.85 21.04 14.32
N PHE B 25 -3.90 21.70 14.88
CA PHE B 25 -5.13 21.05 15.33
C PHE B 25 -5.98 20.46 14.21
N ARG B 26 -6.08 21.16 13.07
CA ARG B 26 -6.88 20.83 11.88
C ARG B 26 -6.78 19.37 11.40
N ASN B 27 -5.58 18.78 11.39
CA ASN B 27 -5.41 17.38 10.95
C ASN B 27 -5.20 16.45 12.17
N PHE B 28 -6.26 15.70 12.56
CA PHE B 28 -6.30 14.78 13.70
C PHE B 28 -5.27 13.64 13.62
N SER B 29 -5.32 12.83 12.53
CA SER B 29 -4.42 11.68 12.32
C SER B 29 -2.94 12.06 12.26
N ARG B 30 -2.63 13.24 11.67
CA ARG B 30 -1.27 13.77 11.60
C ARG B 30 -0.82 14.18 12.99
N TYR B 31 -1.74 14.76 13.82
CA TYR B 31 -1.35 15.18 15.18
C TYR B 31 -1.11 13.99 16.11
N ILE B 32 -1.87 12.86 15.93
CA ILE B 32 -1.66 11.61 16.68
C ILE B 32 -0.23 11.09 16.40
N ALA B 33 0.18 11.11 15.10
CA ALA B 33 1.52 10.70 14.64
C ALA B 33 2.61 11.62 15.25
N TYR B 34 2.32 12.93 15.42
CA TYR B 34 3.27 13.86 16.04
C TYR B 34 3.47 13.58 17.54
N ILE B 35 2.38 13.33 18.30
CA ILE B 35 2.52 13.08 19.75
C ILE B 35 3.27 11.75 20.02
N GLU B 36 3.14 10.74 19.13
CA GLU B 36 3.90 9.49 19.24
C GLU B 36 5.40 9.71 18.97
N SER B 37 5.73 10.59 17.99
CA SER B 37 7.12 10.96 17.65
C SER B 37 7.86 11.61 18.85
N GLN B 38 7.09 12.20 19.79
CA GLN B 38 7.55 12.85 21.01
C GLN B 38 7.61 11.88 22.20
N GLY B 39 7.09 10.66 22.01
CA GLY B 39 7.08 9.60 23.01
C GLY B 39 5.86 9.53 23.92
N ALA B 40 4.78 10.25 23.59
CA ALA B 40 3.56 10.26 24.42
C ALA B 40 2.93 8.88 24.67
N HIS B 41 2.99 7.98 23.65
CA HIS B 41 2.39 6.63 23.72
C HIS B 41 2.93 5.74 24.84
N ARG B 42 4.18 5.99 25.29
CA ARG B 42 4.87 5.21 26.32
C ARG B 42 4.16 5.21 27.69
N ALA B 43 3.44 6.29 28.03
CA ALA B 43 2.66 6.40 29.27
C ALA B 43 1.33 5.65 29.15
N GLY B 44 0.85 5.50 27.92
CA GLY B 44 -0.43 4.86 27.60
C GLY B 44 -1.64 5.78 27.68
N LEU B 45 -1.40 7.06 28.07
CA LEU B 45 -2.40 8.11 28.25
C LEU B 45 -1.74 9.52 28.03
N ALA B 46 -2.43 10.44 27.32
CA ALA B 46 -1.98 11.80 27.02
C ALA B 46 -3.12 12.81 27.03
N LYS B 47 -2.79 14.06 27.39
CA LYS B 47 -3.75 15.15 27.42
C LYS B 47 -3.47 16.13 26.25
N VAL B 48 -4.54 16.54 25.55
CA VAL B 48 -4.46 17.51 24.44
C VAL B 48 -5.41 18.68 24.75
N VAL B 49 -4.83 19.90 24.90
CA VAL B 49 -5.60 21.11 25.18
C VAL B 49 -5.80 21.83 23.82
N PRO B 50 -7.06 21.91 23.33
CA PRO B 50 -7.29 22.56 22.02
C PRO B 50 -7.13 24.08 22.03
N PRO B 51 -6.92 24.77 20.87
CA PRO B 51 -6.80 26.24 20.90
C PRO B 51 -8.09 26.91 21.40
N LYS B 52 -7.95 28.01 22.18
CA LYS B 52 -9.03 28.78 22.82
C LYS B 52 -10.21 29.12 21.91
N GLU B 53 -9.93 29.47 20.65
CA GLU B 53 -10.92 29.83 19.63
C GLU B 53 -11.82 28.67 19.20
N TRP B 54 -11.33 27.41 19.31
CA TRP B 54 -12.11 26.23 18.93
C TRP B 54 -13.11 25.81 20.00
N LYS B 55 -14.34 25.51 19.57
CA LYS B 55 -15.44 25.02 20.42
C LYS B 55 -16.37 24.06 19.64
N PRO B 56 -16.72 22.87 20.18
CA PRO B 56 -17.55 21.94 19.40
C PRO B 56 -19.05 22.25 19.34
N ARG B 57 -19.53 23.14 20.24
CA ARG B 57 -20.93 23.55 20.37
C ARG B 57 -20.99 24.99 20.94
N ALA B 58 -22.00 25.80 20.51
CA ALA B 58 -22.14 27.19 20.97
C ALA B 58 -22.53 27.33 22.44
N SER B 59 -23.44 26.44 22.94
CA SER B 59 -23.92 26.41 24.32
C SER B 59 -24.56 25.06 24.65
N TYR B 60 -24.58 24.69 25.94
CA TYR B 60 -25.18 23.45 26.39
C TYR B 60 -26.53 23.68 27.13
N ASP B 61 -27.21 24.81 26.85
CA ASP B 61 -28.47 25.16 27.51
C ASP B 61 -29.73 24.53 26.85
N ASP B 62 -29.54 23.63 25.88
CA ASP B 62 -30.64 23.04 25.12
C ASP B 62 -30.69 21.49 25.12
N ILE B 63 -30.03 20.84 26.09
CA ILE B 63 -29.95 19.37 26.13
C ILE B 63 -30.76 18.71 27.28
N ASP B 64 -31.56 19.48 28.05
CA ASP B 64 -32.35 18.95 29.19
C ASP B 64 -33.37 17.85 28.84
N ASP B 65 -33.83 17.79 27.58
CA ASP B 65 -34.80 16.79 27.11
C ASP B 65 -34.15 15.50 26.59
N LEU B 66 -32.81 15.47 26.49
CA LEU B 66 -32.04 14.29 26.07
C LEU B 66 -32.32 13.14 27.02
N VAL B 67 -32.60 11.94 26.47
CA VAL B 67 -32.90 10.75 27.26
C VAL B 67 -31.66 9.86 27.47
N ILE B 68 -31.47 9.40 28.73
CA ILE B 68 -30.47 8.41 29.16
C ILE B 68 -31.32 7.11 29.26
N PRO B 69 -31.29 6.20 28.24
CA PRO B 69 -32.19 5.03 28.28
C PRO B 69 -31.90 3.98 29.35
N ALA B 70 -30.62 3.77 29.69
CA ALA B 70 -30.20 2.75 30.68
C ALA B 70 -29.23 3.30 31.75
N PRO B 71 -29.70 4.12 32.72
CA PRO B 71 -28.81 4.57 33.80
C PRO B 71 -28.41 3.39 34.69
N ILE B 72 -27.19 3.41 35.23
CA ILE B 72 -26.70 2.31 36.06
C ILE B 72 -26.37 2.75 37.49
N GLN B 73 -26.88 2.02 38.49
CA GLN B 73 -26.55 2.24 39.88
C GLN B 73 -25.31 1.35 40.13
N GLN B 74 -24.21 1.95 40.62
CA GLN B 74 -22.92 1.26 40.85
C GLN B 74 -22.72 0.79 42.31
N LEU B 75 -22.87 -0.52 42.54
CA LEU B 75 -22.66 -1.12 43.86
C LEU B 75 -21.25 -1.71 43.95
N VAL B 76 -20.47 -1.26 44.94
CA VAL B 76 -19.08 -1.68 45.09
C VAL B 76 -18.91 -2.51 46.37
N THR B 77 -18.17 -3.63 46.27
CA THR B 77 -17.86 -4.53 47.40
C THR B 77 -16.34 -4.71 47.54
N GLY B 78 -15.85 -4.74 48.76
CA GLY B 78 -14.43 -4.94 49.01
C GLY B 78 -13.83 -4.18 50.18
N GLN B 79 -12.51 -4.34 50.31
CA GLN B 79 -11.71 -3.76 51.40
C GLN B 79 -10.23 -3.77 51.06
N SER B 80 -9.44 -2.97 51.83
CA SER B 80 -7.98 -2.84 51.76
C SER B 80 -7.47 -2.56 50.31
N GLY B 81 -8.14 -1.64 49.62
CA GLY B 81 -7.78 -1.22 48.26
C GLY B 81 -8.13 -2.16 47.12
N LEU B 82 -8.88 -3.26 47.39
CA LEU B 82 -9.31 -4.24 46.40
C LEU B 82 -10.83 -4.32 46.34
N PHE B 83 -11.44 -4.03 45.17
CA PHE B 83 -12.89 -3.94 45.04
C PHE B 83 -13.46 -4.53 43.77
N THR B 84 -14.73 -5.01 43.86
CA THR B 84 -15.52 -5.49 42.74
C THR B 84 -16.78 -4.62 42.60
N GLN B 85 -17.02 -4.10 41.39
CA GLN B 85 -18.17 -3.24 41.06
C GLN B 85 -19.28 -4.03 40.34
N TYR B 86 -20.52 -3.89 40.82
CA TYR B 86 -21.72 -4.53 40.27
C TYR B 86 -22.69 -3.48 39.71
N ASN B 87 -23.30 -3.77 38.55
CA ASN B 87 -24.23 -2.87 37.91
C ASN B 87 -25.69 -3.26 38.08
N ILE B 88 -26.51 -2.27 38.45
CA ILE B 88 -27.95 -2.44 38.57
C ILE B 88 -28.57 -1.44 37.59
N GLN B 89 -29.27 -1.92 36.55
CA GLN B 89 -29.92 -1.05 35.57
C GLN B 89 -31.19 -0.43 36.16
N LYS B 90 -31.34 0.91 36.01
CA LYS B 90 -32.50 1.67 36.47
C LYS B 90 -33.37 2.10 35.28
N LYS B 91 -34.57 2.67 35.54
CA LYS B 91 -35.47 3.14 34.49
C LYS B 91 -34.91 4.36 33.76
N ALA B 92 -35.28 4.55 32.47
CA ALA B 92 -34.86 5.68 31.64
C ALA B 92 -35.19 7.02 32.30
N MET B 93 -34.34 8.04 32.08
CA MET B 93 -34.52 9.39 32.63
C MET B 93 -33.89 10.46 31.75
N THR B 94 -34.36 11.71 31.85
CA THR B 94 -33.86 12.85 31.07
C THR B 94 -32.62 13.45 31.75
N VAL B 95 -31.85 14.30 31.05
CA VAL B 95 -30.68 15.02 31.59
C VAL B 95 -31.10 15.96 32.74
N ARG B 96 -32.32 16.56 32.66
N ARG B 96 -32.32 16.57 32.67
CA ARG B 96 -32.91 17.44 33.67
CA ARG B 96 -32.87 17.45 33.71
C ARG B 96 -33.09 16.68 35.01
C ARG B 96 -33.08 16.69 35.02
N GLU B 97 -33.65 15.46 34.95
CA GLU B 97 -33.91 14.58 36.10
C GLU B 97 -32.59 14.08 36.69
N PHE B 98 -31.61 13.70 35.82
CA PHE B 98 -30.28 13.24 36.26
C PHE B 98 -29.52 14.36 37.01
N ARG B 99 -29.48 15.58 36.43
CA ARG B 99 -28.81 16.76 37.00
C ARG B 99 -29.36 17.12 38.40
N LYS B 100 -30.70 16.99 38.57
CA LYS B 100 -31.40 17.29 39.84
C LYS B 100 -30.93 16.33 40.95
N ILE B 101 -30.87 15.00 40.65
CA ILE B 101 -30.38 13.95 41.55
C ILE B 101 -28.88 14.14 41.85
N ALA B 102 -28.05 14.37 40.81
CA ALA B 102 -26.58 14.59 40.96
C ALA B 102 -26.21 15.74 41.93
N ASN B 103 -26.97 16.85 41.91
CA ASN B 103 -26.73 18.05 42.72
C ASN B 103 -27.46 18.09 44.09
N SER B 104 -28.35 17.12 44.35
CA SER B 104 -29.10 16.99 45.61
C SER B 104 -28.15 16.66 46.76
N ASP B 105 -28.57 16.96 48.01
CA ASP B 105 -27.83 16.74 49.26
C ASP B 105 -27.30 15.32 49.43
N LYS B 106 -28.12 14.32 49.05
CA LYS B 106 -27.77 12.90 49.14
C LYS B 106 -26.57 12.50 48.25
N TYR B 107 -26.48 13.04 47.01
CA TYR B 107 -25.44 12.62 46.05
C TYR B 107 -24.32 13.63 45.69
N CYS B 108 -24.47 14.94 46.02
N CYS B 108 -24.47 14.94 46.00
CA CYS B 108 -23.50 16.00 45.72
CA CYS B 108 -23.49 15.97 45.64
C CYS B 108 -22.08 15.74 46.26
C CYS B 108 -22.09 15.77 46.26
N THR B 109 -21.07 16.38 45.62
CA THR B 109 -19.64 16.34 45.99
C THR B 109 -19.40 16.89 47.41
N PRO B 110 -18.57 16.23 48.24
CA PRO B 110 -18.27 16.81 49.57
C PRO B 110 -17.31 18.00 49.46
N ARG B 111 -17.21 18.80 50.54
CA ARG B 111 -16.32 19.97 50.62
C ARG B 111 -14.84 19.54 50.64
N TYR B 112 -13.99 20.23 49.86
CA TYR B 112 -12.55 19.93 49.80
C TYR B 112 -11.69 21.14 49.38
N SER B 113 -10.43 21.19 49.89
CA SER B 113 -9.46 22.26 49.59
C SER B 113 -8.52 21.85 48.44
N GLU B 114 -7.84 20.68 48.58
CA GLU B 114 -6.89 20.13 47.61
C GLU B 114 -7.40 18.81 47.00
N PHE B 115 -6.85 18.41 45.84
CA PHE B 115 -7.23 17.17 45.15
C PHE B 115 -6.93 15.89 45.97
N GLU B 116 -5.80 15.86 46.69
CA GLU B 116 -5.38 14.73 47.52
C GLU B 116 -6.45 14.40 48.58
N GLU B 117 -7.11 15.45 49.11
CA GLU B 117 -8.18 15.36 50.11
C GLU B 117 -9.41 14.67 49.51
N LEU B 118 -9.80 15.04 48.26
CA LEU B 118 -10.94 14.44 47.56
C LEU B 118 -10.66 12.99 47.16
N GLU B 119 -9.42 12.71 46.68
CA GLU B 119 -8.94 11.38 46.29
C GLU B 119 -9.05 10.45 47.51
N ARG B 120 -8.64 10.93 48.70
CA ARG B 120 -8.76 10.15 49.94
C ARG B 120 -10.22 9.85 50.27
N LYS B 121 -11.13 10.85 50.12
CA LYS B 121 -12.57 10.73 50.35
C LYS B 121 -13.23 9.66 49.46
N TYR B 122 -12.80 9.59 48.20
CA TYR B 122 -13.28 8.64 47.22
C TYR B 122 -12.94 7.21 47.63
N TRP B 123 -11.64 6.93 47.93
CA TRP B 123 -11.17 5.60 48.31
C TRP B 123 -11.71 5.13 49.68
N LYS B 124 -12.11 6.06 50.55
CA LYS B 124 -12.68 5.74 51.86
C LYS B 124 -14.20 5.47 51.79
N ASN B 125 -14.94 6.14 50.85
CA ASN B 125 -16.41 6.05 50.77
C ASN B 125 -17.04 5.37 49.56
N LEU B 126 -16.24 4.80 48.64
CA LEU B 126 -16.75 4.21 47.40
C LEU B 126 -17.74 3.03 47.58
N THR B 127 -17.73 2.32 48.75
CA THR B 127 -18.66 1.20 49.01
C THR B 127 -19.99 1.67 49.65
N PHE B 128 -20.06 2.96 50.07
CA PHE B 128 -21.27 3.53 50.69
C PHE B 128 -22.04 4.40 49.69
N ASN B 129 -23.36 4.56 49.92
CA ASN B 129 -24.30 5.37 49.12
C ASN B 129 -24.12 5.20 47.60
N PRO B 130 -24.47 4.01 47.04
CA PRO B 130 -24.26 3.76 45.59
C PRO B 130 -24.79 4.85 44.63
N PRO B 131 -23.90 5.49 43.83
CA PRO B 131 -24.35 6.55 42.90
C PRO B 131 -24.95 6.01 41.59
N ILE B 132 -25.45 6.92 40.74
CA ILE B 132 -26.03 6.58 39.43
C ILE B 132 -25.18 7.21 38.32
N TYR B 133 -24.78 6.39 37.34
CA TYR B 133 -23.98 6.76 36.18
C TYR B 133 -24.85 6.67 34.93
N GLY B 134 -24.96 7.78 34.21
CA GLY B 134 -25.67 7.88 32.93
C GLY B 134 -24.71 7.54 31.81
N ALA B 135 -24.19 6.29 31.83
CA ALA B 135 -23.18 5.74 30.92
C ALA B 135 -23.72 5.12 29.62
N ASP B 136 -22.85 5.05 28.58
CA ASP B 136 -23.05 4.42 27.27
C ASP B 136 -24.33 4.89 26.52
N VAL B 137 -24.55 6.20 26.48
CA VAL B 137 -25.68 6.76 25.73
C VAL B 137 -25.21 6.97 24.28
N ASN B 138 -25.83 6.32 23.29
CA ASN B 138 -25.49 6.53 21.88
C ASN B 138 -25.90 7.94 21.46
N GLY B 139 -24.92 8.75 21.07
CA GLY B 139 -25.15 10.12 20.62
C GLY B 139 -23.94 11.01 20.62
N THR B 140 -24.12 12.28 20.18
CA THR B 140 -23.07 13.29 20.08
C THR B 140 -23.56 14.66 20.57
N LEU B 141 -22.62 15.50 21.05
CA LEU B 141 -22.94 16.89 21.42
C LEU B 141 -22.25 17.90 20.47
N TYR B 142 -21.58 17.40 19.41
CA TYR B 142 -20.94 18.22 18.38
C TYR B 142 -21.99 18.78 17.40
N GLU B 143 -21.76 19.99 16.89
CA GLU B 143 -22.60 20.60 15.86
C GLU B 143 -22.12 20.04 14.51
N LYS B 144 -23.05 19.82 13.55
CA LYS B 144 -22.80 19.23 12.22
C LYS B 144 -21.67 19.88 11.38
N HIS B 145 -21.45 21.19 11.51
CA HIS B 145 -20.43 21.93 10.75
C HIS B 145 -19.00 21.74 11.27
N VAL B 146 -18.82 21.17 12.48
CA VAL B 146 -17.53 20.97 13.14
C VAL B 146 -16.71 19.88 12.41
N ASP B 147 -15.61 20.29 11.77
CA ASP B 147 -14.73 19.40 11.01
C ASP B 147 -13.47 18.99 11.76
N GLU B 148 -13.15 19.67 12.87
CA GLU B 148 -11.92 19.40 13.63
C GLU B 148 -12.20 18.54 14.86
N TRP B 149 -11.44 17.42 14.98
CA TRP B 149 -11.52 16.45 16.08
C TRP B 149 -12.99 16.04 16.38
N ASN B 150 -13.76 15.75 15.32
CA ASN B 150 -15.17 15.38 15.45
C ASN B 150 -15.27 13.88 15.71
N ILE B 151 -15.46 13.53 17.00
CA ILE B 151 -15.58 12.19 17.59
C ILE B 151 -16.58 11.29 16.81
N GLY B 152 -17.65 11.88 16.28
CA GLY B 152 -18.67 11.19 15.50
C GLY B 152 -18.22 10.74 14.11
N ARG B 153 -17.11 11.32 13.57
CA ARG B 153 -16.59 11.00 12.23
C ARG B 153 -15.08 11.27 12.09
N LEU B 154 -14.22 10.50 12.81
CA LEU B 154 -12.76 10.72 12.76
C LEU B 154 -12.11 10.28 11.44
N ARG B 155 -12.76 9.35 10.69
CA ARG B 155 -12.33 8.82 9.39
C ARG B 155 -10.93 8.16 9.43
N THR B 156 -10.63 7.34 10.47
CA THR B 156 -9.35 6.60 10.54
C THR B 156 -9.53 5.26 9.80
N ILE B 157 -8.46 4.43 9.70
CA ILE B 157 -8.52 3.10 9.10
C ILE B 157 -9.46 2.13 9.87
N LEU B 158 -9.95 2.51 11.09
CA LEU B 158 -10.90 1.69 11.82
C LEU B 158 -12.20 1.53 11.01
N ASP B 159 -12.51 2.50 10.12
CA ASP B 159 -13.68 2.52 9.24
C ASP B 159 -13.72 1.33 8.24
N LEU B 160 -12.59 0.63 8.06
CA LEU B 160 -12.50 -0.53 7.17
C LEU B 160 -13.21 -1.79 7.69
N VAL B 161 -13.50 -1.88 9.03
CA VAL B 161 -14.15 -3.03 9.68
C VAL B 161 -15.41 -3.50 8.92
N GLU B 162 -15.39 -4.80 8.53
CA GLU B 162 -16.45 -5.48 7.76
C GLU B 162 -17.53 -6.05 8.68
N GLY B 171 -21.75 -0.64 17.61
CA GLY B 171 -20.60 -0.10 16.89
C GLY B 171 -19.50 0.46 17.77
N VAL B 172 -18.23 0.15 17.42
CA VAL B 172 -17.00 0.57 18.09
C VAL B 172 -16.51 1.93 17.52
N ASN B 173 -16.99 2.24 16.32
CA ASN B 173 -16.68 3.40 15.49
C ASN B 173 -17.67 4.59 15.69
N THR B 174 -18.68 4.43 16.56
CA THR B 174 -19.74 5.45 16.80
C THR B 174 -19.58 6.19 18.16
N PRO B 175 -20.12 7.43 18.33
CA PRO B 175 -19.91 8.13 19.62
C PRO B 175 -20.84 7.72 20.76
N TYR B 176 -20.34 7.84 22.01
CA TYR B 176 -21.09 7.57 23.24
C TYR B 176 -20.93 8.74 24.21
N LEU B 177 -21.99 9.05 24.96
CA LEU B 177 -22.01 10.09 26.00
C LEU B 177 -22.03 9.43 27.39
N TYR B 178 -21.43 10.11 28.38
CA TYR B 178 -21.34 9.67 29.78
C TYR B 178 -21.67 10.82 30.73
N PHE B 179 -22.82 10.74 31.40
CA PHE B 179 -23.28 11.75 32.35
C PHE B 179 -22.89 11.27 33.76
N GLY B 180 -21.90 11.92 34.34
CA GLY B 180 -21.42 11.50 35.65
C GLY B 180 -21.97 12.31 36.80
N MET B 181 -21.73 11.81 38.02
CA MET B 181 -22.03 12.46 39.30
C MET B 181 -20.87 12.05 40.23
N TRP B 182 -20.77 12.63 41.44
CA TRP B 182 -19.71 12.33 42.39
C TRP B 182 -19.61 10.83 42.66
N LYS B 183 -18.37 10.28 42.64
CA LYS B 183 -18.06 8.90 43.00
C LYS B 183 -18.45 7.83 41.95
N THR B 184 -18.88 8.27 40.73
CA THR B 184 -19.13 7.31 39.63
C THR B 184 -17.75 6.90 39.11
N SER B 185 -17.57 5.62 38.81
CA SER B 185 -16.26 5.10 38.41
C SER B 185 -16.15 4.23 37.18
N PHE B 186 -14.93 4.17 36.64
CA PHE B 186 -14.58 3.26 35.56
C PHE B 186 -13.39 2.41 36.05
N ALA B 187 -13.57 1.09 35.96
CA ALA B 187 -12.63 0.08 36.41
C ALA B 187 -11.41 -0.13 35.53
N TRP B 188 -10.38 -0.80 36.06
CA TRP B 188 -9.16 -1.09 35.29
C TRP B 188 -9.44 -1.90 34.00
N HIS B 189 -9.00 -1.37 32.85
CA HIS B 189 -9.20 -2.04 31.55
C HIS B 189 -8.35 -1.42 30.45
N THR B 190 -8.17 -2.16 29.33
CA THR B 190 -7.65 -1.65 28.06
C THR B 190 -8.91 -1.59 27.15
N GLU B 191 -8.80 -0.97 25.96
CA GLU B 191 -9.94 -0.91 25.04
C GLU B 191 -10.22 -2.27 24.37
N ASP B 192 -11.44 -2.43 23.80
CA ASP B 192 -11.78 -3.64 23.07
C ASP B 192 -10.78 -3.77 21.90
N MET B 193 -10.24 -4.99 21.66
CA MET B 193 -9.24 -5.29 20.61
C MET B 193 -7.91 -4.48 20.81
N ASP B 194 -7.68 -3.93 22.03
CA ASP B 194 -6.53 -3.08 22.42
C ASP B 194 -6.39 -1.87 21.45
N LEU B 195 -7.53 -1.26 21.07
CA LEU B 195 -7.59 -0.08 20.20
C LEU B 195 -7.23 1.20 21.01
N TYR B 196 -7.14 2.32 20.30
CA TYR B 196 -6.94 3.65 20.87
C TYR B 196 -8.33 4.13 21.26
N SER B 197 -8.41 5.19 22.10
CA SER B 197 -9.65 5.87 22.44
C SER B 197 -9.38 7.36 22.61
N ILE B 198 -10.43 8.16 22.45
CA ILE B 198 -10.45 9.61 22.57
C ILE B 198 -11.65 9.94 23.47
N ASN B 199 -11.47 10.88 24.40
CA ASN B 199 -12.47 11.29 25.37
C ASN B 199 -12.38 12.79 25.52
N TYR B 200 -13.51 13.50 25.31
CA TYR B 200 -13.59 14.96 25.46
C TYR B 200 -14.59 15.29 26.58
N LEU B 201 -14.18 16.16 27.53
CA LEU B 201 -15.05 16.58 28.64
C LEU B 201 -15.76 17.89 28.21
N HIS B 202 -17.04 17.76 27.82
CA HIS B 202 -17.88 18.88 27.33
C HIS B 202 -18.09 19.99 28.35
N PHE B 203 -18.53 19.63 29.57
CA PHE B 203 -18.81 20.63 30.62
C PHE B 203 -18.80 19.96 31.98
N GLY B 204 -18.88 20.79 33.04
CA GLY B 204 -19.01 20.30 34.41
C GLY B 204 -17.76 20.07 35.23
N GLU B 205 -17.92 19.27 36.31
CA GLU B 205 -16.85 18.93 37.27
C GLU B 205 -15.78 17.98 36.68
N PRO B 206 -14.51 18.04 37.17
CA PRO B 206 -13.45 17.20 36.58
C PRO B 206 -13.62 15.67 36.64
N LYS B 207 -12.72 14.96 35.91
CA LYS B 207 -12.62 13.51 35.87
C LYS B 207 -11.12 13.17 36.09
N SER B 208 -10.80 12.36 37.13
CA SER B 208 -9.42 11.95 37.45
C SER B 208 -9.12 10.56 36.89
N TRP B 209 -7.90 10.37 36.35
CA TRP B 209 -7.45 9.15 35.70
C TRP B 209 -6.20 8.59 36.37
N TYR B 210 -6.03 7.25 36.29
CA TYR B 210 -4.84 6.48 36.70
C TYR B 210 -4.46 5.69 35.46
N SER B 211 -3.17 5.50 35.20
N SER B 211 -3.16 5.52 35.20
CA SER B 211 -2.69 4.76 34.03
CA SER B 211 -2.64 4.84 34.01
C SER B 211 -1.42 3.96 34.33
C SER B 211 -1.36 4.02 34.27
N VAL B 212 -1.25 2.82 33.65
CA VAL B 212 -0.09 1.93 33.76
C VAL B 212 0.57 1.89 32.35
N PRO B 213 1.89 2.21 32.21
CA PRO B 213 2.52 2.15 30.88
C PRO B 213 2.35 0.79 30.16
N PRO B 214 2.04 0.77 28.83
CA PRO B 214 1.91 -0.51 28.09
C PRO B 214 3.02 -1.53 28.30
N GLU B 215 4.29 -1.06 28.43
CA GLU B 215 5.46 -1.91 28.70
C GLU B 215 5.41 -2.59 30.10
N HIS B 216 4.51 -2.13 31.00
CA HIS B 216 4.34 -2.69 32.35
C HIS B 216 2.95 -3.35 32.57
N GLY B 217 2.16 -3.45 31.50
CA GLY B 217 0.81 -4.01 31.49
C GLY B 217 0.65 -5.43 32.01
N LYS B 218 1.61 -6.33 31.66
CA LYS B 218 1.61 -7.74 32.07
C LYS B 218 1.75 -7.89 33.59
N ARG B 219 2.47 -6.96 34.21
CA ARG B 219 2.70 -6.89 35.65
C ARG B 219 1.43 -6.53 36.41
N LEU B 220 0.57 -5.65 35.85
CA LEU B 220 -0.73 -5.36 36.47
C LEU B 220 -1.62 -6.63 36.40
N GLU B 221 -1.64 -7.31 35.23
CA GLU B 221 -2.40 -8.55 34.98
C GLU B 221 -2.05 -9.66 35.95
N ARG B 222 -0.74 -9.87 36.21
CA ARG B 222 -0.25 -10.89 37.12
C ARG B 222 -0.69 -10.59 38.55
N LEU B 223 -0.60 -9.31 38.98
CA LEU B 223 -1.06 -8.88 40.30
C LEU B 223 -2.58 -9.15 40.46
N ALA B 224 -3.40 -8.74 39.46
CA ALA B 224 -4.86 -8.94 39.48
C ALA B 224 -5.26 -10.43 39.51
N LYS B 225 -4.55 -11.30 38.75
CA LYS B 225 -4.78 -12.75 38.71
C LYS B 225 -4.51 -13.38 40.10
N GLY B 226 -3.46 -12.90 40.79
CA GLY B 226 -3.11 -13.36 42.14
C GLY B 226 -4.20 -13.04 43.15
N PHE B 227 -4.82 -11.85 43.05
CA PHE B 227 -5.90 -11.37 43.93
C PHE B 227 -7.26 -11.99 43.63
N PHE B 228 -7.54 -12.35 42.36
CA PHE B 228 -8.82 -12.96 41.95
C PHE B 228 -8.59 -14.28 41.18
N PRO B 229 -8.18 -15.38 41.89
CA PRO B 229 -7.90 -16.65 41.19
C PRO B 229 -9.13 -17.33 40.59
N GLY B 230 -10.28 -17.20 41.24
CA GLY B 230 -11.55 -17.76 40.77
C GLY B 230 -12.02 -17.13 39.47
N SER B 231 -11.95 -15.79 39.36
CA SER B 231 -12.30 -15.02 38.16
C SER B 231 -11.42 -15.40 36.97
N ALA B 232 -10.08 -15.48 37.20
CA ALA B 232 -9.09 -15.82 36.18
C ALA B 232 -9.23 -17.25 35.64
N GLN B 233 -9.61 -18.23 36.50
CA GLN B 233 -9.83 -19.62 36.10
C GLN B 233 -11.06 -19.74 35.17
N SER B 234 -12.10 -18.89 35.42
CA SER B 234 -13.34 -18.88 34.65
C SER B 234 -13.17 -18.20 33.27
N CYS B 235 -12.37 -17.12 33.20
CA CYS B 235 -12.11 -16.32 32.00
C CYS B 235 -10.67 -15.82 32.06
N GLU B 236 -9.90 -16.01 30.98
CA GLU B 236 -8.50 -15.55 30.88
C GLU B 236 -8.42 -14.01 30.94
N ALA B 237 -9.24 -13.32 30.14
CA ALA B 237 -9.27 -11.86 30.10
C ALA B 237 -10.42 -11.24 30.95
N PHE B 238 -10.52 -11.63 32.25
CA PHE B 238 -11.58 -11.18 33.19
C PHE B 238 -11.58 -9.64 33.43
N LEU B 239 -10.44 -8.94 33.21
CA LEU B 239 -10.39 -7.47 33.34
C LEU B 239 -11.27 -6.79 32.29
N ARG B 240 -11.50 -7.48 31.13
CA ARG B 240 -12.39 -6.98 30.06
C ARG B 240 -13.86 -6.88 30.50
N HIS B 241 -14.23 -7.51 31.65
CA HIS B 241 -15.58 -7.44 32.24
C HIS B 241 -15.80 -6.03 32.85
N LYS B 242 -14.70 -5.28 33.10
CA LYS B 242 -14.69 -3.92 33.64
C LYS B 242 -15.39 -3.80 35.02
N MET B 243 -15.01 -4.68 35.96
CA MET B 243 -15.57 -4.74 37.33
C MET B 243 -14.50 -4.58 38.43
N THR B 244 -13.21 -4.69 38.08
CA THR B 244 -12.09 -4.71 39.03
C THR B 244 -11.53 -3.31 39.35
N LEU B 245 -11.65 -2.89 40.65
CA LEU B 245 -11.11 -1.62 41.16
C LEU B 245 -9.92 -1.88 42.08
N ILE B 246 -8.77 -1.17 41.85
CA ILE B 246 -7.52 -1.31 42.62
C ILE B 246 -6.97 0.10 42.93
N SER B 247 -6.80 0.42 44.21
CA SER B 247 -6.32 1.76 44.59
C SER B 247 -4.83 2.01 44.25
N PRO B 248 -4.42 3.30 44.03
CA PRO B 248 -2.98 3.59 43.80
C PRO B 248 -2.06 3.11 44.92
N LEU B 249 -2.54 3.09 46.17
CA LEU B 249 -1.78 2.63 47.33
C LEU B 249 -1.46 1.13 47.26
N MET B 250 -2.37 0.34 46.67
CA MET B 250 -2.21 -1.11 46.47
C MET B 250 -1.15 -1.34 45.38
N LEU B 251 -1.21 -0.56 44.28
CA LEU B 251 -0.21 -0.60 43.20
C LEU B 251 1.20 -0.22 43.69
N LYS B 252 1.29 0.79 44.57
CA LYS B 252 2.56 1.28 45.15
C LYS B 252 3.16 0.25 46.12
N LYS B 253 2.30 -0.44 46.89
CA LYS B 253 2.71 -1.49 47.84
C LYS B 253 3.42 -2.65 47.11
N TYR B 254 2.92 -3.01 45.91
CA TYR B 254 3.46 -4.11 45.10
C TYR B 254 4.41 -3.66 43.99
N GLY B 255 4.86 -2.40 44.02
CA GLY B 255 5.82 -1.86 43.06
C GLY B 255 5.38 -1.82 41.60
N ILE B 256 4.07 -1.60 41.33
CA ILE B 256 3.58 -1.49 39.96
C ILE B 256 3.74 -0.01 39.51
N PRO B 257 4.45 0.30 38.39
CA PRO B 257 4.57 1.71 37.97
C PRO B 257 3.25 2.25 37.42
N PHE B 258 2.89 3.47 37.84
CA PHE B 258 1.66 4.12 37.39
C PHE B 258 1.84 5.64 37.44
N ASP B 259 0.91 6.35 36.80
CA ASP B 259 0.85 7.80 36.84
C ASP B 259 -0.61 8.24 36.99
N LYS B 260 -0.83 9.50 37.38
CA LYS B 260 -2.15 10.08 37.56
C LYS B 260 -2.26 11.47 36.93
N VAL B 261 -3.48 11.84 36.51
CA VAL B 261 -3.82 13.14 35.87
C VAL B 261 -5.31 13.45 36.07
N THR B 262 -5.65 14.74 36.18
CA THR B 262 -7.01 15.24 36.26
C THR B 262 -7.37 16.01 34.95
N GLN B 263 -8.48 15.61 34.33
CA GLN B 263 -9.02 16.19 33.12
C GLN B 263 -10.11 17.22 33.51
N GLU B 264 -10.03 18.43 32.93
CA GLU B 264 -11.00 19.49 33.19
C GLU B 264 -11.83 19.76 31.93
N ALA B 265 -12.95 20.50 32.08
CA ALA B 265 -13.85 20.82 30.98
C ALA B 265 -13.11 21.52 29.83
N GLY B 266 -13.34 21.04 28.62
CA GLY B 266 -12.74 21.57 27.41
C GLY B 266 -11.45 20.89 27.02
N GLU B 267 -11.08 19.78 27.69
CA GLU B 267 -9.83 19.05 27.39
C GLU B 267 -10.07 17.66 26.83
N PHE B 268 -9.12 17.17 25.99
CA PHE B 268 -9.15 15.82 25.39
C PHE B 268 -8.15 14.89 26.11
N MET B 269 -8.53 13.61 26.31
CA MET B 269 -7.63 12.57 26.81
C MET B 269 -7.52 11.51 25.69
N ILE B 270 -6.29 11.03 25.41
CA ILE B 270 -6.03 9.98 24.41
C ILE B 270 -5.48 8.74 25.14
N THR B 271 -6.10 7.54 24.95
CA THR B 271 -5.59 6.27 25.45
C THR B 271 -4.97 5.52 24.26
N PHE B 272 -3.83 4.85 24.49
CA PHE B 272 -3.08 4.18 23.43
C PHE B 272 -3.23 2.65 23.54
N PRO B 273 -2.91 1.89 22.45
CA PRO B 273 -3.03 0.41 22.52
C PRO B 273 -2.32 -0.25 23.70
N TYR B 274 -3.07 -1.10 24.43
CA TYR B 274 -2.62 -1.87 25.59
C TYR B 274 -2.25 -0.96 26.83
N GLY B 275 -2.81 0.24 26.86
CA GLY B 275 -2.66 1.13 28.01
C GLY B 275 -3.78 0.92 29.00
N TYR B 276 -3.49 0.33 30.19
CA TYR B 276 -4.52 0.12 31.22
C TYR B 276 -4.82 1.46 31.90
N HIS B 277 -6.13 1.77 32.08
CA HIS B 277 -6.61 2.99 32.74
C HIS B 277 -7.84 2.73 33.62
N ALA B 278 -8.05 3.59 34.65
CA ALA B 278 -9.17 3.60 35.61
C ALA B 278 -9.36 5.04 36.14
N GLY B 279 -10.44 5.30 36.86
CA GLY B 279 -10.67 6.63 37.41
C GLY B 279 -12.07 6.93 37.92
N PHE B 280 -12.34 8.20 38.25
CA PHE B 280 -13.61 8.62 38.83
C PHE B 280 -14.02 10.07 38.49
N ASN B 281 -15.31 10.38 38.63
CA ASN B 281 -15.88 11.72 38.39
C ASN B 281 -16.01 12.50 39.71
N HIS B 282 -15.65 13.81 39.70
CA HIS B 282 -15.70 14.72 40.88
C HIS B 282 -17.11 15.25 41.15
N GLY B 283 -17.98 15.18 40.15
CA GLY B 283 -19.35 15.69 40.24
C GLY B 283 -20.06 15.64 38.91
N PHE B 284 -21.16 16.41 38.76
CA PHE B 284 -21.96 16.46 37.54
C PHE B 284 -21.16 16.96 36.32
N ASN B 285 -21.11 16.12 35.26
CA ASN B 285 -20.39 16.43 34.03
C ASN B 285 -20.89 15.60 32.86
N CYS B 286 -20.33 15.82 31.67
CA CYS B 286 -20.63 15.08 30.46
C CYS B 286 -19.40 14.97 29.58
N ALA B 287 -19.07 13.73 29.19
CA ALA B 287 -17.94 13.37 28.34
C ALA B 287 -18.43 12.60 27.12
N GLU B 288 -17.74 12.77 25.99
CA GLU B 288 -18.03 12.07 24.73
C GLU B 288 -16.80 11.25 24.35
N SER B 289 -17.00 9.98 23.93
CA SER B 289 -15.86 9.12 23.56
C SER B 289 -16.14 8.18 22.41
N THR B 290 -15.06 7.65 21.79
CA THR B 290 -15.09 6.64 20.71
C THR B 290 -13.74 5.94 20.61
N ASN B 291 -13.67 4.87 19.79
CA ASN B 291 -12.41 4.18 19.51
C ASN B 291 -11.92 4.60 18.12
N PHE B 292 -10.61 4.47 17.86
CA PHE B 292 -9.98 4.79 16.58
C PHE B 292 -8.71 3.95 16.40
N ALA B 293 -8.11 3.94 15.19
CA ALA B 293 -6.90 3.16 14.90
C ALA B 293 -5.87 3.94 14.10
N THR B 294 -4.60 3.47 14.14
CA THR B 294 -3.46 3.91 13.34
C THR B 294 -2.87 2.62 12.77
N ARG B 295 -1.91 2.70 11.83
CA ARG B 295 -1.26 1.51 11.27
C ARG B 295 -0.54 0.64 12.34
N ARG B 296 -0.01 1.27 13.42
CA ARG B 296 0.66 0.60 14.55
C ARG B 296 -0.29 -0.36 15.34
N TRP B 297 -1.63 -0.08 15.33
CA TRP B 297 -2.64 -0.87 16.03
C TRP B 297 -2.81 -2.30 15.48
N ILE B 298 -2.66 -2.50 14.15
CA ILE B 298 -2.90 -3.80 13.48
C ILE B 298 -2.24 -4.97 14.23
N GLU B 299 -0.95 -4.86 14.61
CA GLU B 299 -0.25 -5.91 15.37
C GLU B 299 -0.89 -6.21 16.74
N TYR B 300 -1.30 -5.15 17.50
CA TYR B 300 -1.98 -5.24 18.78
C TYR B 300 -3.33 -5.96 18.62
N GLY B 301 -4.09 -5.64 17.57
CA GLY B 301 -5.37 -6.29 17.26
C GLY B 301 -5.21 -7.77 16.96
N LYS B 302 -4.11 -8.16 16.28
CA LYS B 302 -3.84 -9.56 15.93
C LYS B 302 -3.48 -10.40 17.17
N GLN B 303 -2.82 -9.77 18.17
CA GLN B 303 -2.34 -10.44 19.40
C GLN B 303 -3.20 -10.21 20.66
N ALA B 304 -4.28 -9.43 20.58
CA ALA B 304 -5.15 -9.11 21.74
C ALA B 304 -5.77 -10.36 22.37
N VAL B 305 -5.70 -10.50 23.73
CA VAL B 305 -6.28 -11.64 24.46
C VAL B 305 -7.74 -11.29 24.76
N LEU B 306 -8.69 -12.09 24.23
CA LEU B 306 -10.14 -11.82 24.33
C LEU B 306 -10.90 -12.62 25.38
N CYS B 307 -12.05 -12.08 25.87
CA CYS B 307 -12.93 -12.73 26.85
C CYS B 307 -13.62 -13.94 26.19
N SER B 308 -13.58 -15.09 26.88
CA SER B 308 -14.08 -16.38 26.43
C SER B 308 -15.43 -16.84 27.01
N CYS B 309 -15.73 -16.41 28.25
CA CYS B 309 -16.94 -16.82 28.97
C CYS B 309 -18.26 -16.22 28.43
N ARG B 310 -18.19 -15.05 27.76
CA ARG B 310 -19.38 -14.37 27.25
C ARG B 310 -19.51 -14.47 25.73
N LYS B 311 -20.75 -14.64 25.25
CA LYS B 311 -21.08 -14.74 23.81
C LYS B 311 -21.30 -13.37 23.17
N ASP B 312 -21.71 -12.37 23.98
CA ASP B 312 -21.99 -11.00 23.55
C ASP B 312 -20.75 -10.08 23.52
N MET B 313 -19.53 -10.65 23.66
CA MET B 313 -18.28 -9.87 23.67
C MET B 313 -17.91 -9.33 22.27
N VAL B 314 -17.31 -8.12 22.23
CA VAL B 314 -16.90 -7.43 21.01
C VAL B 314 -15.66 -8.10 20.41
N LYS B 315 -15.83 -8.67 19.20
CA LYS B 315 -14.76 -9.30 18.43
C LYS B 315 -14.76 -8.74 17.00
N ILE B 316 -13.61 -8.22 16.58
CA ILE B 316 -13.40 -7.68 15.24
C ILE B 316 -12.50 -8.66 14.47
N SER B 317 -12.90 -9.03 13.24
CA SER B 317 -12.10 -9.89 12.37
C SER B 317 -10.95 -9.01 11.84
N MET B 318 -9.70 -9.48 12.01
CA MET B 318 -8.49 -8.76 11.59
C MET B 318 -8.10 -9.00 10.13
N ASP B 319 -8.73 -10.00 9.48
CA ASP B 319 -8.44 -10.44 8.10
C ASP B 319 -8.36 -9.29 7.05
N VAL B 320 -9.31 -8.33 7.08
CA VAL B 320 -9.37 -7.20 6.15
C VAL B 320 -8.11 -6.28 6.28
N PHE B 321 -7.58 -6.10 7.52
CA PHE B 321 -6.39 -5.28 7.80
C PHE B 321 -5.09 -5.99 7.38
N VAL B 322 -5.02 -7.33 7.59
CA VAL B 322 -3.85 -8.15 7.21
C VAL B 322 -3.70 -8.20 5.67
N ARG B 323 -4.80 -8.34 4.92
CA ARG B 323 -4.81 -8.34 3.45
C ARG B 323 -4.32 -7.01 2.86
N LYS B 324 -4.84 -5.89 3.36
CA LYS B 324 -4.53 -4.54 2.87
C LYS B 324 -3.14 -4.02 3.27
N PHE B 325 -2.76 -4.16 4.56
CA PHE B 325 -1.52 -3.58 5.06
C PHE B 325 -0.34 -4.56 5.20
N GLN B 326 -0.59 -5.88 5.29
CA GLN B 326 0.47 -6.88 5.40
C GLN B 326 0.24 -8.01 4.36
N PRO B 327 0.03 -7.74 3.04
CA PRO B 327 -0.26 -8.84 2.10
C PRO B 327 0.78 -9.96 2.01
N GLU B 328 2.05 -9.63 2.27
CA GLU B 328 3.19 -10.58 2.24
C GLU B 328 3.19 -11.55 3.44
N ARG B 329 2.47 -11.21 4.53
N ARG B 329 2.47 -11.20 4.54
CA ARG B 329 2.36 -11.99 5.78
CA ARG B 329 2.37 -11.99 5.77
C ARG B 329 1.04 -12.77 5.88
C ARG B 329 1.04 -12.77 5.88
N TYR B 330 0.11 -12.56 4.92
CA TYR B 330 -1.23 -13.16 4.91
C TYR B 330 -1.26 -14.70 5.03
N LYS B 331 -0.51 -15.42 4.17
CA LYS B 331 -0.44 -16.89 4.23
C LYS B 331 0.14 -17.36 5.57
N LEU B 332 1.23 -16.74 6.03
CA LEU B 332 1.91 -17.06 7.30
C LEU B 332 0.97 -16.88 8.50
N TRP B 333 0.22 -15.77 8.55
CA TRP B 333 -0.72 -15.43 9.61
C TRP B 333 -1.90 -16.41 9.73
N LYS B 334 -2.50 -16.80 8.59
CA LYS B 334 -3.60 -17.77 8.56
C LYS B 334 -3.15 -19.17 9.01
N ALA B 335 -1.86 -19.51 8.79
CA ALA B 335 -1.24 -20.77 9.21
C ALA B 335 -0.91 -20.76 10.72
N GLY B 336 -0.91 -19.56 11.31
CA GLY B 336 -0.61 -19.34 12.73
C GLY B 336 0.88 -19.28 13.01
N LYS B 337 1.70 -19.03 11.96
CA LYS B 337 3.15 -18.97 12.05
C LYS B 337 3.73 -17.53 12.06
N ASP B 338 2.90 -16.52 12.40
CA ASP B 338 3.37 -15.14 12.49
C ASP B 338 3.84 -14.87 13.93
N ASN B 339 5.18 -14.98 14.14
CA ASN B 339 5.84 -14.84 15.45
C ASN B 339 6.41 -13.43 15.73
N THR B 340 5.66 -12.38 15.34
CA THR B 340 6.03 -10.98 15.55
C THR B 340 5.94 -10.61 17.04
N VAL B 341 6.99 -9.96 17.57
CA VAL B 341 7.06 -9.49 18.95
C VAL B 341 6.82 -7.98 18.91
N ILE B 342 5.86 -7.49 19.70
CA ILE B 342 5.55 -6.05 19.76
C ILE B 342 6.57 -5.33 20.64
N ASP B 343 7.11 -4.19 20.15
CA ASP B 343 7.97 -3.30 20.91
C ASP B 343 7.12 -2.05 21.18
N HIS B 344 6.65 -1.92 22.45
CA HIS B 344 5.77 -0.84 22.93
C HIS B 344 6.36 0.59 22.87
N THR B 345 7.70 0.71 22.74
CA THR B 345 8.38 2.02 22.69
C THR B 345 8.38 2.66 21.29
N LEU B 346 8.25 1.85 20.23
CA LEU B 346 8.29 2.27 18.83
C LEU B 346 7.07 3.15 18.42
N PRO B 347 7.29 4.32 17.77
CA PRO B 347 6.15 5.14 17.32
C PRO B 347 5.52 4.60 16.03
N THR B 348 4.25 5.02 15.72
CA THR B 348 3.50 4.61 14.53
C THR B 348 4.27 4.96 13.21
N PRO B 349 4.20 4.14 12.12
CA PRO B 349 4.95 4.50 10.89
C PRO B 349 4.68 5.88 10.30
N GLU B 350 3.45 6.43 10.48
CA GLU B 350 3.03 7.75 10.00
C GLU B 350 3.83 8.93 10.64
N ALA B 351 4.57 8.67 11.74
CA ALA B 351 5.41 9.63 12.48
C ALA B 351 6.80 9.86 11.84
N ALA B 352 7.08 9.18 10.71
CA ALA B 352 8.34 9.24 9.95
C ALA B 352 8.83 10.66 9.66
N GLU B 353 7.92 11.54 9.17
CA GLU B 353 8.17 12.94 8.84
C GLU B 353 8.63 13.81 10.04
N PHE B 354 8.19 13.47 11.26
CA PHE B 354 8.51 14.19 12.49
C PHE B 354 9.84 13.75 13.15
N LEU B 355 10.40 12.59 12.71
CA LEU B 355 11.66 12.04 13.21
C LEU B 355 12.87 12.73 12.59
N SER C 12 -58.15 6.03 -10.10
CA SER C 12 -57.23 6.67 -11.05
C SER C 12 -55.78 6.71 -10.56
N ALA C 13 -55.53 7.23 -9.32
CA ALA C 13 -54.21 7.38 -8.67
C ALA C 13 -53.17 8.20 -9.52
N ARG C 14 -53.65 9.26 -10.20
N ARG C 14 -53.65 9.24 -10.21
CA ARG C 14 -52.84 10.14 -11.06
CA ARG C 14 -52.80 10.11 -11.06
C ARG C 14 -52.13 11.23 -10.23
C ARG C 14 -52.12 11.21 -10.23
N ILE C 15 -50.95 11.69 -10.69
CA ILE C 15 -50.15 12.76 -10.01
C ILE C 15 -50.93 14.10 -10.02
N MET C 16 -51.10 14.72 -8.83
CA MET C 16 -51.84 15.98 -8.66
C MET C 16 -50.92 17.21 -8.49
N THR C 17 -51.35 18.38 -9.00
CA THR C 17 -50.66 19.68 -8.90
C THR C 17 -51.50 20.66 -8.04
N PHE C 18 -50.83 21.39 -7.12
CA PHE C 18 -51.47 22.32 -6.18
C PHE C 18 -50.84 23.70 -6.28
N TYR C 19 -51.67 24.73 -6.14
CA TYR C 19 -51.29 26.14 -6.25
C TYR C 19 -51.66 26.91 -4.95
N PRO C 20 -50.90 26.74 -3.83
CA PRO C 20 -51.29 27.44 -2.58
C PRO C 20 -51.18 28.97 -2.65
N THR C 21 -51.98 29.65 -1.83
CA THR C 21 -51.93 31.11 -1.72
C THR C 21 -50.76 31.41 -0.77
N MET C 22 -50.35 32.69 -0.61
CA MET C 22 -49.26 33.02 0.31
C MET C 22 -49.59 32.60 1.77
N GLU C 23 -50.86 32.79 2.19
CA GLU C 23 -51.35 32.44 3.52
C GLU C 23 -51.40 30.92 3.76
N GLU C 24 -51.72 30.13 2.72
CA GLU C 24 -51.75 28.66 2.79
C GLU C 24 -50.32 28.10 2.87
N PHE C 25 -49.39 28.79 2.19
CA PHE C 25 -47.97 28.44 2.06
C PHE C 25 -47.13 28.62 3.34
N ARG C 26 -47.56 29.48 4.27
CA ARG C 26 -46.80 29.76 5.50
C ARG C 26 -46.72 28.58 6.49
N ASN C 27 -47.70 27.66 6.48
CA ASN C 27 -47.70 26.49 7.37
C ASN C 27 -47.49 25.23 6.52
N PHE C 28 -46.26 24.67 6.59
CA PHE C 28 -45.85 23.50 5.79
C PHE C 28 -46.63 22.23 6.14
N SER C 29 -46.60 21.80 7.42
CA SER C 29 -47.24 20.58 7.93
C SER C 29 -48.73 20.54 7.72
N ARG C 30 -49.39 21.71 7.82
CA ARG C 30 -50.83 21.82 7.63
C ARG C 30 -51.17 21.70 6.14
N TYR C 31 -50.26 22.18 5.25
CA TYR C 31 -50.51 22.08 3.82
C TYR C 31 -50.34 20.65 3.30
N ILE C 32 -49.41 19.86 3.89
CA ILE C 32 -49.19 18.44 3.55
C ILE C 32 -50.44 17.65 4.03
N ALA C 33 -51.02 18.05 5.18
CA ALA C 33 -52.24 17.45 5.72
C ALA C 33 -53.41 17.73 4.75
N TYR C 34 -53.46 18.94 4.16
CA TYR C 34 -54.47 19.33 3.17
C TYR C 34 -54.37 18.54 1.85
N ILE C 35 -53.14 18.35 1.30
CA ILE C 35 -53.00 17.65 0.02
C ILE C 35 -53.39 16.15 0.16
N GLU C 36 -53.22 15.55 1.35
CA GLU C 36 -53.61 14.16 1.62
C GLU C 36 -55.14 14.01 1.73
N SER C 37 -55.83 15.04 2.25
CA SER C 37 -57.31 15.05 2.35
C SER C 37 -57.96 15.09 0.95
N GLN C 38 -57.19 15.54 -0.06
CA GLN C 38 -57.57 15.61 -1.46
C GLN C 38 -57.15 14.31 -2.20
N GLY C 39 -56.40 13.45 -1.50
CA GLY C 39 -55.93 12.17 -2.02
C GLY C 39 -54.63 12.17 -2.80
N ALA C 40 -53.76 13.18 -2.60
CA ALA C 40 -52.49 13.31 -3.31
C ALA C 40 -51.50 12.14 -3.08
N HIS C 41 -51.55 11.54 -1.88
CA HIS C 41 -50.68 10.44 -1.45
C HIS C 41 -50.85 9.14 -2.27
N ARG C 42 -52.04 8.91 -2.86
CA ARG C 42 -52.34 7.71 -3.63
C ARG C 42 -51.43 7.50 -4.85
N ALA C 43 -50.95 8.59 -5.48
CA ALA C 43 -50.05 8.50 -6.63
C ALA C 43 -48.59 8.25 -6.22
N GLY C 44 -48.25 8.59 -4.97
CA GLY C 44 -46.91 8.44 -4.41
C GLY C 44 -46.02 9.64 -4.68
N LEU C 45 -46.51 10.60 -5.50
CA LEU C 45 -45.83 11.81 -5.93
C LEU C 45 -46.84 12.94 -6.22
N ALA C 46 -46.53 14.19 -5.78
CA ALA C 46 -47.36 15.37 -6.05
C ALA C 46 -46.50 16.61 -6.34
N LYS C 47 -46.99 17.51 -7.22
CA LYS C 47 -46.31 18.77 -7.57
C LYS C 47 -46.96 19.93 -6.80
N VAL C 48 -46.14 20.84 -6.26
CA VAL C 48 -46.61 22.04 -5.54
C VAL C 48 -45.95 23.27 -6.16
N VAL C 49 -46.76 24.17 -6.73
CA VAL C 49 -46.31 25.43 -7.34
C VAL C 49 -46.45 26.57 -6.31
N PRO C 50 -45.33 27.16 -5.84
CA PRO C 50 -45.41 28.22 -4.83
C PRO C 50 -46.00 29.55 -5.33
N PRO C 51 -46.49 30.45 -4.42
CA PRO C 51 -46.98 31.77 -4.87
C PRO C 51 -45.90 32.54 -5.64
N LYS C 52 -46.31 33.28 -6.69
CA LYS C 52 -45.43 34.08 -7.56
C LYS C 52 -44.48 35.03 -6.83
N GLU C 53 -44.93 35.66 -5.73
CA GLU C 53 -44.16 36.62 -4.94
C GLU C 53 -43.03 36.01 -4.09
N TRP C 54 -43.04 34.67 -3.91
CA TRP C 54 -42.05 33.95 -3.11
C TRP C 54 -40.79 33.59 -3.89
N LYS C 55 -39.62 33.85 -3.27
CA LYS C 55 -38.29 33.56 -3.82
C LYS C 55 -37.31 33.17 -2.71
N PRO C 56 -36.61 32.01 -2.81
CA PRO C 56 -35.70 31.60 -1.73
C PRO C 56 -34.29 32.22 -1.77
N ARG C 57 -33.89 32.83 -2.91
CA ARG C 57 -32.58 33.46 -3.13
C ARG C 57 -32.72 34.49 -4.24
N ALA C 58 -32.14 35.70 -4.05
CA ALA C 58 -32.25 36.80 -5.03
C ALA C 58 -31.57 36.54 -6.40
N SER C 59 -30.37 35.91 -6.38
CA SER C 59 -29.57 35.62 -7.57
C SER C 59 -28.75 34.33 -7.39
N TYR C 60 -28.46 33.67 -8.53
CA TYR C 60 -27.67 32.43 -8.58
C TYR C 60 -26.31 32.65 -9.35
N ASP C 61 -25.95 33.92 -9.61
CA ASP C 61 -24.71 34.30 -10.32
C ASP C 61 -23.46 34.41 -9.40
N ASP C 62 -23.54 33.91 -8.15
CA ASP C 62 -22.47 34.01 -7.16
C ASP C 62 -22.03 32.65 -6.54
N ILE C 63 -22.26 31.55 -7.27
CA ILE C 63 -21.96 30.20 -6.77
C ILE C 63 -20.96 29.42 -7.69
N ASP C 64 -20.24 30.11 -8.59
CA ASP C 64 -19.29 29.50 -9.54
C ASP C 64 -18.13 28.75 -8.90
N ASP C 65 -17.61 29.27 -7.77
CA ASP C 65 -16.50 28.69 -7.02
C ASP C 65 -16.92 27.63 -6.00
N LEU C 66 -18.25 27.34 -5.89
CA LEU C 66 -18.78 26.31 -4.96
C LEU C 66 -18.22 24.93 -5.36
N VAL C 67 -17.67 24.22 -4.38
CA VAL C 67 -17.02 22.92 -4.56
C VAL C 67 -18.00 21.75 -4.50
N ILE C 68 -17.90 20.85 -5.49
CA ILE C 68 -18.63 19.59 -5.56
C ILE C 68 -17.55 18.57 -5.12
N PRO C 69 -17.52 18.15 -3.84
CA PRO C 69 -16.44 17.27 -3.36
C PRO C 69 -16.32 15.89 -4.03
N ALA C 70 -17.46 15.21 -4.26
CA ALA C 70 -17.43 13.87 -4.85
C ALA C 70 -18.30 13.71 -6.14
N PRO C 71 -17.89 14.30 -7.30
CA PRO C 71 -18.69 14.11 -8.54
C PRO C 71 -18.64 12.68 -9.02
N ILE C 72 -19.77 12.13 -9.56
CA ILE C 72 -19.79 10.73 -10.00
C ILE C 72 -20.08 10.57 -11.50
N GLN C 73 -19.28 9.75 -12.19
CA GLN C 73 -19.53 9.43 -13.59
C GLN C 73 -20.49 8.22 -13.56
N GLN C 74 -21.64 8.33 -14.26
CA GLN C 74 -22.70 7.30 -14.27
C GLN C 74 -22.58 6.36 -15.47
N LEU C 75 -21.97 5.18 -15.24
CA LEU C 75 -21.80 4.14 -16.25
C LEU C 75 -23.01 3.23 -16.20
N VAL C 76 -23.65 2.98 -17.34
CA VAL C 76 -24.88 2.17 -17.44
C VAL C 76 -24.64 0.99 -18.37
N THR C 77 -25.03 -0.22 -17.91
CA THR C 77 -24.92 -1.48 -18.64
C THR C 77 -26.28 -2.17 -18.71
N GLY C 78 -26.58 -2.77 -19.86
CA GLY C 78 -27.83 -3.49 -20.05
C GLY C 78 -28.42 -3.41 -21.44
N GLN C 79 -29.63 -3.98 -21.58
CA GLN C 79 -30.41 -4.05 -22.82
C GLN C 79 -31.86 -4.42 -22.54
N SER C 80 -32.75 -4.18 -23.52
CA SER C 80 -34.19 -4.49 -23.51
C SER C 80 -34.95 -3.87 -22.30
N GLY C 81 -34.67 -2.59 -22.05
CA GLY C 81 -35.32 -1.79 -21.02
C GLY C 81 -34.93 -2.08 -19.58
N LEU C 82 -33.91 -2.94 -19.36
CA LEU C 82 -33.41 -3.31 -18.02
C LEU C 82 -31.94 -3.03 -17.94
N PHE C 83 -31.56 -2.15 -17.01
CA PHE C 83 -30.18 -1.67 -16.87
C PHE C 83 -29.70 -1.60 -15.42
N THR C 84 -28.36 -1.57 -15.25
CA THR C 84 -27.65 -1.42 -13.96
C THR C 84 -26.69 -0.23 -14.09
N GLN C 85 -26.75 0.71 -13.13
CA GLN C 85 -25.93 1.92 -13.06
C GLN C 85 -24.81 1.75 -12.04
N TYR C 86 -23.58 2.06 -12.46
CA TYR C 86 -22.36 1.98 -11.67
C TYR C 86 -21.81 3.39 -11.46
N ASN C 87 -21.55 3.76 -10.20
CA ASN C 87 -21.05 5.10 -9.88
C ASN C 87 -19.54 5.09 -9.73
N ILE C 88 -18.87 5.94 -10.52
CA ILE C 88 -17.41 6.04 -10.52
C ILE C 88 -17.06 7.45 -10.03
N GLN C 89 -16.46 7.55 -8.83
CA GLN C 89 -16.11 8.82 -8.22
C GLN C 89 -14.92 9.49 -8.91
N LYS C 90 -15.08 10.77 -9.24
CA LYS C 90 -14.05 11.60 -9.87
C LYS C 90 -13.52 12.58 -8.83
N LYS C 91 -12.45 13.34 -9.17
CA LYS C 91 -11.89 14.33 -8.24
C LYS C 91 -12.81 15.56 -8.13
N ALA C 92 -12.68 16.32 -7.01
CA ALA C 92 -13.44 17.52 -6.71
C ALA C 92 -13.31 18.57 -7.82
N MET C 93 -14.44 19.23 -8.13
CA MET C 93 -14.52 20.26 -9.16
C MET C 93 -15.46 21.37 -8.71
N THR C 94 -15.40 22.54 -9.35
CA THR C 94 -16.25 23.68 -9.03
C THR C 94 -17.50 23.66 -9.91
N VAL C 95 -18.53 24.46 -9.55
CA VAL C 95 -19.76 24.66 -10.33
C VAL C 95 -19.38 25.17 -11.75
N ARG C 96 -18.39 26.09 -11.84
CA ARG C 96 -17.86 26.67 -13.09
C ARG C 96 -17.37 25.55 -14.05
N GLU C 97 -16.50 24.65 -13.55
CA GLU C 97 -15.93 23.51 -14.28
C GLU C 97 -17.01 22.52 -14.74
N PHE C 98 -17.98 22.23 -13.84
CA PHE C 98 -19.12 21.32 -14.09
C PHE C 98 -20.00 21.82 -15.26
N ARG C 99 -20.37 23.11 -15.25
CA ARG C 99 -21.17 23.72 -16.30
C ARG C 99 -20.51 23.68 -17.70
N LYS C 100 -19.17 23.91 -17.79
CA LYS C 100 -18.45 23.89 -19.08
C LYS C 100 -18.57 22.50 -19.74
N ILE C 101 -18.46 21.42 -18.95
CA ILE C 101 -18.62 20.05 -19.40
C ILE C 101 -20.07 19.84 -19.85
N ALA C 102 -21.05 20.26 -19.01
CA ALA C 102 -22.50 20.13 -19.25
C ALA C 102 -22.97 20.81 -20.56
N ASN C 103 -22.40 21.99 -20.88
CA ASN C 103 -22.82 22.76 -22.06
C ASN C 103 -21.96 22.52 -23.32
N SER C 104 -20.97 21.61 -23.24
CA SER C 104 -20.11 21.26 -24.37
C SER C 104 -20.83 20.41 -25.42
N ASP C 105 -20.37 20.47 -26.68
CA ASP C 105 -20.89 19.73 -27.84
C ASP C 105 -21.13 18.23 -27.54
N LYS C 106 -20.19 17.59 -26.82
CA LYS C 106 -20.30 16.17 -26.47
C LYS C 106 -21.36 15.86 -25.43
N TYR C 107 -21.60 16.75 -24.44
CA TYR C 107 -22.51 16.47 -23.32
C TYR C 107 -23.87 17.24 -23.27
N CYS C 108 -24.07 18.28 -24.10
N CYS C 108 -24.07 18.28 -24.11
CA CYS C 108 -25.30 19.08 -24.10
CA CYS C 108 -25.30 19.09 -24.13
C CYS C 108 -26.54 18.32 -24.61
C CYS C 108 -26.54 18.31 -24.62
N THR C 109 -27.74 18.84 -24.30
CA THR C 109 -29.05 18.28 -24.67
C THR C 109 -29.25 18.23 -26.20
N PRO C 110 -29.82 17.14 -26.77
CA PRO C 110 -30.07 17.14 -28.23
C PRO C 110 -31.31 17.98 -28.60
N ARG C 111 -31.49 18.27 -29.91
CA ARG C 111 -32.65 19.05 -30.39
C ARG C 111 -33.94 18.25 -30.25
N TYR C 112 -35.00 18.88 -29.71
CA TYR C 112 -36.30 18.23 -29.51
C TYR C 112 -37.49 19.18 -29.59
N SER C 113 -38.62 18.67 -30.11
CA SER C 113 -39.87 19.43 -30.27
C SER C 113 -40.81 19.25 -29.07
N GLU C 114 -41.04 18.00 -28.66
CA GLU C 114 -41.92 17.61 -27.54
C GLU C 114 -41.19 16.64 -26.58
N PHE C 115 -41.73 16.47 -25.34
CA PHE C 115 -41.16 15.60 -24.31
C PHE C 115 -40.99 14.14 -24.74
N GLU C 116 -42.01 13.58 -25.43
CA GLU C 116 -42.02 12.20 -25.91
C GLU C 116 -40.80 11.89 -26.80
N GLU C 117 -40.33 12.91 -27.57
CA GLU C 117 -39.15 12.83 -28.44
C GLU C 117 -37.87 12.73 -27.59
N LEU C 118 -37.73 13.59 -26.55
CA LEU C 118 -36.55 13.58 -25.68
C LEU C 118 -36.51 12.32 -24.80
N GLU C 119 -37.69 11.84 -24.35
CA GLU C 119 -37.83 10.63 -23.54
C GLU C 119 -37.32 9.43 -24.36
N ARG C 120 -37.64 9.39 -25.68
CA ARG C 120 -37.16 8.36 -26.61
C ARG C 120 -35.63 8.35 -26.75
N LYS C 121 -35.01 9.54 -26.88
CA LYS C 121 -33.56 9.74 -26.98
C LYS C 121 -32.83 9.28 -25.71
N TYR C 122 -33.37 9.59 -24.52
CA TYR C 122 -32.79 9.18 -23.23
C TYR C 122 -32.71 7.66 -23.11
N TRP C 123 -33.82 6.94 -23.33
CA TRP C 123 -33.85 5.47 -23.24
C TRP C 123 -32.99 4.77 -24.34
N LYS C 124 -32.85 5.41 -25.51
CA LYS C 124 -32.05 4.89 -26.64
C LYS C 124 -30.54 5.08 -26.41
N ASN C 125 -30.15 6.20 -25.74
CA ASN C 125 -28.74 6.55 -25.54
C ASN C 125 -28.17 6.50 -24.10
N LEU C 126 -28.91 5.98 -23.10
N LEU C 126 -28.91 5.90 -23.16
CA LEU C 126 -28.43 5.99 -21.70
CA LEU C 126 -28.62 5.73 -21.73
C LEU C 126 -27.13 5.17 -21.44
C LEU C 126 -27.27 5.08 -21.42
N THR C 127 -26.81 4.15 -22.28
CA THR C 127 -25.57 3.39 -22.09
C THR C 127 -24.35 4.05 -22.78
N PHE C 128 -24.58 5.13 -23.57
CA PHE C 128 -23.52 5.82 -24.31
C PHE C 128 -23.13 7.15 -23.70
N ASN C 129 -21.86 7.58 -23.89
N ASN C 129 -21.85 7.57 -23.88
CA ASN C 129 -21.29 8.84 -23.38
CA ASN C 129 -21.27 8.83 -23.39
C ASN C 129 -21.68 9.13 -21.91
C ASN C 129 -21.68 9.11 -21.91
N PRO C 130 -21.14 8.35 -20.93
CA PRO C 130 -21.53 8.54 -19.52
C PRO C 130 -21.38 9.96 -18.95
N PRO C 131 -22.48 10.52 -18.42
CA PRO C 131 -22.41 11.90 -17.89
C PRO C 131 -21.84 11.96 -16.47
N ILE C 132 -21.63 13.17 -15.93
CA ILE C 132 -21.13 13.39 -14.58
C ILE C 132 -22.26 14.03 -13.77
N TYR C 133 -22.55 13.48 -12.58
CA TYR C 133 -23.60 13.98 -11.70
C TYR C 133 -22.98 14.59 -10.43
N GLY C 134 -23.24 15.87 -10.20
CA GLY C 134 -22.75 16.59 -9.02
C GLY C 134 -23.71 16.43 -7.85
N ALA C 135 -23.86 15.17 -7.41
CA ALA C 135 -24.82 14.69 -6.42
C ALA C 135 -24.35 14.64 -4.96
N ASP C 136 -25.34 14.68 -4.03
CA ASP C 136 -25.18 14.60 -2.57
C ASP C 136 -24.20 15.61 -1.98
N VAL C 137 -24.29 16.88 -2.43
CA VAL C 137 -23.43 17.94 -1.89
C VAL C 137 -24.13 18.46 -0.64
N ASN C 138 -23.44 18.43 0.51
CA ASN C 138 -23.97 18.96 1.77
C ASN C 138 -24.12 20.49 1.67
N GLY C 139 -25.35 20.97 1.75
CA GLY C 139 -25.59 22.41 1.71
C GLY C 139 -26.97 22.84 1.28
N THR C 140 -27.16 24.16 1.33
CA THR C 140 -28.38 24.87 0.99
C THR C 140 -28.10 26.12 0.13
N LEU C 141 -29.08 26.50 -0.71
CA LEU C 141 -29.02 27.70 -1.52
C LEU C 141 -30.04 28.74 -1.03
N TYR C 142 -30.82 28.39 0.02
CA TYR C 142 -31.79 29.28 0.66
C TYR C 142 -31.06 30.37 1.42
N GLU C 143 -31.66 31.59 1.47
CA GLU C 143 -31.12 32.70 2.26
C GLU C 143 -31.60 32.52 3.70
N LYS C 144 -30.79 32.93 4.68
CA LYS C 144 -31.04 32.78 6.13
C LYS C 144 -32.42 33.29 6.63
N HIS C 145 -32.98 34.31 5.95
CA HIS C 145 -34.24 34.96 6.30
C HIS C 145 -35.52 34.26 5.77
N VAL C 146 -35.38 33.33 4.80
CA VAL C 146 -36.53 32.64 4.19
C VAL C 146 -37.18 31.67 5.18
N ASP C 147 -38.43 31.98 5.60
CA ASP C 147 -39.18 31.22 6.62
C ASP C 147 -40.25 30.24 6.09
N GLU C 148 -40.57 30.29 4.79
CA GLU C 148 -41.58 29.40 4.21
C GLU C 148 -40.92 28.30 3.41
N TRP C 149 -41.32 27.03 3.68
CA TRP C 149 -40.87 25.80 3.04
C TRP C 149 -39.33 25.69 2.98
N ASN C 150 -38.65 26.10 4.07
CA ASN C 150 -37.20 26.05 4.18
C ASN C 150 -36.75 24.62 4.47
N ILE C 151 -36.22 23.96 3.42
CA ILE C 151 -35.74 22.58 3.39
C ILE C 151 -34.74 22.28 4.55
N GLY C 152 -33.99 23.28 5.00
CA GLY C 152 -33.06 23.14 6.11
C GLY C 152 -33.67 23.08 7.50
N ARG C 153 -34.96 23.46 7.63
CA ARG C 153 -35.69 23.51 8.91
C ARG C 153 -37.24 23.43 8.73
N LEU C 154 -37.75 22.24 8.35
CA LEU C 154 -39.19 22.03 8.13
C LEU C 154 -40.00 21.87 9.45
N ARG C 155 -39.32 21.47 10.55
CA ARG C 155 -39.85 21.29 11.91
C ARG C 155 -41.02 20.27 12.02
N THR C 156 -40.86 19.10 11.36
CA THR C 156 -41.83 17.99 11.42
C THR C 156 -41.47 17.07 12.62
N ILE C 157 -42.21 15.96 12.82
CA ILE C 157 -41.96 15.01 13.91
C ILE C 157 -40.64 14.23 13.71
N LEU C 158 -40.00 14.35 12.52
CA LEU C 158 -38.71 13.71 12.23
C LEU C 158 -37.62 14.23 13.19
N ASP C 159 -37.70 15.51 13.58
CA ASP C 159 -36.80 16.21 14.50
C ASP C 159 -36.64 15.54 15.89
N LEU C 160 -37.53 14.58 16.24
CA LEU C 160 -37.52 13.87 17.52
C LEU C 160 -36.26 13.01 17.76
N VAL C 161 -35.65 12.45 16.68
CA VAL C 161 -34.42 11.64 16.76
C VAL C 161 -33.28 12.53 17.30
N GLU C 162 -33.09 13.71 16.68
CA GLU C 162 -32.07 14.69 17.02
C GLU C 162 -32.27 15.28 18.44
N LYS C 163 -33.52 15.63 18.80
CA LYS C 163 -33.86 16.23 20.09
C LYS C 163 -33.67 15.30 21.30
N GLU C 164 -34.03 14.01 21.12
CA GLU C 164 -33.95 13.00 22.18
C GLU C 164 -32.58 12.29 22.26
N SER C 165 -31.99 11.94 21.10
CA SER C 165 -30.72 11.19 21.01
C SER C 165 -29.47 12.04 20.75
N GLY C 166 -29.56 12.98 19.82
CA GLY C 166 -28.44 13.83 19.42
C GLY C 166 -27.92 13.48 18.04
N ILE C 167 -28.00 12.17 17.69
CA ILE C 167 -27.57 11.52 16.43
C ILE C 167 -28.08 12.28 15.18
N THR C 168 -27.19 12.50 14.20
CA THR C 168 -27.49 13.16 12.93
C THR C 168 -27.17 12.25 11.76
N ILE C 169 -28.04 12.24 10.74
CA ILE C 169 -27.89 11.43 9.53
C ILE C 169 -27.93 12.31 8.27
N GLU C 170 -26.75 12.46 7.61
CA GLU C 170 -26.53 13.29 6.41
C GLU C 170 -27.48 12.94 5.25
N GLY C 171 -28.21 13.96 4.78
CA GLY C 171 -29.23 13.85 3.73
C GLY C 171 -30.61 13.53 4.29
N VAL C 172 -30.67 12.79 5.43
CA VAL C 172 -31.90 12.39 6.12
C VAL C 172 -32.55 13.60 6.79
N ASN C 173 -31.90 14.23 7.79
CA ASN C 173 -32.47 15.43 8.38
C ASN C 173 -31.53 16.64 8.21
N THR C 174 -30.87 16.71 7.03
CA THR C 174 -29.96 17.78 6.58
C THR C 174 -30.18 17.97 5.07
N PRO C 175 -29.98 19.17 4.49
CA PRO C 175 -30.21 19.32 3.05
C PRO C 175 -29.06 18.89 2.15
N TYR C 176 -29.38 18.41 0.94
CA TYR C 176 -28.44 17.98 -0.09
C TYR C 176 -28.70 18.74 -1.40
N LEU C 177 -27.62 19.11 -2.11
CA LEU C 177 -27.68 19.79 -3.41
C LEU C 177 -27.33 18.80 -4.53
N TYR C 178 -28.02 18.90 -5.69
CA TYR C 178 -27.81 18.02 -6.85
C TYR C 178 -27.59 18.84 -8.12
N PHE C 179 -26.38 18.80 -8.69
CA PHE C 179 -26.08 19.51 -9.93
C PHE C 179 -26.15 18.52 -11.10
N GLY C 180 -27.16 18.68 -11.97
CA GLY C 180 -27.36 17.79 -13.11
C GLY C 180 -26.91 18.30 -14.46
N MET C 181 -26.87 17.38 -15.44
CA MET C 181 -26.58 17.61 -16.87
C MET C 181 -27.42 16.61 -17.66
N TRP C 182 -27.53 16.80 -18.98
CA TRP C 182 -28.34 15.91 -19.81
C TRP C 182 -28.01 14.41 -19.55
N LYS C 183 -29.05 13.59 -19.37
CA LYS C 183 -28.97 12.13 -19.21
C LYS C 183 -28.55 11.63 -17.79
N THR C 184 -28.32 12.53 -16.80
CA THR C 184 -28.02 12.13 -15.42
C THR C 184 -29.32 11.58 -14.82
N SER C 185 -29.21 10.47 -14.08
CA SER C 185 -30.38 9.77 -13.56
C SER C 185 -30.42 9.37 -12.09
N PHE C 186 -31.63 9.13 -11.62
CA PHE C 186 -31.88 8.59 -10.29
C PHE C 186 -32.70 7.31 -10.50
N ALA C 187 -32.21 6.19 -9.98
CA ALA C 187 -32.82 4.86 -10.12
C ALA C 187 -34.06 4.58 -9.27
N TRP C 188 -34.77 3.51 -9.59
CA TRP C 188 -36.00 3.14 -8.85
C TRP C 188 -35.74 2.88 -7.36
N HIS C 189 -36.46 3.60 -6.48
CA HIS C 189 -36.31 3.48 -5.03
C HIS C 189 -37.42 4.17 -4.26
N THR C 190 -37.53 3.83 -2.96
CA THR C 190 -38.37 4.53 -1.99
C THR C 190 -37.32 5.25 -1.09
N GLU C 191 -37.74 6.15 -0.20
CA GLU C 191 -36.84 6.87 0.70
C GLU C 191 -36.31 5.97 1.82
N ASP C 192 -35.21 6.38 2.49
CA ASP C 192 -34.67 5.61 3.63
C ASP C 192 -35.73 5.56 4.72
N MET C 193 -35.96 4.35 5.30
CA MET C 193 -36.96 4.09 6.35
C MET C 193 -38.40 4.38 5.86
N ASP C 194 -38.58 4.41 4.52
CA ASP C 194 -39.82 4.71 3.76
C ASP C 194 -40.44 6.04 4.22
N LEU C 195 -39.59 7.07 4.38
CA LEU C 195 -39.97 8.43 4.78
C LEU C 195 -40.59 9.22 3.59
N TYR C 196 -41.01 10.47 3.86
CA TYR C 196 -41.47 11.40 2.82
C TYR C 196 -40.22 12.13 2.32
N SER C 197 -40.29 12.79 1.17
CA SER C 197 -39.21 13.65 0.69
C SER C 197 -39.74 14.95 0.04
N ILE C 198 -38.92 16.01 0.04
CA ILE C 198 -39.19 17.31 -0.60
C ILE C 198 -38.04 17.60 -1.56
N ASN C 199 -38.34 18.13 -2.77
CA ASN C 199 -37.36 18.47 -3.81
C ASN C 199 -37.77 19.78 -4.52
N TYR C 200 -36.89 20.78 -4.51
CA TYR C 200 -37.08 22.09 -5.14
C TYR C 200 -36.02 22.28 -6.22
N LEU C 201 -36.45 22.60 -7.44
CA LEU C 201 -35.53 22.85 -8.55
C LEU C 201 -35.21 24.35 -8.55
N HIS C 202 -34.01 24.71 -8.06
CA HIS C 202 -33.57 26.11 -7.95
C HIS C 202 -33.48 26.84 -9.31
N PHE C 203 -32.83 26.22 -10.32
CA PHE C 203 -32.66 26.83 -11.66
C PHE C 203 -32.31 25.78 -12.72
N GLY C 204 -32.33 26.22 -13.97
CA GLY C 204 -31.94 25.44 -15.12
C GLY C 204 -33.02 24.63 -15.82
N GLU C 205 -32.55 23.62 -16.55
CA GLU C 205 -33.34 22.71 -17.37
C GLU C 205 -34.23 21.76 -16.54
N PRO C 206 -35.35 21.28 -17.12
CA PRO C 206 -36.27 20.43 -16.32
C PRO C 206 -35.73 19.07 -15.83
N LYS C 207 -36.49 18.48 -14.89
CA LYS C 207 -36.27 17.18 -14.29
C LYS C 207 -37.56 16.35 -14.49
N SER C 208 -37.45 15.20 -15.17
CA SER C 208 -38.60 14.30 -15.41
C SER C 208 -38.66 13.18 -14.39
N TRP C 209 -39.88 12.82 -13.96
CA TRP C 209 -40.12 11.84 -12.92
C TRP C 209 -41.10 10.76 -13.38
N TYR C 210 -40.92 9.55 -12.86
CA TYR C 210 -41.82 8.40 -13.03
C TYR C 210 -42.16 7.96 -11.61
N SER C 211 -43.43 7.54 -11.37
N SER C 211 -43.42 7.53 -11.37
CA SER C 211 -43.90 7.08 -10.06
CA SER C 211 -43.89 7.08 -10.05
C SER C 211 -44.82 5.87 -10.13
C SER C 211 -44.83 5.87 -10.12
N VAL C 212 -44.76 5.00 -9.10
CA VAL C 212 -45.61 3.81 -8.98
C VAL C 212 -46.46 4.02 -7.68
N PRO C 213 -47.81 3.92 -7.74
CA PRO C 213 -48.61 4.09 -6.51
C PRO C 213 -48.20 3.16 -5.36
N PRO C 214 -48.11 3.64 -4.09
CA PRO C 214 -47.75 2.74 -2.96
C PRO C 214 -48.55 1.45 -2.84
N GLU C 215 -49.83 1.46 -3.24
CA GLU C 215 -50.69 0.27 -3.21
C GLU C 215 -50.27 -0.78 -4.29
N HIS C 216 -49.30 -0.45 -5.18
CA HIS C 216 -48.80 -1.36 -6.22
C HIS C 216 -47.28 -1.58 -6.13
N GLY C 217 -46.66 -1.10 -5.05
CA GLY C 217 -45.23 -1.20 -4.81
C GLY C 217 -44.66 -2.60 -4.78
N LYS C 218 -45.42 -3.56 -4.17
CA LYS C 218 -45.05 -4.98 -4.08
C LYS C 218 -44.98 -5.64 -5.48
N ARG C 219 -45.79 -5.14 -6.43
CA ARG C 219 -45.83 -5.59 -7.84
C ARG C 219 -44.48 -5.28 -8.52
N LEU C 220 -43.94 -4.06 -8.27
CA LEU C 220 -42.66 -3.63 -8.81
C LEU C 220 -41.51 -4.46 -8.21
N GLU C 221 -41.52 -4.65 -6.86
CA GLU C 221 -40.52 -5.47 -6.15
C GLU C 221 -40.52 -6.91 -6.69
N ARG C 222 -41.71 -7.49 -6.92
CA ARG C 222 -41.85 -8.84 -7.48
C ARG C 222 -41.25 -8.91 -8.88
N LEU C 223 -41.51 -7.88 -9.72
CA LEU C 223 -40.97 -7.77 -11.07
C LEU C 223 -39.42 -7.70 -11.07
N ALA C 224 -38.83 -6.80 -10.25
CA ALA C 224 -37.37 -6.60 -10.15
C ALA C 224 -36.67 -7.87 -9.66
N LYS C 225 -37.28 -8.61 -8.70
CA LYS C 225 -36.77 -9.87 -8.13
C LYS C 225 -36.55 -10.92 -9.23
N GLY C 226 -37.54 -11.05 -10.14
CA GLY C 226 -37.50 -11.97 -11.27
C GLY C 226 -36.49 -11.62 -12.35
N PHE C 227 -36.23 -10.31 -12.57
CA PHE C 227 -35.29 -9.81 -13.58
C PHE C 227 -33.83 -9.79 -13.14
N PHE C 228 -33.58 -9.65 -11.81
CA PHE C 228 -32.25 -9.66 -11.20
C PHE C 228 -32.28 -10.68 -10.04
N PRO C 229 -32.22 -12.01 -10.35
CA PRO C 229 -32.34 -13.02 -9.28
C PRO C 229 -31.12 -13.15 -8.36
N GLY C 230 -29.93 -12.87 -8.91
CA GLY C 230 -28.68 -12.90 -8.16
C GLY C 230 -28.63 -11.81 -7.10
N SER C 231 -29.05 -10.59 -7.49
CA SER C 231 -29.12 -9.39 -6.64
C SER C 231 -30.11 -9.58 -5.47
N ALA C 232 -31.26 -10.24 -5.73
CA ALA C 232 -32.31 -10.51 -4.76
C ALA C 232 -31.92 -11.57 -3.71
N GLN C 233 -31.07 -12.54 -4.10
CA GLN C 233 -30.60 -13.58 -3.17
C GLN C 233 -29.58 -13.01 -2.17
N SER C 234 -28.67 -12.15 -2.66
CA SER C 234 -27.62 -11.49 -1.88
C SER C 234 -28.15 -10.47 -0.87
N CYS C 235 -29.21 -9.74 -1.23
CA CYS C 235 -29.82 -8.69 -0.41
C CYS C 235 -31.32 -8.67 -0.67
N GLU C 236 -32.12 -8.77 0.41
CA GLU C 236 -33.58 -8.74 0.35
C GLU C 236 -34.12 -7.39 -0.21
N ALA C 237 -33.49 -6.27 0.20
CA ALA C 237 -33.89 -4.93 -0.23
C ALA C 237 -32.84 -4.27 -1.16
N PHE C 238 -32.48 -4.97 -2.27
CA PHE C 238 -31.46 -4.51 -3.23
C PHE C 238 -31.84 -3.22 -4.01
N LEU C 239 -33.16 -2.89 -4.13
CA LEU C 239 -33.54 -1.66 -4.83
C LEU C 239 -33.02 -0.41 -4.11
N ARG C 240 -32.76 -0.54 -2.78
CA ARG C 240 -32.22 0.51 -1.90
C ARG C 240 -30.77 0.91 -2.27
N HIS C 241 -30.07 0.06 -3.07
CA HIS C 241 -28.71 0.35 -3.56
C HIS C 241 -28.77 1.49 -4.59
N LYS C 242 -30.00 1.77 -5.14
CA LYS C 242 -30.31 2.81 -6.12
C LYS C 242 -29.45 2.62 -7.41
N MET C 243 -29.46 1.37 -7.95
CA MET C 243 -28.69 0.98 -9.13
C MET C 243 -29.56 0.45 -10.28
N THR C 244 -30.85 0.17 -10.02
CA THR C 244 -31.75 -0.46 -10.99
C THR C 244 -32.62 0.52 -11.82
N LEU C 245 -32.44 0.49 -13.17
CA LEU C 245 -33.20 1.32 -14.13
C LEU C 245 -34.14 0.43 -14.95
N ILE C 246 -35.43 0.80 -15.02
CA ILE C 246 -36.46 0.06 -15.77
C ILE C 246 -37.25 1.05 -16.64
N SER C 247 -37.28 0.80 -17.97
CA SER C 247 -37.99 1.65 -18.94
C SER C 247 -39.52 1.65 -18.78
N PRO C 248 -40.24 2.74 -19.18
CA PRO C 248 -41.72 2.71 -19.10
C PRO C 248 -42.37 1.59 -19.92
N LEU C 249 -41.77 1.24 -21.09
CA LEU C 249 -42.20 0.18 -22.00
C LEU C 249 -42.29 -1.18 -21.26
N MET C 250 -41.28 -1.50 -20.44
CA MET C 250 -41.16 -2.70 -19.62
C MET C 250 -42.24 -2.73 -18.53
N LEU C 251 -42.48 -1.61 -17.82
CA LEU C 251 -43.53 -1.49 -16.79
C LEU C 251 -44.92 -1.73 -17.40
N LYS C 252 -45.16 -1.19 -18.61
CA LYS C 252 -46.43 -1.33 -19.34
C LYS C 252 -46.65 -2.78 -19.79
N LYS C 253 -45.59 -3.42 -20.31
CA LYS C 253 -45.59 -4.81 -20.79
C LYS C 253 -45.94 -5.80 -19.65
N TYR C 254 -45.48 -5.53 -18.42
CA TYR C 254 -45.71 -6.40 -17.26
C TYR C 254 -46.87 -5.94 -16.36
N GLY C 255 -47.71 -5.04 -16.88
CA GLY C 255 -48.90 -4.54 -16.20
C GLY C 255 -48.70 -3.73 -14.92
N ILE C 256 -47.53 -3.10 -14.74
CA ILE C 256 -47.23 -2.25 -13.56
C ILE C 256 -47.89 -0.86 -13.77
N PRO C 257 -48.84 -0.42 -12.90
CA PRO C 257 -49.44 0.92 -13.09
C PRO C 257 -48.45 2.01 -12.69
N PHE C 258 -48.36 3.07 -13.51
CA PHE C 258 -47.43 4.18 -13.31
C PHE C 258 -47.88 5.48 -13.98
N ASP C 259 -47.27 6.60 -13.54
CA ASP C 259 -47.53 7.92 -14.11
C ASP C 259 -46.22 8.69 -14.30
N LYS C 260 -46.24 9.77 -15.10
CA LYS C 260 -45.06 10.62 -15.34
C LYS C 260 -45.38 12.12 -15.23
N VAL C 261 -44.40 12.92 -14.78
CA VAL C 261 -44.51 14.39 -14.62
C VAL C 261 -43.15 15.08 -14.88
N THR C 262 -43.19 16.30 -15.45
CA THR C 262 -41.98 17.11 -15.68
C THR C 262 -42.00 18.29 -14.70
N GLN C 263 -40.91 18.43 -13.91
CA GLN C 263 -40.71 19.48 -12.92
C GLN C 263 -39.85 20.58 -13.56
N GLU C 264 -40.36 21.82 -13.55
CA GLU C 264 -39.68 22.99 -14.12
C GLU C 264 -39.03 23.80 -13.01
N ALA C 265 -38.07 24.70 -13.36
CA ALA C 265 -37.38 25.56 -12.38
C ALA C 265 -38.39 26.36 -11.57
N GLY C 266 -38.20 26.38 -10.24
CA GLY C 266 -39.06 27.11 -9.32
C GLY C 266 -40.25 26.33 -8.77
N GLU C 267 -40.31 25.00 -9.02
CA GLU C 267 -41.41 24.15 -8.53
C GLU C 267 -40.92 23.11 -7.51
N PHE C 268 -41.83 22.64 -6.63
CA PHE C 268 -41.56 21.62 -5.60
C PHE C 268 -42.17 20.26 -5.98
N MET C 269 -41.49 19.16 -5.61
CA MET C 269 -42.03 17.79 -5.75
C MET C 269 -42.03 17.15 -4.36
N ILE C 270 -43.13 16.48 -4.00
CA ILE C 270 -43.27 15.75 -2.73
C ILE C 270 -43.40 14.25 -3.04
N THR C 271 -42.61 13.40 -2.36
CA THR C 271 -42.74 11.95 -2.49
C THR C 271 -43.36 11.45 -1.16
N PHE C 272 -44.25 10.45 -1.25
CA PHE C 272 -45.00 9.90 -0.11
C PHE C 272 -44.46 8.53 0.34
N PRO C 273 -44.66 8.13 1.63
CA PRO C 273 -44.13 6.83 2.09
C PRO C 273 -44.48 5.62 1.21
N TYR C 274 -43.45 4.81 0.90
CA TYR C 274 -43.51 3.60 0.07
C TYR C 274 -43.89 3.93 -1.40
N GLY C 275 -43.60 5.17 -1.82
CA GLY C 275 -43.80 5.61 -3.19
C GLY C 275 -42.54 5.43 -4.01
N TYR C 276 -42.51 4.39 -4.88
CA TYR C 276 -41.36 4.16 -5.76
C TYR C 276 -41.28 5.25 -6.86
N HIS C 277 -40.07 5.81 -7.09
CA HIS C 277 -39.83 6.83 -8.11
C HIS C 277 -38.47 6.70 -8.77
N ALA C 278 -38.35 7.22 -10.01
CA ALA C 278 -37.13 7.26 -10.85
C ALA C 278 -37.27 8.41 -11.87
N GLY C 279 -36.18 8.75 -12.55
CA GLY C 279 -36.20 9.85 -13.50
C GLY C 279 -34.85 10.31 -13.99
N PHE C 280 -34.85 11.45 -14.72
CA PHE C 280 -33.66 12.01 -15.37
C PHE C 280 -33.75 13.52 -15.55
N ASN C 281 -32.57 14.18 -15.67
CA ASN C 281 -32.38 15.61 -15.91
C ASN C 281 -32.28 15.90 -17.41
N HIS C 282 -32.96 16.96 -17.89
CA HIS C 282 -32.99 17.39 -19.30
C HIS C 282 -31.69 18.08 -19.72
N GLY C 283 -31.07 18.79 -18.77
CA GLY C 283 -29.84 19.53 -19.00
C GLY C 283 -29.29 20.13 -17.72
N PHE C 284 -28.35 21.09 -17.85
CA PHE C 284 -27.72 21.76 -16.69
C PHE C 284 -28.75 22.38 -15.75
N ASN C 285 -28.73 21.96 -14.47
CA ASN C 285 -29.67 22.43 -13.44
C ASN C 285 -29.15 22.22 -12.01
N CYS C 286 -29.92 22.66 -10.98
CA CYS C 286 -29.61 22.50 -9.56
C CYS C 286 -30.89 22.30 -8.72
N ALA C 287 -30.92 21.22 -7.91
CA ALA C 287 -32.05 20.85 -7.02
C ALA C 287 -31.60 20.65 -5.56
N GLU C 288 -32.47 21.00 -4.59
CA GLU C 288 -32.24 20.83 -3.14
C GLU C 288 -33.29 19.87 -2.54
N SER C 289 -32.86 18.95 -1.65
CA SER C 289 -33.73 17.94 -1.03
C SER C 289 -33.43 17.62 0.42
N THR C 290 -34.42 17.03 1.11
CA THR C 290 -34.37 16.49 2.47
C THR C 290 -35.55 15.50 2.67
N ASN C 291 -35.56 14.77 3.80
CA ASN C 291 -36.63 13.87 4.18
C ASN C 291 -37.43 14.50 5.32
N PHE C 292 -38.69 14.09 5.49
CA PHE C 292 -39.57 14.55 6.56
C PHE C 292 -40.56 13.45 6.96
N ALA C 293 -41.32 13.68 8.04
CA ALA C 293 -42.30 12.71 8.56
C ALA C 293 -43.62 13.37 8.98
N THR C 294 -44.68 12.54 9.10
CA THR C 294 -46.01 12.88 9.63
C THR C 294 -46.37 11.71 10.56
N ARG C 295 -47.51 11.80 11.29
CA ARG C 295 -47.96 10.74 12.19
C ARG C 295 -48.20 9.39 11.46
N ARG C 296 -48.67 9.47 10.20
CA ARG C 296 -48.94 8.34 9.29
C ARG C 296 -47.66 7.52 8.97
N TRP C 297 -46.47 8.17 8.94
CA TRP C 297 -45.19 7.54 8.62
C TRP C 297 -44.76 6.47 9.66
N ILE C 298 -45.10 6.65 10.94
CA ILE C 298 -44.71 5.75 12.05
C ILE C 298 -44.97 4.26 11.73
N GLU C 299 -46.13 3.90 11.16
CA GLU C 299 -46.40 2.50 10.80
C GLU C 299 -45.51 1.99 9.65
N TYR C 300 -45.14 2.89 8.69
CA TYR C 300 -44.25 2.58 7.56
C TYR C 300 -42.81 2.31 8.02
N GLY C 301 -42.33 3.10 8.98
CA GLY C 301 -41.00 2.96 9.56
C GLY C 301 -40.82 1.68 10.36
N LYS C 302 -41.90 1.20 11.00
CA LYS C 302 -41.95 -0.03 11.79
C LYS C 302 -41.86 -1.26 10.88
N GLN C 303 -42.50 -1.19 9.70
CA GLN C 303 -42.59 -2.29 8.74
C GLN C 303 -41.60 -2.24 7.57
N ALA C 304 -40.76 -1.18 7.48
CA ALA C 304 -39.77 -1.00 6.40
C ALA C 304 -38.76 -2.15 6.32
N VAL C 305 -38.56 -2.71 5.09
CA VAL C 305 -37.60 -3.79 4.84
C VAL C 305 -36.28 -3.11 4.44
N LEU C 306 -35.21 -3.37 5.23
CA LEU C 306 -33.91 -2.73 5.06
C LEU C 306 -32.86 -3.61 4.40
N CYS C 307 -31.85 -2.96 3.77
CA CYS C 307 -30.71 -3.56 3.07
C CYS C 307 -29.94 -4.49 4.04
N SER C 308 -29.92 -5.80 3.73
CA SER C 308 -29.28 -6.83 4.56
C SER C 308 -27.85 -7.21 4.10
N CYS C 309 -27.19 -6.35 3.29
CA CYS C 309 -25.83 -6.62 2.81
C CYS C 309 -24.82 -5.49 3.13
N ARG C 310 -25.29 -4.33 3.63
CA ARG C 310 -24.42 -3.20 3.95
N ASP C 312 -23.27 1.02 6.59
CA ASP C 312 -23.28 2.11 5.61
C ASP C 312 -24.71 2.59 5.27
N MET C 313 -25.72 1.70 5.46
CA MET C 313 -27.13 2.01 5.17
C MET C 313 -27.81 2.72 6.34
N VAL C 314 -28.85 3.53 6.03
CA VAL C 314 -29.59 4.33 7.02
C VAL C 314 -30.61 3.50 7.80
N LYS C 315 -30.54 3.57 9.14
CA LYS C 315 -31.44 2.91 10.08
C LYS C 315 -31.77 3.89 11.22
N ILE C 316 -33.06 3.96 11.59
CA ILE C 316 -33.58 4.85 12.65
C ILE C 316 -34.35 4.01 13.68
N SER C 317 -34.06 4.22 14.98
CA SER C 317 -34.74 3.50 16.08
C SER C 317 -36.16 4.04 16.23
N MET C 318 -37.16 3.13 16.15
CA MET C 318 -38.57 3.47 16.21
C MET C 318 -39.14 3.57 17.65
N ASP C 319 -38.40 3.05 18.66
CA ASP C 319 -38.79 3.07 20.08
C ASP C 319 -39.25 4.45 20.58
N VAL C 320 -38.54 5.53 20.21
CA VAL C 320 -38.86 6.92 20.57
C VAL C 320 -40.22 7.35 20.02
N PHE C 321 -40.51 7.04 18.73
CA PHE C 321 -41.79 7.37 18.06
C PHE C 321 -42.94 6.50 18.57
N VAL C 322 -42.67 5.20 18.79
CA VAL C 322 -43.64 4.23 19.27
C VAL C 322 -44.14 4.60 20.67
N ARG C 323 -43.22 5.08 21.54
CA ARG C 323 -43.54 5.51 22.91
C ARG C 323 -44.52 6.68 22.98
N LYS C 324 -44.23 7.77 22.24
CA LYS C 324 -45.01 9.01 22.25
C LYS C 324 -46.38 8.95 21.56
N PHE C 325 -46.47 8.31 20.39
CA PHE C 325 -47.69 8.29 19.58
C PHE C 325 -48.50 6.99 19.62
N GLN C 326 -47.87 5.86 19.99
CA GLN C 326 -48.55 4.55 20.09
C GLN C 326 -48.22 3.86 21.45
N PRO C 327 -48.62 4.44 22.62
CA PRO C 327 -48.24 3.80 23.91
C PRO C 327 -48.92 2.47 24.21
N GLU C 328 -50.20 2.31 23.83
CA GLU C 328 -50.98 1.09 24.07
C GLU C 328 -50.42 -0.14 23.32
N ARG C 329 -49.84 0.09 22.13
CA ARG C 329 -49.27 -0.95 21.28
C ARG C 329 -47.78 -1.27 21.57
N TYR C 330 -47.10 -0.42 22.36
CA TYR C 330 -45.66 -0.55 22.68
C TYR C 330 -45.27 -1.95 23.19
N LYS C 331 -46.03 -2.51 24.16
CA LYS C 331 -45.78 -3.84 24.74
C LYS C 331 -45.92 -4.94 23.69
N LEU C 332 -46.94 -4.84 22.82
CA LEU C 332 -47.23 -5.77 21.73
C LEU C 332 -46.10 -5.73 20.69
N TRP C 333 -45.69 -4.51 20.27
CA TRP C 333 -44.65 -4.24 19.27
C TRP C 333 -43.25 -4.73 19.70
N LYS C 334 -42.84 -4.46 20.96
CA LYS C 334 -41.54 -4.89 21.48
C LYS C 334 -41.44 -6.41 21.59
N ALA C 335 -42.57 -7.10 21.88
CA ALA C 335 -42.65 -8.55 21.99
C ALA C 335 -42.78 -9.24 20.63
N GLY C 336 -43.51 -8.62 19.70
CA GLY C 336 -43.73 -9.13 18.35
C GLY C 336 -45.16 -9.45 18.00
N LYS C 337 -46.11 -9.17 18.92
CA LYS C 337 -47.55 -9.42 18.79
C LYS C 337 -48.27 -8.38 17.91
N ASP C 338 -47.63 -7.21 17.67
CA ASP C 338 -48.18 -6.13 16.86
C ASP C 338 -48.11 -6.52 15.37
N ASN C 339 -49.27 -6.88 14.79
CA ASN C 339 -49.40 -7.27 13.38
C ASN C 339 -50.41 -6.37 12.65
N THR C 340 -50.21 -5.04 12.74
CA THR C 340 -51.05 -4.01 12.10
C THR C 340 -50.81 -4.05 10.59
N VAL C 341 -51.90 -3.98 9.81
CA VAL C 341 -51.83 -3.97 8.35
C VAL C 341 -52.05 -2.53 7.84
N ILE C 342 -51.10 -2.03 7.03
CA ILE C 342 -51.16 -0.68 6.48
C ILE C 342 -52.17 -0.58 5.33
N ASP C 343 -53.01 0.46 5.36
CA ASP C 343 -53.97 0.82 4.32
C ASP C 343 -53.38 2.07 3.65
N HIS C 344 -52.80 1.91 2.43
CA HIS C 344 -52.12 2.95 1.64
C HIS C 344 -53.05 4.05 1.11
N THR C 345 -54.38 3.87 1.23
CA THR C 345 -55.38 4.83 0.74
C THR C 345 -55.79 5.86 1.81
N LEU C 346 -55.69 5.49 3.11
CA LEU C 346 -56.08 6.36 4.23
C LEU C 346 -55.14 7.56 4.40
N PRO C 347 -55.70 8.77 4.62
CA PRO C 347 -54.83 9.95 4.81
C PRO C 347 -54.26 10.05 6.22
N THR C 348 -53.34 11.01 6.45
CA THR C 348 -52.74 11.23 7.76
C THR C 348 -53.82 11.76 8.76
N PRO C 349 -53.78 11.37 10.06
CA PRO C 349 -54.82 11.86 11.00
C PRO C 349 -54.94 13.38 11.12
N GLU C 350 -53.86 14.13 10.82
CA GLU C 350 -53.81 15.59 10.84
C GLU C 350 -54.81 16.23 9.84
N ALA C 351 -55.27 15.45 8.83
CA ALA C 351 -56.21 15.88 7.79
C ALA C 351 -57.70 15.81 8.22
N ALA C 352 -57.97 15.53 9.51
CA ALA C 352 -59.33 15.42 10.09
C ALA C 352 -60.14 16.72 9.90
N GLU C 353 -59.49 17.88 10.09
CA GLU C 353 -60.10 19.22 9.94
C GLU C 353 -60.59 19.52 8.51
N PHE C 354 -59.95 18.91 7.48
CA PHE C 354 -60.32 19.09 6.07
C PHE C 354 -61.32 18.01 5.55
N LEU C 355 -61.85 17.17 6.47
CA LEU C 355 -62.80 16.10 6.15
C LEU C 355 -63.76 15.89 7.33
N GLU D 7 35.15 -6.16 22.60
CA GLU D 7 36.53 -5.76 22.89
C GLU D 7 37.29 -6.81 23.73
N THR D 8 36.55 -7.71 24.42
CA THR D 8 37.07 -8.77 25.30
C THR D 8 37.91 -9.84 24.58
N LEU D 9 37.52 -10.25 23.35
CA LEU D 9 38.23 -11.26 22.56
C LEU D 9 39.34 -10.58 21.73
N ASN D 10 40.56 -11.17 21.75
CA ASN D 10 41.78 -10.68 21.08
C ASN D 10 42.01 -9.15 21.31
N PRO D 11 42.17 -8.67 22.59
CA PRO D 11 42.37 -7.21 22.81
C PRO D 11 43.68 -6.63 22.25
N SER D 12 44.60 -7.52 21.84
N SER D 12 44.62 -7.51 21.84
CA SER D 12 45.91 -7.21 21.28
CA SER D 12 45.90 -7.11 21.25
C SER D 12 45.89 -7.16 19.73
C SER D 12 45.89 -7.13 19.72
N ALA D 13 44.80 -7.66 19.10
CA ALA D 13 44.56 -7.75 17.63
C ALA D 13 45.70 -8.47 16.87
N ARG D 14 46.22 -9.55 17.49
CA ARG D 14 47.30 -10.40 16.98
C ARG D 14 46.75 -11.43 15.98
N ILE D 15 47.56 -11.83 15.02
CA ILE D 15 47.16 -12.83 14.03
C ILE D 15 47.03 -14.20 14.69
N MET D 16 45.94 -14.91 14.41
CA MET D 16 45.66 -16.22 14.98
C MET D 16 45.81 -17.37 13.98
N THR D 17 46.14 -18.55 14.47
CA THR D 17 46.30 -19.76 13.65
C THR D 17 45.28 -20.84 14.07
N PHE D 18 44.70 -21.52 13.09
CA PHE D 18 43.67 -22.55 13.32
C PHE D 18 44.04 -23.88 12.70
N TYR D 19 43.73 -24.97 13.41
CA TYR D 19 43.99 -26.35 13.00
C TYR D 19 42.67 -27.17 12.97
N PRO D 20 41.76 -26.94 11.99
CA PRO D 20 40.50 -27.71 11.97
C PRO D 20 40.71 -29.18 11.66
N THR D 21 39.77 -30.03 12.16
CA THR D 21 39.71 -31.47 11.89
C THR D 21 39.00 -31.63 10.52
N MET D 22 39.03 -32.85 9.94
CA MET D 22 38.36 -33.14 8.66
C MET D 22 36.85 -32.78 8.66
N GLU D 23 36.15 -33.06 9.79
CA GLU D 23 34.72 -32.76 9.98
C GLU D 23 34.42 -31.24 9.92
N GLU D 24 35.21 -30.42 10.64
CA GLU D 24 35.06 -28.96 10.71
C GLU D 24 35.46 -28.28 9.40
N PHE D 25 36.45 -28.86 8.69
CA PHE D 25 37.00 -28.40 7.43
C PHE D 25 36.04 -28.50 6.23
N ARG D 26 35.09 -29.45 6.26
CA ARG D 26 34.12 -29.70 5.17
C ARG D 26 33.19 -28.51 4.85
N ASN D 27 32.70 -27.77 5.87
CA ASN D 27 31.81 -26.62 5.66
C ASN D 27 32.60 -25.30 5.80
N PHE D 28 32.96 -24.69 4.64
CA PHE D 28 33.77 -23.46 4.54
C PHE D 28 33.15 -22.25 5.27
N SER D 29 31.90 -21.88 4.93
CA SER D 29 31.18 -20.73 5.50
C SER D 29 30.99 -20.83 7.02
N ARG D 30 30.70 -22.04 7.53
CA ARG D 30 30.52 -22.28 8.97
C ARG D 30 31.84 -22.07 9.72
N TYR D 31 32.97 -22.48 9.11
CA TYR D 31 34.29 -22.33 9.73
C TYR D 31 34.74 -20.87 9.81
N ILE D 32 34.36 -20.04 8.79
CA ILE D 32 34.66 -18.61 8.77
C ILE D 32 33.89 -17.93 9.92
N ALA D 33 32.61 -18.33 10.12
CA ALA D 33 31.73 -17.85 11.20
C ALA D 33 32.34 -18.20 12.56
N TYR D 34 32.85 -19.45 12.70
CA TYR D 34 33.51 -19.93 13.93
C TYR D 34 34.81 -19.17 14.25
N ILE D 35 35.68 -18.87 13.25
CA ILE D 35 36.94 -18.16 13.56
C ILE D 35 36.66 -16.68 13.99
N GLU D 36 35.57 -16.06 13.48
CA GLU D 36 35.18 -14.70 13.85
C GLU D 36 34.66 -14.63 15.31
N SER D 37 34.03 -15.73 15.80
CA SER D 37 33.54 -15.82 17.19
C SER D 37 34.73 -15.91 18.18
N GLN D 38 35.90 -16.34 17.67
CA GLN D 38 37.17 -16.44 18.40
C GLN D 38 37.94 -15.11 18.33
N GLY D 39 37.42 -14.16 17.54
CA GLY D 39 37.98 -12.82 17.36
C GLY D 39 39.11 -12.70 16.36
N ALA D 40 39.19 -13.64 15.39
CA ALA D 40 40.25 -13.65 14.35
C ALA D 40 40.24 -12.42 13.41
N HIS D 41 39.03 -11.94 13.03
CA HIS D 41 38.82 -10.79 12.13
C HIS D 41 39.45 -9.46 12.62
N ARG D 42 39.70 -9.34 13.95
CA ARG D 42 40.28 -8.13 14.57
C ARG D 42 41.70 -7.82 14.13
N ALA D 43 42.48 -8.85 13.75
CA ALA D 43 43.86 -8.69 13.26
C ALA D 43 43.83 -8.26 11.78
N GLY D 44 42.75 -8.63 11.07
CA GLY D 44 42.55 -8.36 9.65
C GLY D 44 43.09 -9.47 8.76
N LEU D 45 43.78 -10.45 9.38
CA LEU D 45 44.43 -11.58 8.73
C LEU D 45 44.48 -12.80 9.68
N ALA D 46 44.26 -14.04 9.15
CA ALA D 46 44.30 -15.29 9.92
C ALA D 46 44.90 -16.42 9.09
N LYS D 47 45.63 -17.36 9.75
CA LYS D 47 46.21 -18.55 9.10
C LYS D 47 45.38 -19.81 9.41
N VAL D 48 45.08 -20.60 8.39
CA VAL D 48 44.34 -21.87 8.56
C VAL D 48 45.20 -23.01 7.99
N VAL D 49 45.57 -23.95 8.86
CA VAL D 49 46.35 -25.13 8.51
C VAL D 49 45.34 -26.29 8.30
N PRO D 50 45.24 -26.83 7.04
CA PRO D 50 44.27 -27.91 6.78
C PRO D 50 44.68 -29.27 7.37
N PRO D 51 43.76 -30.28 7.49
CA PRO D 51 44.18 -31.60 7.99
C PRO D 51 45.23 -32.22 7.07
N LYS D 52 46.14 -33.02 7.66
CA LYS D 52 47.24 -33.70 6.96
C LYS D 52 46.75 -34.66 5.86
N GLU D 53 45.50 -35.15 5.98
CA GLU D 53 44.85 -36.08 5.04
C GLU D 53 44.20 -35.39 3.81
N TRP D 54 44.22 -34.03 3.76
CA TRP D 54 43.62 -33.24 2.68
C TRP D 54 44.68 -32.73 1.71
N LYS D 55 44.40 -32.88 0.40
CA LYS D 55 45.27 -32.42 -0.69
C LYS D 55 44.43 -31.90 -1.88
N PRO D 56 44.71 -30.71 -2.43
CA PRO D 56 43.88 -30.20 -3.55
C PRO D 56 44.23 -30.80 -4.92
N ARG D 57 45.44 -31.37 -5.05
CA ARG D 57 45.98 -31.97 -6.29
C ARG D 57 46.96 -33.08 -5.89
N ALA D 58 46.96 -34.18 -6.66
CA ALA D 58 47.84 -35.32 -6.40
C ALA D 58 49.31 -35.06 -6.74
N SER D 59 49.58 -34.23 -7.78
CA SER D 59 50.94 -33.95 -8.26
C SER D 59 51.05 -32.60 -8.97
N TYR D 60 52.23 -31.96 -8.90
CA TYR D 60 52.52 -30.69 -9.58
C TYR D 60 53.60 -30.87 -10.68
N ASP D 61 53.73 -32.09 -11.22
CA ASP D 61 54.74 -32.44 -12.24
C ASP D 61 54.27 -32.25 -13.70
N ASP D 62 53.00 -31.84 -13.89
CA ASP D 62 52.38 -31.65 -15.20
C ASP D 62 51.93 -30.21 -15.46
N ILE D 63 52.69 -29.23 -14.94
CA ILE D 63 52.37 -27.80 -15.07
C ILE D 63 53.53 -26.99 -15.74
N ASP D 64 54.56 -27.67 -16.27
CA ASP D 64 55.71 -26.99 -16.89
C ASP D 64 55.39 -26.24 -18.17
N ASP D 65 54.42 -26.73 -18.95
CA ASP D 65 54.04 -26.08 -20.20
C ASP D 65 52.92 -25.04 -20.02
N LEU D 66 52.48 -24.78 -18.75
CA LEU D 66 51.45 -23.80 -18.44
C LEU D 66 52.00 -22.40 -18.78
N VAL D 67 51.19 -21.60 -19.50
CA VAL D 67 51.53 -20.26 -19.99
C VAL D 67 51.13 -19.17 -19.01
N ILE D 68 52.08 -18.25 -18.70
CA ILE D 68 51.90 -17.02 -17.92
C ILE D 68 51.74 -15.95 -19.02
N PRO D 69 50.50 -15.50 -19.33
CA PRO D 69 50.33 -14.60 -20.49
C PRO D 69 50.91 -13.19 -20.34
N ALA D 70 50.91 -12.61 -19.13
CA ALA D 70 51.43 -11.24 -18.91
C ALA D 70 52.37 -11.09 -17.70
N PRO D 71 53.62 -11.62 -17.74
CA PRO D 71 54.54 -11.41 -16.59
C PRO D 71 54.89 -9.94 -16.38
N ILE D 72 55.13 -9.53 -15.14
CA ILE D 72 55.46 -8.13 -14.86
C ILE D 72 56.81 -7.98 -14.17
N GLN D 73 57.63 -7.01 -14.63
CA GLN D 73 58.91 -6.69 -14.00
C GLN D 73 58.62 -5.57 -13.00
N GLN D 74 58.99 -5.77 -11.73
CA GLN D 74 58.68 -4.83 -10.63
C GLN D 74 59.81 -3.84 -10.33
N LEU D 75 59.71 -2.64 -10.92
CA LEU D 75 60.68 -1.57 -10.74
C LEU D 75 60.30 -0.76 -9.50
N VAL D 76 61.22 -0.62 -8.53
CA VAL D 76 60.94 0.09 -7.28
C VAL D 76 61.86 1.32 -7.13
N THR D 77 61.26 2.46 -6.71
CA THR D 77 61.95 3.73 -6.46
C THR D 77 61.53 4.30 -5.11
N GLY D 78 62.50 4.85 -4.39
CA GLY D 78 62.27 5.44 -3.07
C GLY D 78 63.46 5.33 -2.15
N GLN D 79 63.28 5.80 -0.91
CA GLN D 79 64.27 5.84 0.17
C GLN D 79 63.55 6.00 1.52
N SER D 80 64.29 5.81 2.64
CA SER D 80 63.86 5.95 4.03
C SER D 80 62.54 5.25 4.38
N GLY D 81 62.37 4.03 3.89
CA GLY D 81 61.20 3.22 4.18
C GLY D 81 59.93 3.48 3.38
N LEU D 82 59.95 4.44 2.43
CA LEU D 82 58.82 4.81 1.57
C LEU D 82 59.20 4.64 0.11
N PHE D 83 58.41 3.82 -0.62
CA PHE D 83 58.66 3.47 -2.01
C PHE D 83 57.41 3.44 -2.88
N THR D 84 57.63 3.54 -4.23
CA THR D 84 56.63 3.41 -5.28
C THR D 84 57.08 2.29 -6.23
N GLN D 85 56.18 1.33 -6.50
CA GLN D 85 56.41 0.21 -7.39
C GLN D 85 55.75 0.47 -8.77
N TYR D 86 56.53 0.29 -9.86
CA TYR D 86 56.11 0.46 -11.24
C TYR D 86 56.10 -0.90 -11.91
N ASN D 87 54.98 -1.26 -12.55
CA ASN D 87 54.85 -2.54 -13.26
C ASN D 87 55.19 -2.39 -14.76
N ILE D 88 56.12 -3.23 -15.23
CA ILE D 88 56.54 -3.23 -16.64
C ILE D 88 56.09 -4.57 -17.23
N GLN D 89 55.17 -4.52 -18.24
CA GLN D 89 54.67 -5.75 -18.85
C GLN D 89 55.67 -6.37 -19.82
N LYS D 90 55.95 -7.67 -19.61
CA LYS D 90 56.88 -8.46 -20.43
C LYS D 90 56.07 -9.41 -21.33
N LYS D 91 56.72 -10.02 -22.34
CA LYS D 91 56.04 -10.98 -23.22
C LYS D 91 55.77 -12.33 -22.51
N ALA D 92 54.78 -13.10 -23.00
CA ALA D 92 54.37 -14.40 -22.47
C ALA D 92 55.53 -15.40 -22.32
N MET D 93 55.44 -16.26 -21.29
CA MET D 93 56.43 -17.31 -21.01
C MET D 93 55.78 -18.52 -20.31
N THR D 94 56.46 -19.68 -20.32
CA THR D 94 55.97 -20.89 -19.66
C THR D 94 56.43 -20.91 -18.19
N VAL D 95 55.87 -21.83 -17.38
CA VAL D 95 56.29 -22.03 -15.98
C VAL D 95 57.77 -22.51 -15.96
N ARG D 96 58.17 -23.31 -16.97
CA ARG D 96 59.52 -23.84 -17.20
C ARG D 96 60.56 -22.70 -17.34
N GLU D 97 60.31 -21.71 -18.24
CA GLU D 97 61.17 -20.55 -18.48
C GLU D 97 61.23 -19.64 -17.23
N PHE D 98 60.09 -19.47 -16.53
CA PHE D 98 59.98 -18.66 -15.30
C PHE D 98 60.85 -19.24 -14.17
N ARG D 99 60.76 -20.57 -13.94
N ARG D 99 60.76 -20.56 -13.92
CA ARG D 99 61.50 -21.35 -12.93
CA ARG D 99 61.51 -21.29 -12.89
C ARG D 99 63.03 -21.26 -13.14
C ARG D 99 63.04 -21.22 -13.13
N LYS D 100 63.48 -21.25 -14.41
CA LYS D 100 64.91 -21.16 -14.77
C LYS D 100 65.49 -19.78 -14.36
N ILE D 101 64.72 -18.70 -14.60
CA ILE D 101 65.09 -17.32 -14.24
C ILE D 101 65.12 -17.15 -12.71
N ALA D 102 64.07 -17.64 -12.03
CA ALA D 102 63.92 -17.59 -10.57
C ALA D 102 65.08 -18.28 -9.84
N ASN D 103 65.58 -19.40 -10.39
CA ASN D 103 66.66 -20.18 -9.78
C ASN D 103 68.05 -19.77 -10.26
N SER D 104 68.14 -18.87 -11.25
CA SER D 104 69.42 -18.40 -11.78
C SER D 104 70.14 -17.50 -10.77
N ASP D 105 71.49 -17.49 -10.84
CA ASP D 105 72.38 -16.72 -9.95
C ASP D 105 71.94 -15.27 -9.68
N LYS D 106 71.43 -14.58 -10.71
CA LYS D 106 70.99 -13.19 -10.62
C LYS D 106 69.72 -12.99 -9.78
N TYR D 107 68.76 -13.94 -9.82
CA TYR D 107 67.48 -13.80 -9.13
C TYR D 107 67.24 -14.79 -7.96
N CYS D 108 68.18 -15.70 -7.68
CA CYS D 108 68.04 -16.69 -6.60
C CYS D 108 67.99 -16.06 -5.19
N THR D 109 67.31 -16.75 -4.25
CA THR D 109 67.17 -16.37 -2.84
C THR D 109 68.57 -16.30 -2.22
N PRO D 110 68.94 -15.22 -1.49
CA PRO D 110 70.26 -15.21 -0.84
C PRO D 110 70.30 -16.11 0.40
N ARG D 111 71.50 -16.62 0.74
CA ARG D 111 71.72 -17.47 1.92
C ARG D 111 71.39 -16.69 3.19
N TYR D 112 70.74 -17.36 4.15
CA TYR D 112 70.33 -16.78 5.44
C TYR D 112 70.14 -17.86 6.51
N SER D 113 70.29 -17.47 7.78
CA SER D 113 70.11 -18.34 8.93
C SER D 113 68.65 -18.32 9.41
N GLU D 114 68.11 -17.12 9.78
CA GLU D 114 66.73 -16.93 10.26
C GLU D 114 65.96 -15.87 9.44
N PHE D 115 64.62 -15.80 9.62
CA PHE D 115 63.72 -14.87 8.91
C PHE D 115 64.10 -13.39 9.06
N GLU D 116 64.46 -12.95 10.29
CA GLU D 116 64.83 -11.56 10.58
C GLU D 116 65.93 -11.07 9.65
N GLU D 117 66.87 -11.97 9.27
CA GLU D 117 67.98 -11.72 8.34
C GLU D 117 67.43 -11.57 6.92
N LEU D 118 66.47 -12.42 6.50
CA LEU D 118 65.88 -12.34 5.16
C LEU D 118 64.99 -11.08 5.00
N GLU D 119 64.24 -10.72 6.06
CA GLU D 119 63.39 -9.53 6.10
C GLU D 119 64.30 -8.29 5.93
N ARG D 120 65.44 -8.24 6.67
CA ARG D 120 66.41 -7.13 6.59
C ARG D 120 66.96 -6.97 5.17
N LYS D 121 67.29 -8.08 4.47
CA LYS D 121 67.80 -8.10 3.09
C LYS D 121 66.77 -7.58 2.10
N TYR D 122 65.50 -7.97 2.27
CA TYR D 122 64.43 -7.51 1.41
C TYR D 122 64.30 -5.99 1.46
N TRP D 123 64.18 -5.41 2.66
CA TRP D 123 64.03 -3.96 2.81
C TRP D 123 65.29 -3.17 2.40
N LYS D 124 66.49 -3.81 2.45
CA LYS D 124 67.77 -3.23 2.05
C LYS D 124 67.98 -3.27 0.52
N ASN D 125 67.49 -4.34 -0.15
CA ASN D 125 67.71 -4.58 -1.58
C ASN D 125 66.49 -4.39 -2.49
N LEU D 126 65.35 -3.92 -1.94
CA LEU D 126 64.08 -3.68 -2.63
C LEU D 126 64.18 -2.96 -3.99
N THR D 127 65.04 -1.92 -4.08
CA THR D 127 65.17 -1.11 -5.30
C THR D 127 66.19 -1.66 -6.33
N PHE D 128 66.97 -2.73 -5.97
CA PHE D 128 68.00 -3.30 -6.85
C PHE D 128 67.53 -4.56 -7.58
N ASN D 129 68.15 -4.88 -8.74
N ASN D 129 68.16 -4.87 -8.75
CA ASN D 129 67.90 -6.05 -9.60
CA ASN D 129 67.90 -6.02 -9.63
C ASN D 129 66.38 -6.40 -9.70
C ASN D 129 66.38 -6.40 -9.70
N PRO D 130 65.56 -5.57 -10.41
CA PRO D 130 64.10 -5.82 -10.45
C PRO D 130 63.62 -7.21 -10.88
N PRO D 131 62.85 -7.90 -10.00
CA PRO D 131 62.41 -9.28 -10.32
C PRO D 131 61.17 -9.32 -11.21
N ILE D 132 60.82 -10.53 -11.69
CA ILE D 132 59.63 -10.77 -12.52
C ILE D 132 58.58 -11.56 -11.73
N TYR D 133 57.30 -11.10 -11.75
CA TYR D 133 56.17 -11.73 -11.05
C TYR D 133 55.19 -12.29 -12.09
N GLY D 134 54.90 -13.59 -12.02
CA GLY D 134 53.96 -14.26 -12.92
C GLY D 134 52.57 -14.16 -12.32
N ALA D 135 52.08 -12.91 -12.19
CA ALA D 135 50.83 -12.55 -11.52
C ALA D 135 49.58 -12.56 -12.40
N ASP D 136 48.41 -12.67 -11.75
CA ASP D 136 47.06 -12.58 -12.32
C ASP D 136 46.78 -13.57 -13.47
N VAL D 137 47.27 -14.82 -13.33
CA VAL D 137 47.02 -15.87 -14.33
C VAL D 137 45.63 -16.44 -14.03
N ASN D 138 44.70 -16.36 -14.99
CA ASN D 138 43.34 -16.90 -14.85
C ASN D 138 43.42 -18.43 -14.84
N GLY D 139 42.95 -19.02 -13.75
CA GLY D 139 42.94 -20.48 -13.63
C GLY D 139 42.98 -21.02 -12.22
N THR D 140 42.93 -22.36 -12.14
CA THR D 140 42.95 -23.13 -10.91
C THR D 140 43.87 -24.36 -10.98
N LEU D 141 44.41 -24.78 -9.83
CA LEU D 141 45.26 -25.99 -9.77
C LEU D 141 44.55 -27.11 -8.99
N TYR D 142 43.32 -26.83 -8.51
CA TYR D 142 42.49 -27.82 -7.81
C TYR D 142 41.89 -28.81 -8.80
N GLU D 143 41.71 -30.06 -8.37
CA GLU D 143 41.05 -31.08 -9.19
C GLU D 143 39.55 -30.77 -9.10
N LYS D 144 38.79 -31.10 -10.16
CA LYS D 144 37.37 -30.82 -10.26
C LYS D 144 36.52 -31.37 -9.10
N HIS D 145 36.80 -32.62 -8.66
CA HIS D 145 36.06 -33.35 -7.62
C HIS D 145 36.28 -32.86 -6.18
N VAL D 146 37.38 -32.12 -5.90
CA VAL D 146 37.71 -31.61 -4.55
C VAL D 146 36.59 -30.71 -4.03
N ASP D 147 35.82 -31.20 -3.03
CA ASP D 147 34.69 -30.48 -2.44
C ASP D 147 35.04 -29.56 -1.27
N GLU D 148 36.22 -29.73 -0.63
CA GLU D 148 36.62 -28.90 0.52
C GLU D 148 37.52 -27.73 0.14
N TRP D 149 37.11 -26.50 0.53
CA TRP D 149 37.81 -25.23 0.35
C TRP D 149 38.28 -24.98 -1.11
N ASN D 150 37.42 -25.37 -2.08
CA ASN D 150 37.69 -25.22 -3.50
C ASN D 150 37.51 -23.75 -3.90
N ILE D 151 38.64 -23.04 -4.10
CA ILE D 151 38.74 -21.63 -4.47
C ILE D 151 37.88 -21.29 -5.72
N GLY D 152 37.72 -22.26 -6.63
CA GLY D 152 36.91 -22.11 -7.85
C GLY D 152 35.41 -22.14 -7.63
N ARG D 153 34.94 -22.71 -6.48
CA ARG D 153 33.51 -22.84 -6.14
C ARG D 153 33.25 -22.83 -4.61
N LEU D 154 33.46 -21.67 -3.97
CA LEU D 154 33.27 -21.55 -2.52
C LEU D 154 31.81 -21.45 -2.08
N ARG D 155 30.92 -21.02 -3.01
CA ARG D 155 29.47 -20.92 -2.86
C ARG D 155 28.99 -20.01 -1.70
N THR D 156 29.59 -18.80 -1.57
CA THR D 156 29.20 -17.79 -0.58
C THR D 156 28.09 -16.90 -1.20
N ILE D 157 27.60 -15.88 -0.45
CA ILE D 157 26.57 -14.95 -0.92
C ILE D 157 27.09 -13.97 -2.01
N LEU D 158 28.42 -14.00 -2.32
CA LEU D 158 29.02 -13.18 -3.39
C LEU D 158 28.56 -13.66 -4.77
N ASP D 159 28.10 -14.92 -4.84
CA ASP D 159 27.56 -15.57 -6.05
C ASP D 159 26.33 -14.89 -6.66
N LEU D 160 25.73 -13.91 -5.94
CA LEU D 160 24.55 -13.16 -6.41
C LEU D 160 24.91 -12.15 -7.52
N VAL D 161 26.20 -11.82 -7.66
CA VAL D 161 26.74 -10.91 -8.68
C VAL D 161 26.61 -11.57 -10.07
N GLU D 162 27.11 -12.82 -10.22
CA GLU D 162 27.08 -13.59 -11.46
C GLU D 162 26.90 -15.07 -11.18
N ILE D 169 33.55 -10.74 -13.44
CA ILE D 169 34.65 -9.96 -12.88
C ILE D 169 35.85 -10.87 -12.50
N GLU D 170 36.92 -10.81 -13.32
CA GLU D 170 38.15 -11.60 -13.17
C GLU D 170 38.91 -11.31 -11.86
N GLY D 171 39.34 -12.39 -11.19
CA GLY D 171 40.07 -12.34 -9.93
C GLY D 171 39.24 -12.01 -8.69
N VAL D 172 37.93 -11.70 -8.88
CA VAL D 172 36.96 -11.36 -7.83
C VAL D 172 36.09 -12.60 -7.52
N ASN D 173 35.27 -13.06 -8.47
CA ASN D 173 34.49 -14.28 -8.27
C ASN D 173 35.11 -15.46 -9.06
N THR D 174 36.26 -15.22 -9.72
CA THR D 174 37.02 -16.20 -10.49
C THR D 174 38.42 -16.45 -9.86
N PRO D 175 38.98 -17.68 -9.91
CA PRO D 175 40.30 -17.90 -9.27
C PRO D 175 41.47 -17.34 -10.09
N TYR D 176 42.56 -17.00 -9.38
CA TYR D 176 43.79 -16.43 -9.95
C TYR D 176 45.02 -17.15 -9.42
N LEU D 177 46.02 -17.37 -10.29
CA LEU D 177 47.30 -17.98 -9.95
C LEU D 177 48.43 -16.94 -9.94
N TYR D 178 49.37 -17.08 -8.99
CA TYR D 178 50.51 -16.18 -8.82
C TYR D 178 51.79 -17.01 -8.71
N PHE D 179 52.70 -16.85 -9.67
CA PHE D 179 53.99 -17.52 -9.67
C PHE D 179 55.06 -16.52 -9.18
N GLY D 180 55.62 -16.78 -8.00
CA GLY D 180 56.60 -15.90 -7.38
C GLY D 180 58.04 -16.33 -7.49
N MET D 181 58.95 -15.38 -7.24
CA MET D 181 60.40 -15.55 -7.13
C MET D 181 60.86 -14.62 -6.00
N TRP D 182 62.13 -14.74 -5.57
CA TRP D 182 62.69 -13.92 -4.49
C TRP D 182 62.48 -12.42 -4.72
N LYS D 183 62.03 -11.71 -3.66
CA LYS D 183 61.88 -10.25 -3.64
C LYS D 183 60.65 -9.73 -4.43
N THR D 184 59.77 -10.62 -4.98
CA THR D 184 58.54 -10.16 -5.66
C THR D 184 57.59 -9.71 -4.55
N SER D 185 56.90 -8.59 -4.75
CA SER D 185 56.04 -8.02 -3.71
C SER D 185 54.62 -7.64 -4.04
N PHE D 186 53.80 -7.54 -2.98
CA PHE D 186 52.45 -7.03 -3.08
C PHE D 186 52.35 -5.82 -2.14
N ALA D 187 51.92 -4.68 -2.68
CA ALA D 187 51.81 -3.39 -1.96
C ALA D 187 50.65 -3.24 -0.98
N TRP D 188 50.72 -2.23 -0.10
CA TRP D 188 49.65 -1.99 0.88
C TRP D 188 48.30 -1.78 0.21
N HIS D 189 47.28 -2.60 0.57
CA HIS D 189 45.94 -2.49 -0.01
C HIS D 189 44.87 -3.26 0.79
N THR D 190 43.60 -2.95 0.53
CA THR D 190 42.42 -3.70 0.97
C THR D 190 41.90 -4.36 -0.34
N GLU D 191 40.94 -5.29 -0.23
CA GLU D 191 40.40 -5.95 -1.41
C GLU D 191 39.41 -5.04 -2.14
N ASP D 192 39.10 -5.34 -3.42
CA ASP D 192 38.11 -4.57 -4.18
C ASP D 192 36.78 -4.63 -3.42
N MET D 193 36.08 -3.48 -3.30
CA MET D 193 34.80 -3.31 -2.58
C MET D 193 34.92 -3.70 -1.07
N ASP D 194 36.18 -3.78 -0.54
CA ASP D 194 36.55 -4.15 0.84
C ASP D 194 35.99 -5.55 1.22
N LEU D 195 36.12 -6.52 0.29
CA LEU D 195 35.68 -7.90 0.42
C LEU D 195 36.71 -8.73 1.21
N TYR D 196 36.38 -10.01 1.50
CA TYR D 196 37.27 -10.98 2.14
C TYR D 196 38.07 -11.59 0.98
N SER D 197 39.18 -12.28 1.30
CA SER D 197 39.96 -13.06 0.33
C SER D 197 40.56 -14.33 0.97
N ILE D 198 40.83 -15.31 0.12
CA ILE D 198 41.41 -16.61 0.49
C ILE D 198 42.64 -16.84 -0.39
N ASN D 199 43.76 -17.27 0.21
CA ASN D 199 45.01 -17.50 -0.48
C ASN D 199 45.57 -18.85 -0.04
N TYR D 200 45.79 -19.77 -0.99
CA TYR D 200 46.39 -21.07 -0.72
C TYR D 200 47.75 -21.13 -1.41
N LEU D 201 48.80 -21.53 -0.67
CA LEU D 201 50.14 -21.69 -1.25
C LEU D 201 50.31 -23.15 -1.68
N HIS D 202 50.20 -23.42 -3.00
CA HIS D 202 50.28 -24.77 -3.58
C HIS D 202 51.63 -25.49 -3.34
N PHE D 203 52.77 -24.82 -3.62
CA PHE D 203 54.12 -25.38 -3.46
C PHE D 203 55.20 -24.27 -3.44
N GLY D 204 56.43 -24.67 -3.09
CA GLY D 204 57.60 -23.80 -3.14
C GLY D 204 57.98 -23.10 -1.86
N GLU D 205 58.78 -22.02 -2.00
CA GLU D 205 59.29 -21.21 -0.90
C GLU D 205 58.21 -20.36 -0.23
N PRO D 206 58.38 -19.99 1.06
CA PRO D 206 57.31 -19.24 1.75
C PRO D 206 56.97 -17.83 1.21
N LYS D 207 55.87 -17.27 1.76
CA LYS D 207 55.35 -15.94 1.48
C LYS D 207 55.18 -15.28 2.84
N SER D 208 55.76 -14.08 3.04
CA SER D 208 55.63 -13.34 4.31
C SER D 208 54.62 -12.21 4.17
N TRP D 209 53.85 -11.96 5.24
CA TRP D 209 52.76 -10.98 5.24
C TRP D 209 52.87 -9.97 6.37
N TYR D 210 52.30 -8.78 6.16
CA TYR D 210 52.15 -7.70 7.16
C TYR D 210 50.68 -7.31 7.13
N SER D 211 50.09 -7.03 8.31
N SER D 211 50.07 -7.05 8.30
CA SER D 211 48.69 -6.64 8.41
CA SER D 211 48.67 -6.63 8.38
C SER D 211 48.48 -5.47 9.38
C SER D 211 48.43 -5.52 9.39
N VAL D 212 47.48 -4.62 9.09
CA VAL D 212 47.08 -3.51 9.97
C VAL D 212 45.62 -3.82 10.40
N PRO D 213 45.29 -3.84 11.72
CA PRO D 213 43.90 -4.13 12.12
C PRO D 213 42.85 -3.19 11.48
N PRO D 214 41.68 -3.68 10.98
CA PRO D 214 40.67 -2.76 10.40
C PRO D 214 40.31 -1.54 11.26
N GLU D 215 40.40 -1.63 12.60
CA GLU D 215 40.07 -0.50 13.48
C GLU D 215 41.13 0.62 13.43
N HIS D 216 42.32 0.35 12.86
CA HIS D 216 43.41 1.32 12.69
C HIS D 216 43.68 1.68 11.22
N GLY D 217 42.83 1.20 10.30
CA GLY D 217 42.93 1.42 8.86
C GLY D 217 42.93 2.87 8.40
N LYS D 218 42.13 3.73 9.07
CA LYS D 218 42.03 5.17 8.78
C LYS D 218 43.34 5.89 9.11
N ARG D 219 44.10 5.37 10.11
CA ARG D 219 45.40 5.89 10.53
C ARG D 219 46.47 5.66 9.44
N LEU D 220 46.44 4.49 8.76
CA LEU D 220 47.38 4.18 7.67
C LEU D 220 47.13 5.10 6.48
N GLU D 221 45.83 5.27 6.10
CA GLU D 221 45.37 6.11 4.98
C GLU D 221 45.84 7.56 5.13
N ARG D 222 45.69 8.13 6.35
CA ARG D 222 46.11 9.50 6.68
C ARG D 222 47.63 9.63 6.57
N LEU D 223 48.37 8.64 7.12
CA LEU D 223 49.83 8.61 7.00
C LEU D 223 50.27 8.63 5.52
N ALA D 224 49.69 7.75 4.68
CA ALA D 224 50.03 7.64 3.25
C ALA D 224 49.75 8.92 2.48
N LYS D 225 48.63 9.59 2.77
CA LYS D 225 48.21 10.84 2.11
C LYS D 225 49.18 12.00 2.38
N GLY D 226 49.66 12.11 3.62
CA GLY D 226 50.63 13.12 4.04
C GLY D 226 52.01 12.90 3.44
N PHE D 227 52.34 11.64 3.09
CA PHE D 227 53.63 11.32 2.47
C PHE D 227 53.59 11.40 0.94
N PHE D 228 52.43 11.15 0.32
CA PHE D 228 52.24 11.24 -1.12
C PHE D 228 51.07 12.21 -1.43
N PRO D 229 51.25 13.55 -1.21
CA PRO D 229 50.14 14.50 -1.43
C PRO D 229 49.65 14.65 -2.88
N GLY D 230 50.56 14.46 -3.84
CA GLY D 230 50.27 14.55 -5.27
C GLY D 230 49.29 13.48 -5.73
N SER D 231 49.50 12.23 -5.25
CA SER D 231 48.65 11.07 -5.55
C SER D 231 47.26 11.21 -4.91
N ALA D 232 47.22 11.71 -3.65
CA ALA D 232 46.01 11.92 -2.86
C ALA D 232 45.11 13.02 -3.45
N GLN D 233 45.73 14.05 -4.06
CA GLN D 233 45.03 15.15 -4.73
C GLN D 233 44.45 14.67 -6.07
N SER D 234 45.18 13.79 -6.77
CA SER D 234 44.80 13.20 -8.05
C SER D 234 43.71 12.13 -7.91
N CYS D 235 43.83 11.24 -6.90
CA CYS D 235 42.88 10.15 -6.64
C CYS D 235 42.55 10.00 -5.16
N GLU D 236 41.26 9.88 -4.87
CA GLU D 236 40.65 9.73 -3.55
C GLU D 236 41.13 8.44 -2.85
N ALA D 237 41.25 7.34 -3.62
CA ALA D 237 41.65 6.05 -3.12
C ALA D 237 42.89 5.53 -3.87
N PHE D 238 44.00 6.32 -3.87
CA PHE D 238 45.25 6.01 -4.56
C PHE D 238 45.93 4.70 -4.09
N LEU D 239 45.68 4.24 -2.85
CA LEU D 239 46.27 2.99 -2.35
C LEU D 239 45.72 1.78 -3.14
N ARG D 240 44.52 1.93 -3.76
CA ARG D 240 43.85 0.92 -4.60
C ARG D 240 44.64 0.65 -5.90
N HIS D 241 45.62 1.54 -6.24
CA HIS D 241 46.51 1.38 -7.38
C HIS D 241 47.51 0.27 -7.12
N LYS D 242 47.71 -0.14 -5.84
CA LYS D 242 48.64 -1.18 -5.36
C LYS D 242 50.08 -0.88 -5.81
N MET D 243 50.56 0.35 -5.53
CA MET D 243 51.88 0.86 -5.90
C MET D 243 52.69 1.33 -4.69
N THR D 244 52.07 1.43 -3.50
CA THR D 244 52.74 1.98 -2.30
C THR D 244 53.30 0.93 -1.34
N LEU D 245 54.61 1.02 -1.07
CA LEU D 245 55.37 0.16 -0.16
C LEU D 245 55.87 0.99 1.02
N ILE D 246 55.62 0.51 2.27
CA ILE D 246 55.95 1.17 3.54
C ILE D 246 56.56 0.13 4.48
N SER D 247 57.80 0.37 4.93
CA SER D 247 58.53 -0.55 5.81
C SER D 247 57.98 -0.64 7.26
N PRO D 248 58.17 -1.81 7.96
CA PRO D 248 57.69 -1.90 9.36
C PRO D 248 58.31 -0.87 10.31
N LEU D 249 59.54 -0.39 10.03
CA LEU D 249 60.21 0.65 10.80
C LEU D 249 59.44 1.99 10.70
N MET D 250 58.91 2.32 9.50
CA MET D 250 58.10 3.53 9.25
C MET D 250 56.77 3.46 9.99
N LEU D 251 56.05 2.31 9.93
CA LEU D 251 54.78 2.13 10.64
C LEU D 251 54.97 2.33 12.16
N LYS D 252 56.08 1.78 12.73
CA LYS D 252 56.45 1.87 14.14
C LYS D 252 56.72 3.33 14.55
N LYS D 253 57.46 4.07 13.73
CA LYS D 253 57.82 5.47 13.95
C LYS D 253 56.57 6.38 14.09
N TYR D 254 55.51 6.06 13.31
CA TYR D 254 54.26 6.83 13.20
C TYR D 254 53.07 6.26 14.01
N GLY D 255 53.37 5.36 14.93
CA GLY D 255 52.39 4.74 15.84
C GLY D 255 51.32 3.91 15.17
N ILE D 256 51.60 3.27 14.01
CA ILE D 256 50.64 2.41 13.31
C ILE D 256 50.73 0.97 13.87
N PRO D 257 49.66 0.43 14.53
CA PRO D 257 49.74 -0.97 15.01
C PRO D 257 49.77 -1.97 13.84
N PHE D 258 50.62 -3.00 13.94
CA PHE D 258 50.75 -4.03 12.90
C PHE D 258 51.25 -5.37 13.45
N ASP D 259 51.04 -6.45 12.66
CA ASP D 259 51.56 -7.76 13.01
C ASP D 259 52.14 -8.37 11.74
N LYS D 260 52.94 -9.43 11.87
CA LYS D 260 53.53 -10.15 10.74
C LYS D 260 53.37 -11.65 10.92
N VAL D 261 53.42 -12.40 9.80
CA VAL D 261 53.29 -13.87 9.79
C VAL D 261 53.91 -14.43 8.49
N THR D 262 54.47 -15.64 8.56
CA THR D 262 55.03 -16.35 7.40
C THR D 262 54.11 -17.52 7.02
N GLN D 263 53.70 -17.58 5.74
CA GLN D 263 52.86 -18.63 5.17
C GLN D 263 53.76 -19.66 4.49
N GLU D 264 53.57 -20.94 4.81
CA GLU D 264 54.36 -22.04 4.23
C GLU D 264 53.53 -22.85 3.26
N ALA D 265 54.21 -23.64 2.39
CA ALA D 265 53.52 -24.45 1.39
C ALA D 265 52.51 -25.39 2.08
N GLY D 266 51.28 -25.36 1.59
CA GLY D 266 50.18 -26.17 2.11
C GLY D 266 49.29 -25.47 3.11
N GLU D 267 49.45 -24.15 3.28
CA GLU D 267 48.65 -23.40 4.25
C GLU D 267 47.75 -22.35 3.56
N PHE D 268 46.62 -21.99 4.21
CA PHE D 268 45.68 -20.95 3.76
C PHE D 268 45.87 -19.65 4.56
N MET D 269 45.68 -18.50 3.89
CA MET D 269 45.62 -17.18 4.55
C MET D 269 44.23 -16.58 4.21
N ILE D 270 43.54 -16.02 5.22
CA ILE D 270 42.24 -15.35 5.07
C ILE D 270 42.41 -13.86 5.41
N THR D 271 41.95 -12.96 4.51
CA THR D 271 41.94 -11.51 4.75
C THR D 271 40.49 -11.13 5.02
N PHE D 272 40.27 -10.14 5.90
CA PHE D 272 38.95 -9.71 6.33
C PHE D 272 38.59 -8.32 5.79
N PRO D 273 37.26 -7.95 5.74
CA PRO D 273 36.88 -6.62 5.22
C PRO D 273 37.60 -5.45 5.87
N TYR D 274 38.20 -4.57 5.03
CA TYR D 274 38.97 -3.37 5.43
C TYR D 274 40.26 -3.72 6.21
N GLY D 275 40.83 -4.89 5.90
CA GLY D 275 42.09 -5.35 6.47
C GLY D 275 43.24 -5.04 5.53
N TYR D 276 44.01 -3.97 5.82
CA TYR D 276 45.17 -3.59 4.99
C TYR D 276 46.29 -4.62 5.14
N HIS D 277 46.84 -5.11 4.01
CA HIS D 277 47.93 -6.09 4.01
C HIS D 277 48.98 -5.81 2.93
N ALA D 278 50.20 -6.31 3.14
CA ALA D 278 51.36 -6.19 2.21
C ALA D 278 52.31 -7.36 2.48
N GLY D 279 53.21 -7.65 1.55
CA GLY D 279 54.16 -8.73 1.75
C GLY D 279 55.09 -9.02 0.59
N PHE D 280 55.87 -10.12 0.71
CA PHE D 280 56.85 -10.55 -0.28
C PHE D 280 57.08 -12.06 -0.31
N ASN D 281 57.54 -12.60 -1.47
CA ASN D 281 57.88 -14.01 -1.66
C ASN D 281 59.37 -14.26 -1.38
N HIS D 282 59.68 -15.40 -0.72
CA HIS D 282 61.07 -15.80 -0.34
C HIS D 282 61.85 -16.41 -1.51
N GLY D 283 61.15 -17.01 -2.47
CA GLY D 283 61.75 -17.70 -3.61
C GLY D 283 60.69 -18.28 -4.53
N PHE D 284 61.08 -19.26 -5.38
CA PHE D 284 60.15 -19.88 -6.35
C PHE D 284 58.94 -20.53 -5.68
N ASN D 285 57.73 -20.10 -6.07
CA ASN D 285 56.48 -20.63 -5.51
C ASN D 285 55.24 -20.38 -6.38
N CYS D 286 54.09 -20.90 -5.94
CA CYS D 286 52.81 -20.76 -6.63
C CYS D 286 51.65 -20.67 -5.61
N ALA D 287 50.85 -19.60 -5.69
CA ALA D 287 49.68 -19.35 -4.85
C ALA D 287 48.40 -19.24 -5.70
N GLU D 288 47.25 -19.60 -5.10
CA GLU D 288 45.94 -19.47 -5.73
C GLU D 288 45.04 -18.59 -4.87
N SER D 289 44.28 -17.66 -5.47
CA SER D 289 43.40 -16.79 -4.68
C SER D 289 42.12 -16.32 -5.39
N THR D 290 41.12 -15.87 -4.59
CA THR D 290 39.82 -15.31 -4.99
C THR D 290 39.21 -14.48 -3.84
N ASN D 291 38.09 -13.78 -4.11
CA ASN D 291 37.39 -13.01 -3.08
C ASN D 291 36.11 -13.75 -2.72
N PHE D 292 35.57 -13.50 -1.53
CA PHE D 292 34.31 -14.07 -1.04
C PHE D 292 33.61 -13.09 -0.07
N ALA D 293 32.41 -13.41 0.38
CA ALA D 293 31.65 -12.54 1.28
C ALA D 293 30.81 -13.32 2.29
N THR D 294 30.39 -12.62 3.35
CA THR D 294 29.47 -13.10 4.40
C THR D 294 28.43 -11.98 4.56
N ARG D 295 27.45 -12.15 5.47
CA ARG D 295 26.43 -11.15 5.76
C ARG D 295 27.06 -9.84 6.26
N ARG D 296 28.14 -9.94 7.07
CA ARG D 296 28.90 -8.81 7.64
C ARG D 296 29.46 -7.86 6.56
N TRP D 297 29.89 -8.40 5.39
CA TRP D 297 30.47 -7.61 4.30
C TRP D 297 29.53 -6.54 3.69
N ILE D 298 28.22 -6.79 3.63
CA ILE D 298 27.25 -5.89 2.98
C ILE D 298 27.45 -4.40 3.37
N GLU D 299 27.57 -4.09 4.67
CA GLU D 299 27.79 -2.71 5.13
C GLU D 299 29.12 -2.11 4.66
N TYR D 300 30.17 -2.97 4.52
CA TYR D 300 31.49 -2.57 4.03
C TYR D 300 31.39 -2.19 2.55
N GLY D 301 30.65 -2.98 1.78
CA GLY D 301 30.43 -2.78 0.35
C GLY D 301 29.72 -1.48 -0.01
N LYS D 302 28.74 -1.07 0.84
CA LYS D 302 27.98 0.17 0.67
C LYS D 302 28.86 1.42 0.91
N GLN D 303 29.71 1.37 1.96
CA GLN D 303 30.56 2.48 2.42
C GLN D 303 31.97 2.56 1.80
N ALA D 304 32.37 1.58 0.95
CA ALA D 304 33.70 1.52 0.34
C ALA D 304 34.04 2.73 -0.55
N VAL D 305 35.23 3.32 -0.34
CA VAL D 305 35.73 4.46 -1.12
C VAL D 305 36.52 3.87 -2.30
N LEU D 306 36.10 4.21 -3.52
CA LEU D 306 36.68 3.66 -4.75
C LEU D 306 37.59 4.63 -5.52
N CYS D 307 38.41 4.06 -6.44
CA CYS D 307 39.30 4.77 -7.35
C CYS D 307 38.45 5.52 -8.39
N SER D 308 38.89 6.72 -8.79
CA SER D 308 38.15 7.55 -9.76
C SER D 308 38.97 7.98 -10.99
N CYS D 309 40.30 7.75 -10.99
CA CYS D 309 41.18 8.13 -12.07
C CYS D 309 41.31 7.06 -13.18
N ARG D 310 40.77 5.84 -12.94
CA ARG D 310 40.82 4.72 -13.88
C ARG D 310 39.44 4.18 -14.26
N LYS D 311 39.31 3.70 -15.52
CA LYS D 311 38.07 3.13 -16.09
C LYS D 311 38.04 1.60 -15.93
N ASP D 312 39.20 0.98 -15.65
CA ASP D 312 39.39 -0.46 -15.46
C ASP D 312 39.20 -0.91 -13.98
N MET D 313 38.67 -0.01 -13.12
CA MET D 313 38.43 -0.28 -11.69
C MET D 313 37.23 -1.20 -11.45
N VAL D 314 37.33 -2.09 -10.44
CA VAL D 314 36.27 -3.05 -10.08
C VAL D 314 35.17 -2.36 -9.27
N LYS D 315 33.95 -2.32 -9.83
CA LYS D 315 32.76 -1.72 -9.22
C LYS D 315 31.59 -2.70 -9.20
N ILE D 316 31.07 -3.00 -8.01
CA ILE D 316 29.96 -3.94 -7.82
C ILE D 316 28.73 -3.18 -7.29
N SER D 317 27.57 -3.33 -7.97
CA SER D 317 26.31 -2.71 -7.56
C SER D 317 25.78 -3.43 -6.33
N MET D 318 25.50 -2.67 -5.26
CA MET D 318 25.06 -3.19 -3.96
C MET D 318 23.56 -3.47 -3.85
N ASP D 319 22.74 -2.94 -4.79
CA ASP D 319 21.27 -3.04 -4.85
C ASP D 319 20.69 -4.42 -4.49
N VAL D 320 21.16 -5.50 -5.15
CA VAL D 320 20.71 -6.89 -4.95
C VAL D 320 20.94 -7.39 -3.50
N PHE D 321 22.09 -7.02 -2.87
CA PHE D 321 22.43 -7.42 -1.51
C PHE D 321 21.55 -6.70 -0.49
N VAL D 322 21.36 -5.39 -0.68
CA VAL D 322 20.52 -4.53 0.17
C VAL D 322 19.06 -5.01 0.10
N ARG D 323 18.58 -5.39 -1.09
CA ARG D 323 17.21 -5.89 -1.30
C ARG D 323 16.95 -7.22 -0.60
N LYS D 324 17.84 -8.21 -0.78
CA LYS D 324 17.69 -9.56 -0.24
C LYS D 324 18.02 -9.72 1.26
N PHE D 325 18.97 -8.92 1.81
CA PHE D 325 19.41 -9.09 3.20
C PHE D 325 19.01 -7.95 4.17
N GLN D 326 18.80 -6.71 3.66
CA GLN D 326 18.37 -5.57 4.48
C GLN D 326 17.10 -4.93 3.83
N PRO D 327 15.92 -5.63 3.81
CA PRO D 327 14.75 -5.07 3.12
C PRO D 327 14.24 -3.73 3.66
N GLU D 328 14.29 -3.54 4.99
CA GLU D 328 13.84 -2.33 5.70
C GLU D 328 14.65 -1.07 5.38
N ARG D 329 15.97 -1.21 5.11
CA ARG D 329 16.88 -0.10 4.84
C ARG D 329 16.91 0.38 3.39
N TYR D 330 16.38 -0.43 2.43
CA TYR D 330 16.36 -0.12 0.99
C TYR D 330 15.79 1.27 0.64
N LYS D 331 14.82 1.76 1.44
CA LYS D 331 14.22 3.07 1.24
C LYS D 331 15.20 4.19 1.64
N LEU D 332 15.74 4.13 2.87
CA LEU D 332 16.70 5.11 3.41
C LEU D 332 18.00 5.16 2.60
N TRP D 333 18.54 3.98 2.22
CA TRP D 333 19.77 3.83 1.44
C TRP D 333 19.73 4.52 0.08
N LYS D 334 18.61 4.35 -0.67
CA LYS D 334 18.39 4.97 -1.98
C LYS D 334 18.24 6.50 -1.88
N ALA D 335 17.69 6.99 -0.75
CA ALA D 335 17.49 8.41 -0.47
C ALA D 335 18.78 9.10 0.07
N GLY D 336 19.74 8.29 0.50
CA GLY D 336 21.01 8.76 1.08
C GLY D 336 20.91 9.02 2.57
N LYS D 337 19.82 8.54 3.20
CA LYS D 337 19.51 8.67 4.62
C LYS D 337 20.16 7.59 5.49
N ASP D 338 20.71 6.52 4.87
CA ASP D 338 21.39 5.43 5.59
C ASP D 338 22.71 5.95 6.15
N ASN D 339 22.82 6.01 7.49
CA ASN D 339 23.99 6.53 8.19
C ASN D 339 24.53 5.53 9.24
N THR D 340 24.57 4.23 8.86
CA THR D 340 25.05 3.15 9.74
C THR D 340 26.56 3.27 9.98
N VAL D 341 26.97 3.20 11.26
CA VAL D 341 28.39 3.27 11.66
C VAL D 341 28.88 1.83 11.89
N ILE D 342 29.98 1.46 11.21
CA ILE D 342 30.55 0.11 11.30
C ILE D 342 31.41 -0.07 12.57
N ASP D 343 31.12 -1.13 13.35
CA ASP D 343 31.87 -1.54 14.52
C ASP D 343 32.72 -2.74 14.05
N HIS D 344 34.03 -2.51 13.85
CA HIS D 344 34.98 -3.50 13.34
C HIS D 344 35.23 -4.69 14.30
N THR D 345 34.82 -4.58 15.58
CA THR D 345 35.01 -5.63 16.59
C THR D 345 33.94 -6.74 16.52
N LEU D 346 32.72 -6.41 16.06
CA LEU D 346 31.58 -7.32 16.00
C LEU D 346 31.74 -8.45 14.99
N PRO D 347 31.38 -9.71 15.37
CA PRO D 347 31.46 -10.82 14.40
C PRO D 347 30.23 -10.88 13.48
N THR D 348 30.30 -11.72 12.45
CA THR D 348 29.22 -11.93 11.48
C THR D 348 27.98 -12.59 12.15
N PRO D 349 26.71 -12.28 11.76
CA PRO D 349 25.54 -12.91 12.43
C PRO D 349 25.52 -14.45 12.48
N GLU D 350 26.07 -15.14 11.46
CA GLU D 350 26.17 -16.61 11.32
C GLU D 350 26.92 -17.30 12.51
N ALA D 351 27.76 -16.53 13.23
CA ALA D 351 28.55 -17.00 14.38
C ALA D 351 27.73 -17.22 15.67
N ALA D 352 26.43 -16.82 15.68
CA ALA D 352 25.49 -16.91 16.82
C ALA D 352 25.43 -18.28 17.52
N GLU D 353 25.51 -19.39 16.74
CA GLU D 353 25.49 -20.77 17.27
C GLU D 353 26.71 -21.07 18.16
N PHE D 354 27.85 -20.41 17.88
CA PHE D 354 29.10 -20.54 18.65
C PHE D 354 29.13 -19.50 19.78
N LEU D 355 28.14 -18.59 19.81
CA LEU D 355 27.98 -17.52 20.79
C LEU D 355 26.82 -17.83 21.74
ZN ZN E . 1.52 -4.05 -23.17
ZN ZN F . -2.62 11.82 -20.63
C5 FQN G . -2.37 -8.48 -20.59
C7 FQN G . 1.66 -2.77 -20.14
C8 FQN G . 1.04 -3.06 -18.91
C3 FQN G . -1.18 -6.32 -20.54
N1 FQN G . -3.02 -8.01 -19.49
C6 FQN G . -2.75 -6.80 -18.96
C11 FQN G . 0.43 -1.18 -17.32
C10 FQN G . 1.23 -2.46 -17.55
C9 FQN G . 0.20 -4.10 -19.19
C14 FQN G . 2.69 -2.22 -17.18
O FQN G . -2.56 -9.61 -20.99
C4 FQN G . -1.41 -7.55 -21.18
C FQN G . -0.78 -7.87 -22.37
N2 FQN G . -1.87 -5.94 -19.42
C2 FQN G . -0.25 -5.47 -21.19
N FQN G . 0.32 -5.74 -22.37
C1 FQN G . 0.05 -6.92 -22.93
N3 FQN G . 0.35 -4.40 -20.49
N4 FQN G . 1.25 -3.58 -21.10
C13 FQN G . 2.76 -1.75 -15.74
N5 FQN G . 2.00 -0.50 -15.54
C12 FQN G . 0.59 -0.74 -15.88
CL CL H . -4.28 -23.12 -10.01
S DMS I . 21.18 -19.19 -32.01
O DMS I . 22.53 -18.79 -32.41
C1 DMS I . 20.53 -17.76 -31.20
C2 DMS I . 20.24 -19.13 -33.50
S DMS J . -8.15 -20.89 -29.39
O DMS J . -7.78 -20.49 -30.76
C1 DMS J . -9.73 -21.69 -29.52
C2 DMS J . -7.12 -22.28 -29.02
ZN ZN K . -11.55 3.01 28.26
ZN ZN L . -15.02 -13.24 30.14
C5 FQN M . -15.32 7.05 31.58
C7 FQN M . -14.42 1.73 27.17
C8 FQN M . -15.78 1.94 27.43
C3 FQN M . -14.94 5.00 30.28
N1 FQN M . -16.49 6.50 31.86
C6 FQN M . -16.88 5.29 31.40
C11 FQN M . -16.89 1.58 25.18
C10 FQN M . -16.99 1.44 26.70
C9 FQN M . -15.77 2.88 28.43
C14 FQN M . -17.42 0.02 27.04
O FQN M . -15.04 8.17 31.95
C4 FQN M . -14.45 6.23 30.75
C FQN M . -13.15 6.63 30.48
N2 FQN M . -16.18 4.53 30.61
C2 FQN M . -14.02 4.25 29.50
N FQN M . -12.75 4.59 29.28
C1 FQN M . -12.34 5.77 29.76
N3 FQN M . -14.50 3.22 28.66
N4 FQN M . -13.63 2.50 27.89
C13 FQN M . -18.77 -0.25 26.37
N5 FQN M . -18.71 -0.07 24.91
C12 FQN M . -18.25 1.28 24.58
C15 FQN M . -20.02 -0.34 24.28
C16 FQN M . -20.14 -1.73 23.64
C17 FQN M . -21.63 -1.93 23.49
C18 FQN M . -22.29 -1.04 24.50
C19 FQN M . -21.17 -0.42 25.28
S DMS N . -10.17 5.60 5.39
O DMS N . -9.26 6.28 6.31
C1 DMS N . -10.11 3.90 5.84
C2 DMS N . -11.81 5.96 5.98
ZN ZN O . -35.79 9.79 -3.65
ZN ZN P . -28.22 -4.56 0.24
C5 FQN Q . -32.65 13.39 -7.91
C7 FQN Q . -32.92 9.92 -1.89
C8 FQN Q . -31.61 10.32 -2.20
C3 FQN Q . -32.73 11.86 -5.99
N1 FQN Q . -31.34 13.17 -7.88
C6 FQN Q . -30.74 12.36 -6.98
C11 FQN Q . -30.72 10.66 0.15
C10 FQN Q . -30.40 10.41 -1.31
C9 FQN Q . -31.68 10.77 -3.48
C14 FQN Q . -29.43 9.23 -1.43
O FQN Q . -33.14 14.21 -8.68
C4 FQN Q . -33.43 12.67 -6.91
C FQN Q . -34.81 12.73 -6.90
N2 FQN Q . -31.37 11.71 -6.03
C2 FQN Q . -33.55 11.20 -5.04
N FQN Q . -34.89 11.20 -5.05
C1 FQN Q . -35.48 11.97 -5.96
N3 FQN Q . -32.97 10.67 -3.87
N4 FQN Q . -33.75 10.12 -2.90
C13 FQN Q . -28.18 9.54 -0.62
N5 FQN Q . -28.51 9.78 0.80
C12 FQN Q . -29.42 10.91 0.91
CL CL R . -25.59 29.50 -12.94
ZN ZN S . 45.00 -8.63 -1.30
ZN ZN T . 42.68 6.06 -8.74
C5 FQN U . 49.99 -12.04 -3.40
C7 FQN U . 44.16 -8.49 -4.71
C8 FQN U . 44.80 -8.88 -5.90
C3 FQN U . 48.13 -10.47 -3.78
N1 FQN U . 50.34 -11.74 -4.66
C6 FQN U . 49.64 -10.88 -5.43
C11 FQN U . 42.76 -9.23 -7.35
C10 FQN U . 44.24 -8.94 -7.30
C9 FQN U . 46.01 -9.37 -5.46
C14 FQN U . 44.55 -7.70 -8.14
O FQN U . 50.57 -12.91 -2.77
C4 FQN U . 48.82 -11.33 -2.91
C FQN U . 48.40 -11.47 -1.59
N2 FQN U . 48.56 -10.25 -5.06
C2 FQN U . 47.00 -9.84 -3.24
N FQN U . 46.61 -9.93 -1.97
C1 FQN U . 47.32 -10.74 -1.18
N3 FQN U . 46.03 -9.29 -4.12
N4 FQN U . 44.88 -8.73 -3.63
C13 FQN U . 44.06 -7.94 -9.55
N5 FQN U . 42.62 -8.22 -9.60
C12 FQN U . 42.32 -9.41 -8.79
C15 FQN U . 42.10 -8.36 -10.97
C16 FQN U . 43.22 -8.47 -12.00
C17 FQN U . 42.52 -8.23 -13.31
C18 FQN U . 41.40 -7.29 -12.99
C19 FQN U . 41.43 -7.09 -11.50
CL CL V . 57.50 -28.23 -7.85
S DMS W . 53.52 12.69 7.67
O DMS W . 53.71 13.73 6.64
C1 DMS W . 53.24 13.57 9.18
C2 DMS W . 51.88 12.07 7.40
S DMS X . 60.69 -18.15 7.32
O DMS X . 60.21 -17.65 8.62
C1 DMS X . 62.45 -18.37 7.49
C2 DMS X . 60.19 -19.84 7.27
S DMS Y . 55.42 -6.01 -24.46
O DMS Y . 56.32 -6.94 -23.76
C1 DMS Y . 53.87 -6.16 -23.60
C2 DMS Y . 55.89 -4.40 -23.91
#